data_7AEP
#
_entry.id   7AEP
#
_entity_poly.entity_id   1
_entity_poly.type   'polypeptide(L)'
_entity_poly.pdbx_seq_one_letter_code
;MPGQPPYMPPPGMIPPPGLAPGQIPPGAMPPQQLMPGQMPPAQPLSENPPNHILFLTNLPEETNELMLSMLFNQFPGFKE
VRLVPGRHDIAFVEFDNEVQAGAARDALQGFKITQNNAMKISFAKK
;
_entity_poly.pdbx_strand_id   A
#
# COMPACT_ATOMS: atom_id res chain seq x y z
N LEU A 34 -10.49 -20.81 18.89
CA LEU A 34 -10.41 -19.33 18.96
C LEU A 34 -9.57 -18.80 17.80
N MET A 35 -9.70 -17.49 17.51
CA MET A 35 -8.95 -16.84 16.44
C MET A 35 -7.47 -16.76 16.80
N PRO A 36 -6.58 -16.72 15.78
CA PRO A 36 -5.14 -16.62 15.97
C PRO A 36 -4.72 -15.24 16.48
N GLY A 37 -5.66 -14.31 16.68
CA GLY A 37 -5.34 -12.98 17.18
C GLY A 37 -4.73 -12.14 16.06
N GLN A 38 -3.68 -11.38 16.40
CA GLN A 38 -2.95 -10.53 15.47
C GLN A 38 -2.11 -11.37 14.50
N MET A 39 -2.78 -12.19 13.68
CA MET A 39 -2.16 -13.08 12.74
C MET A 39 -1.34 -12.29 11.70
N PRO A 40 -0.15 -12.77 11.33
CA PRO A 40 0.69 -12.11 10.34
C PRO A 40 0.03 -12.16 8.96
N PRO A 41 0.39 -11.21 8.08
CA PRO A 41 -0.14 -11.12 6.73
C PRO A 41 0.31 -12.29 5.85
N ALA A 42 -0.53 -12.68 4.90
CA ALA A 42 -0.21 -13.73 3.94
C ALA A 42 0.62 -13.16 2.79
N GLN A 43 1.19 -14.04 1.96
CA GLN A 43 1.95 -13.62 0.79
C GLN A 43 1.00 -13.16 -0.32
N PRO A 44 1.47 -12.30 -1.23
CA PRO A 44 0.70 -11.84 -2.38
C PRO A 44 0.50 -12.97 -3.39
N LEU A 45 0.04 -12.63 -4.60
CA LEU A 45 -0.26 -13.59 -5.66
C LEU A 45 1.00 -14.31 -6.15
N SER A 46 2.17 -13.97 -5.60
CA SER A 46 3.45 -14.59 -5.93
C SER A 46 4.28 -14.75 -4.66
N GLU A 47 5.30 -15.62 -4.69
CA GLU A 47 6.14 -15.84 -3.52
C GLU A 47 6.90 -14.56 -3.17
N ASN A 48 6.65 -14.01 -1.98
CA ASN A 48 7.29 -12.79 -1.52
C ASN A 48 7.12 -12.66 0.00
N PRO A 49 8.16 -12.21 0.72
CA PRO A 49 8.07 -11.93 2.15
C PRO A 49 7.26 -10.66 2.38
N PRO A 50 6.07 -10.75 2.99
CA PRO A 50 5.22 -9.60 3.25
C PRO A 50 5.72 -8.82 4.47
N ASN A 51 5.22 -7.61 4.64
CA ASN A 51 5.58 -6.76 5.77
C ASN A 51 4.47 -5.75 6.07
N HIS A 52 4.71 -4.92 7.08
CA HIS A 52 3.80 -3.91 7.59
C HIS A 52 3.49 -2.80 6.57
N ILE A 53 3.95 -2.92 5.32
CA ILE A 53 3.74 -1.86 4.34
C ILE A 53 3.37 -2.48 2.99
N LEU A 54 2.56 -1.76 2.23
CA LEU A 54 2.12 -2.15 0.90
C LEU A 54 2.93 -1.41 -0.16
N PHE A 55 3.16 -2.07 -1.30
CA PHE A 55 3.77 -1.47 -2.47
C PHE A 55 2.66 -0.95 -3.36
N LEU A 56 2.63 0.36 -3.57
CA LEU A 56 1.68 0.98 -4.49
C LEU A 56 2.32 1.06 -5.87
N THR A 57 1.47 1.03 -6.89
CA THR A 57 1.91 0.99 -8.28
C THR A 57 0.94 1.78 -9.13
N ASN A 58 1.33 2.15 -10.34
CA ASN A 58 0.45 2.82 -11.28
C ASN A 58 -0.07 4.16 -10.76
N LEU A 59 0.67 4.81 -9.85
CA LEU A 59 0.32 6.12 -9.31
C LEU A 59 0.49 7.22 -10.38
N PRO A 60 -0.17 8.36 -10.19
CA PRO A 60 -0.12 9.48 -11.13
C PRO A 60 1.27 10.13 -11.17
N GLU A 61 1.50 10.98 -12.16
CA GLU A 61 2.79 11.66 -12.34
C GLU A 61 2.97 12.83 -11.36
N GLU A 62 1.94 13.16 -10.58
CA GLU A 62 1.98 14.28 -9.65
C GLU A 62 1.78 13.85 -8.20
N THR A 63 2.04 12.58 -7.90
CA THR A 63 1.79 12.06 -6.55
C THR A 63 2.77 12.68 -5.54
N ASN A 64 2.32 12.82 -4.30
CA ASN A 64 3.15 13.27 -3.19
C ASN A 64 2.56 12.77 -1.86
N GLU A 65 3.33 12.89 -0.78
CA GLU A 65 2.97 12.29 0.49
C GLU A 65 1.69 12.90 1.06
N LEU A 66 1.43 14.17 0.76
CA LEU A 66 0.26 14.85 1.28
C LEU A 66 -1.02 14.25 0.68
N MET A 67 -1.03 13.96 -0.62
CA MET A 67 -2.22 13.42 -1.27
C MET A 67 -2.38 11.95 -0.92
N LEU A 68 -1.28 11.21 -0.94
CA LEU A 68 -1.30 9.78 -0.68
C LEU A 68 -1.80 9.55 0.75
N SER A 69 -1.40 10.43 1.66
CA SER A 69 -1.82 10.34 3.05
C SER A 69 -3.32 10.54 3.17
N MET A 70 -3.92 11.47 2.42
CA MET A 70 -5.36 11.73 2.53
C MET A 70 -6.18 10.53 2.10
N LEU A 71 -5.75 9.86 1.03
CA LEU A 71 -6.51 8.75 0.46
C LEU A 71 -6.36 7.46 1.28
N PHE A 72 -5.41 7.45 2.22
CA PHE A 72 -5.31 6.39 3.22
C PHE A 72 -5.79 6.84 4.60
N ASN A 73 -5.77 8.13 4.90
CA ASN A 73 -6.23 8.63 6.20
C ASN A 73 -7.75 8.54 6.30
N GLN A 74 -8.44 8.46 5.16
CA GLN A 74 -9.89 8.34 5.14
C GLN A 74 -10.34 6.90 5.42
N PHE A 75 -9.40 5.96 5.50
CA PHE A 75 -9.69 4.56 5.76
C PHE A 75 -9.77 4.30 7.26
N PRO A 76 -10.43 3.19 7.66
CA PRO A 76 -10.62 2.79 9.04
C PRO A 76 -9.31 2.39 9.74
N GLY A 77 -8.17 2.72 9.14
CA GLY A 77 -6.86 2.44 9.70
C GLY A 77 -5.79 3.18 8.91
N PHE A 78 -4.94 3.94 9.60
CA PHE A 78 -3.82 4.65 8.98
C PHE A 78 -2.73 4.91 10.01
N LYS A 79 -1.46 4.69 9.63
CA LYS A 79 -0.33 4.93 10.50
C LYS A 79 0.67 5.89 9.87
N GLU A 80 1.27 5.53 8.73
CA GLU A 80 2.26 6.36 8.06
C GLU A 80 2.32 6.06 6.56
N VAL A 81 3.11 6.86 5.83
CA VAL A 81 3.34 6.73 4.39
C VAL A 81 4.84 6.75 4.13
N ARG A 82 5.26 6.13 3.03
CA ARG A 82 6.66 6.02 2.67
C ARG A 82 6.82 6.27 1.16
N LEU A 83 7.67 7.24 0.79
CA LEU A 83 7.95 7.54 -0.60
C LEU A 83 9.36 7.10 -0.99
N VAL A 84 9.59 6.96 -2.30
CA VAL A 84 10.86 6.56 -2.87
C VAL A 84 11.28 7.57 -3.94
N PRO A 85 12.53 8.03 -3.94
CA PRO A 85 13.04 9.01 -4.88
C PRO A 85 13.20 8.42 -6.28
N GLY A 86 13.27 9.28 -7.29
CA GLY A 86 13.43 8.85 -8.68
C GLY A 86 12.17 8.16 -9.22
N ARG A 87 11.05 8.26 -8.49
CA ARG A 87 9.81 7.59 -8.82
C ARG A 87 8.60 8.49 -8.58
N HIS A 88 7.47 8.11 -9.18
CA HIS A 88 6.18 8.78 -9.01
C HIS A 88 5.05 7.79 -9.22
N ASP A 89 5.32 6.69 -9.91
CA ASP A 89 4.31 5.68 -10.25
C ASP A 89 4.24 4.60 -9.18
N ILE A 90 5.10 4.68 -8.15
CA ILE A 90 5.13 3.72 -7.06
C ILE A 90 5.37 4.44 -5.74
N ALA A 91 4.90 3.83 -4.65
CA ALA A 91 5.02 4.37 -3.29
C ALA A 91 4.79 3.26 -2.28
N PHE A 92 4.80 3.59 -0.99
CA PHE A 92 4.57 2.64 0.07
C PHE A 92 3.70 3.27 1.16
N VAL A 93 2.86 2.48 1.85
CA VAL A 93 1.97 3.00 2.88
C VAL A 93 1.70 1.98 3.98
N GLU A 94 1.64 2.45 5.22
CA GLU A 94 1.31 1.62 6.38
C GLU A 94 -0.07 1.97 6.90
N PHE A 95 -0.81 0.93 7.25
CA PHE A 95 -2.16 1.05 7.76
C PHE A 95 -2.09 1.07 9.28
N ASP A 96 -3.24 1.03 9.98
CA ASP A 96 -3.29 1.14 11.44
C ASP A 96 -2.19 0.32 12.12
N ASN A 97 -1.92 -0.89 11.62
CA ASN A 97 -0.82 -1.71 12.11
C ASN A 97 -0.37 -2.69 11.02
N GLU A 98 0.68 -3.47 11.31
CA GLU A 98 1.29 -4.36 10.32
C GLU A 98 0.30 -5.39 9.79
N VAL A 99 -0.76 -5.71 10.55
CA VAL A 99 -1.76 -6.68 10.12
C VAL A 99 -2.71 -6.06 9.10
N GLN A 100 -3.27 -4.91 9.45
CA GLN A 100 -4.36 -4.31 8.70
C GLN A 100 -3.93 -3.69 7.38
N ALA A 101 -2.63 -3.57 7.06
CA ALA A 101 -2.27 -3.11 5.74
C ALA A 101 -2.73 -4.13 4.69
N GLY A 102 -2.72 -5.42 5.03
CA GLY A 102 -3.17 -6.44 4.09
C GLY A 102 -4.65 -6.27 3.77
N ALA A 103 -5.42 -5.72 4.72
CA ALA A 103 -6.84 -5.50 4.52
C ALA A 103 -7.05 -4.36 3.52
N ALA A 104 -6.17 -3.36 3.57
CA ALA A 104 -6.27 -2.21 2.69
C ALA A 104 -5.84 -2.57 1.27
N ARG A 105 -5.06 -3.64 1.13
CA ARG A 105 -4.61 -4.12 -0.17
C ARG A 105 -5.82 -4.40 -1.06
N ASP A 106 -6.66 -5.33 -0.63
CA ASP A 106 -7.87 -5.68 -1.35
C ASP A 106 -8.86 -4.52 -1.37
N ALA A 107 -8.75 -3.57 -0.43
CA ALA A 107 -9.70 -2.48 -0.31
C ALA A 107 -9.43 -1.31 -1.28
N LEU A 108 -8.19 -1.12 -1.70
CA LEU A 108 -7.82 0.02 -2.53
C LEU A 108 -7.31 -0.42 -3.90
N GLN A 109 -7.38 -1.71 -4.21
CA GLN A 109 -6.95 -2.27 -5.47
C GLN A 109 -7.41 -1.42 -6.67
N GLY A 110 -6.46 -0.70 -7.29
CA GLY A 110 -6.70 0.11 -8.48
C GLY A 110 -7.43 1.42 -8.19
N PHE A 111 -6.98 2.21 -7.21
CA PHE A 111 -7.61 3.50 -6.90
C PHE A 111 -7.52 4.42 -8.11
N LYS A 112 -8.66 4.76 -8.72
CA LYS A 112 -8.72 5.66 -9.87
C LYS A 112 -8.40 7.10 -9.46
N ILE A 113 -7.15 7.34 -9.04
CA ILE A 113 -6.72 8.66 -8.58
C ILE A 113 -6.83 9.68 -9.71
N THR A 114 -6.69 9.24 -10.97
CA THR A 114 -6.97 10.07 -12.13
C THR A 114 -7.28 9.18 -13.34
N GLN A 115 -7.59 9.78 -14.48
CA GLN A 115 -8.09 9.06 -15.65
C GLN A 115 -7.06 8.11 -16.27
N ASN A 116 -5.77 8.31 -16.01
CA ASN A 116 -4.71 7.52 -16.62
C ASN A 116 -3.96 6.66 -15.60
N ASN A 117 -4.38 6.67 -14.33
CA ASN A 117 -3.63 6.01 -13.26
C ASN A 117 -4.56 5.38 -12.23
N ALA A 118 -4.32 4.11 -11.90
CA ALA A 118 -5.11 3.39 -10.92
C ALA A 118 -4.20 2.71 -9.90
N MET A 119 -4.11 3.28 -8.68
CA MET A 119 -3.19 2.79 -7.66
C MET A 119 -3.37 1.30 -7.39
N LYS A 120 -2.44 0.48 -7.86
CA LYS A 120 -2.45 -0.94 -7.53
C LYS A 120 -1.94 -1.09 -6.10
N ILE A 121 -2.45 -2.07 -5.36
CA ILE A 121 -1.98 -2.37 -4.02
C ILE A 121 -1.43 -3.79 -3.99
N SER A 122 -0.28 -3.98 -3.34
CA SER A 122 0.34 -5.29 -3.22
C SER A 122 1.22 -5.31 -1.97
N PHE A 123 1.62 -6.50 -1.50
CA PHE A 123 2.54 -6.59 -0.40
C PHE A 123 3.95 -6.21 -0.89
N ALA A 124 4.60 -5.31 -0.15
CA ALA A 124 5.97 -4.95 -0.41
C ALA A 124 6.88 -6.06 0.09
N LYS A 125 8.21 -5.91 -0.07
CA LYS A 125 9.16 -6.83 0.50
C LYS A 125 10.11 -6.11 1.46
N LYS A 126 10.35 -6.73 2.61
CA LYS A 126 11.24 -6.18 3.62
C LYS A 126 12.70 -6.36 3.23
N LEU A 34 1.12 -30.52 11.66
CA LEU A 34 0.92 -29.40 12.61
C LEU A 34 1.31 -28.08 11.96
N MET A 35 0.51 -27.03 12.18
CA MET A 35 0.77 -25.71 11.62
C MET A 35 2.04 -25.12 12.24
N PRO A 36 2.95 -24.57 11.42
CA PRO A 36 4.20 -24.00 11.88
C PRO A 36 3.98 -22.67 12.60
N GLY A 37 4.93 -22.28 13.44
CA GLY A 37 4.89 -21.02 14.18
C GLY A 37 5.72 -19.95 13.48
N GLN A 38 5.75 -18.76 14.07
CA GLN A 38 6.53 -17.62 13.58
C GLN A 38 6.22 -17.28 12.12
N MET A 39 5.00 -17.57 11.66
CA MET A 39 4.59 -17.30 10.29
C MET A 39 4.57 -15.80 10.01
N PRO A 40 4.78 -15.40 8.74
CA PRO A 40 4.75 -14.01 8.32
C PRO A 40 3.33 -13.44 8.44
N PRO A 41 3.19 -12.11 8.41
CA PRO A 41 1.92 -11.40 8.60
C PRO A 41 0.82 -11.75 7.59
N ALA A 42 1.17 -12.48 6.54
CA ALA A 42 0.23 -12.88 5.49
C ALA A 42 0.78 -14.04 4.67
N GLN A 43 -0.02 -14.50 3.70
CA GLN A 43 0.32 -15.63 2.85
C GLN A 43 -0.08 -15.35 1.40
N PRO A 44 0.44 -14.28 0.78
CA PRO A 44 0.12 -13.89 -0.57
C PRO A 44 0.71 -14.87 -1.60
N LEU A 45 0.21 -14.80 -2.84
CA LEU A 45 0.70 -15.63 -3.93
C LEU A 45 2.06 -15.12 -4.44
N SER A 46 2.40 -13.88 -4.11
CA SER A 46 3.67 -13.27 -4.51
C SER A 46 4.84 -13.99 -3.85
N GLU A 47 6.00 -14.01 -4.52
CA GLU A 47 7.21 -14.63 -3.98
C GLU A 47 7.88 -13.70 -2.96
N ASN A 48 7.32 -12.51 -2.75
CA ASN A 48 7.84 -11.57 -1.77
C ASN A 48 7.30 -11.90 -0.37
N PRO A 49 8.13 -11.75 0.67
CA PRO A 49 7.69 -11.87 2.04
C PRO A 49 6.89 -10.61 2.39
N PRO A 50 5.68 -10.76 2.93
CA PRO A 50 4.82 -9.63 3.28
C PRO A 50 5.36 -8.90 4.51
N ASN A 51 4.93 -7.64 4.67
CA ASN A 51 5.36 -6.80 5.78
C ASN A 51 4.30 -5.74 6.10
N HIS A 52 4.59 -4.92 7.10
CA HIS A 52 3.71 -3.89 7.62
C HIS A 52 3.42 -2.77 6.62
N ILE A 53 3.87 -2.90 5.36
CA ILE A 53 3.68 -1.84 4.39
C ILE A 53 3.34 -2.45 3.03
N LEU A 54 2.48 -1.76 2.29
CA LEU A 54 2.07 -2.16 0.95
C LEU A 54 2.92 -1.41 -0.08
N PHE A 55 3.16 -2.05 -1.22
CA PHE A 55 3.78 -1.43 -2.39
C PHE A 55 2.67 -0.96 -3.32
N LEU A 56 2.57 0.35 -3.50
CA LEU A 56 1.62 0.93 -4.42
C LEU A 56 2.25 0.99 -5.80
N THR A 57 1.42 0.93 -6.83
CA THR A 57 1.88 0.87 -8.21
C THR A 57 0.90 1.65 -9.09
N ASN A 58 1.33 2.04 -10.28
CA ASN A 58 0.48 2.74 -11.25
C ASN A 58 0.00 4.10 -10.74
N LEU A 59 0.70 4.70 -9.77
CA LEU A 59 0.35 6.02 -9.23
C LEU A 59 0.53 7.11 -10.29
N PRO A 60 -0.13 8.27 -10.12
CA PRO A 60 -0.07 9.39 -11.05
C PRO A 60 1.31 10.03 -11.08
N GLU A 61 1.56 10.87 -12.10
CA GLU A 61 2.84 11.55 -12.27
C GLU A 61 2.99 12.74 -11.32
N GLU A 62 1.97 13.05 -10.52
CA GLU A 62 1.99 14.17 -9.59
C GLU A 62 1.83 13.74 -8.14
N THR A 63 2.08 12.46 -7.83
CA THR A 63 1.85 11.95 -6.50
C THR A 63 2.83 12.55 -5.49
N ASN A 64 2.39 12.69 -4.24
CA ASN A 64 3.23 13.14 -3.14
C ASN A 64 2.64 12.64 -1.82
N GLU A 65 3.41 12.73 -0.75
CA GLU A 65 3.07 12.13 0.53
C GLU A 65 1.81 12.76 1.12
N LEU A 66 1.55 14.03 0.79
CA LEU A 66 0.39 14.74 1.30
C LEU A 66 -0.89 14.13 0.74
N MET A 67 -0.94 13.87 -0.58
CA MET A 67 -2.12 13.35 -1.22
C MET A 67 -2.31 11.88 -0.86
N LEU A 68 -1.21 11.12 -0.88
CA LEU A 68 -1.27 9.69 -0.62
C LEU A 68 -1.77 9.46 0.81
N SER A 69 -1.34 10.34 1.72
CA SER A 69 -1.77 10.29 3.11
C SER A 69 -3.28 10.50 3.22
N MET A 70 -3.86 11.43 2.46
CA MET A 70 -5.29 11.70 2.58
C MET A 70 -6.13 10.51 2.14
N LEU A 71 -5.70 9.82 1.07
CA LEU A 71 -6.47 8.74 0.50
C LEU A 71 -6.35 7.45 1.31
N PHE A 72 -5.42 7.43 2.26
CA PHE A 72 -5.32 6.36 3.26
C PHE A 72 -5.81 6.81 4.64
N ASN A 73 -5.74 8.09 4.96
CA ASN A 73 -6.17 8.59 6.25
C ASN A 73 -7.69 8.52 6.38
N GLN A 74 -8.40 8.47 5.25
CA GLN A 74 -9.86 8.37 5.23
C GLN A 74 -10.32 6.94 5.49
N PHE A 75 -9.39 5.97 5.50
CA PHE A 75 -9.74 4.57 5.71
C PHE A 75 -9.84 4.23 7.20
N PRO A 76 -10.47 3.10 7.54
CA PRO A 76 -10.69 2.62 8.89
C PRO A 76 -9.41 2.33 9.68
N GLY A 77 -8.25 2.67 9.11
CA GLY A 77 -6.97 2.44 9.75
C GLY A 77 -5.85 3.14 8.97
N PHE A 78 -5.01 3.89 9.68
CA PHE A 78 -3.87 4.56 9.07
C PHE A 78 -2.78 4.84 10.12
N LYS A 79 -1.52 4.65 9.73
CA LYS A 79 -0.38 4.99 10.58
C LYS A 79 0.53 5.98 9.86
N GLU A 80 1.13 5.56 8.74
CA GLU A 80 2.14 6.39 8.08
C GLU A 80 2.29 6.04 6.60
N VAL A 81 3.12 6.81 5.90
CA VAL A 81 3.37 6.67 4.47
C VAL A 81 4.86 6.75 4.21
N ARG A 82 5.32 6.12 3.11
CA ARG A 82 6.71 6.17 2.71
C ARG A 82 6.81 6.31 1.19
N LEU A 83 7.75 7.15 0.73
CA LEU A 83 7.98 7.37 -0.69
C LEU A 83 9.36 6.87 -1.11
N VAL A 84 9.54 6.65 -2.41
CA VAL A 84 10.80 6.19 -2.96
C VAL A 84 11.26 7.14 -4.06
N PRO A 85 12.53 7.56 -4.05
CA PRO A 85 13.08 8.51 -5.01
C PRO A 85 13.26 7.89 -6.39
N GLY A 86 13.33 8.73 -7.42
CA GLY A 86 13.56 8.31 -8.79
C GLY A 86 12.31 7.76 -9.47
N ARG A 87 11.18 7.72 -8.75
CA ARG A 87 9.92 7.20 -9.28
C ARG A 87 8.75 8.09 -8.87
N HIS A 88 7.58 7.83 -9.46
CA HIS A 88 6.35 8.54 -9.15
C HIS A 88 5.15 7.60 -9.26
N ASP A 89 5.32 6.50 -9.99
CA ASP A 89 4.27 5.51 -10.23
C ASP A 89 4.20 4.50 -9.09
N ILE A 90 5.08 4.61 -8.08
CA ILE A 90 5.10 3.70 -6.95
C ILE A 90 5.33 4.44 -5.64
N ALA A 91 4.91 3.82 -4.53
CA ALA A 91 5.08 4.33 -3.19
C ALA A 91 4.80 3.22 -2.18
N PHE A 92 4.80 3.55 -0.89
CA PHE A 92 4.52 2.59 0.17
C PHE A 92 3.64 3.23 1.24
N VAL A 93 2.80 2.44 1.92
CA VAL A 93 1.90 2.97 2.95
C VAL A 93 1.62 1.95 4.05
N GLU A 94 1.56 2.42 5.29
CA GLU A 94 1.19 1.60 6.44
C GLU A 94 -0.21 1.96 6.92
N PHE A 95 -0.97 0.91 7.22
CA PHE A 95 -2.31 1.04 7.75
C PHE A 95 -2.21 1.10 9.27
N ASP A 96 -3.35 1.04 9.99
CA ASP A 96 -3.37 1.17 11.44
C ASP A 96 -2.25 0.36 12.12
N ASN A 97 -1.97 -0.84 11.61
CA ASN A 97 -0.86 -1.64 12.08
C ASN A 97 -0.43 -2.63 11.00
N GLU A 98 0.62 -3.41 11.28
CA GLU A 98 1.22 -4.31 10.31
C GLU A 98 0.24 -5.37 9.77
N VAL A 99 -0.83 -5.64 10.50
CA VAL A 99 -1.84 -6.62 10.10
C VAL A 99 -2.80 -6.04 9.08
N GLN A 100 -3.37 -4.88 9.43
CA GLN A 100 -4.47 -4.30 8.67
C GLN A 100 -4.04 -3.68 7.34
N ALA A 101 -2.74 -3.59 7.03
CA ALA A 101 -2.37 -3.13 5.70
C ALA A 101 -2.80 -4.17 4.66
N GLY A 102 -2.82 -5.45 5.02
CA GLY A 102 -3.25 -6.48 4.08
C GLY A 102 -4.74 -6.33 3.76
N ALA A 103 -5.51 -5.76 4.69
CA ALA A 103 -6.93 -5.54 4.48
C ALA A 103 -7.13 -4.39 3.50
N ALA A 104 -6.23 -3.40 3.56
CA ALA A 104 -6.31 -2.24 2.70
C ALA A 104 -5.88 -2.58 1.28
N ARG A 105 -5.08 -3.64 1.12
CA ARG A 105 -4.64 -4.10 -0.19
C ARG A 105 -5.87 -4.39 -1.05
N ASP A 106 -6.72 -5.31 -0.58
CA ASP A 106 -7.91 -5.69 -1.30
C ASP A 106 -8.89 -4.52 -1.39
N ALA A 107 -8.78 -3.56 -0.47
CA ALA A 107 -9.72 -2.46 -0.36
C ALA A 107 -9.45 -1.31 -1.33
N LEU A 108 -8.19 -1.11 -1.72
CA LEU A 108 -7.83 0.03 -2.55
C LEU A 108 -7.32 -0.41 -3.92
N GLN A 109 -7.39 -1.70 -4.22
CA GLN A 109 -6.98 -2.25 -5.51
C GLN A 109 -7.50 -1.42 -6.69
N GLY A 110 -6.59 -0.67 -7.34
CA GLY A 110 -6.88 0.12 -8.53
C GLY A 110 -7.57 1.45 -8.22
N PHE A 111 -7.09 2.22 -7.23
CA PHE A 111 -7.67 3.52 -6.90
C PHE A 111 -7.55 4.44 -8.12
N LYS A 112 -8.70 4.82 -8.70
CA LYS A 112 -8.76 5.75 -9.83
C LYS A 112 -8.41 7.17 -9.40
N ILE A 113 -7.16 7.39 -8.98
CA ILE A 113 -6.69 8.68 -8.51
C ILE A 113 -6.79 9.72 -9.63
N THR A 114 -6.67 9.28 -10.89
CA THR A 114 -6.93 10.13 -12.05
C THR A 114 -7.23 9.24 -13.25
N GLN A 115 -7.51 9.85 -14.40
CA GLN A 115 -8.01 9.14 -15.58
C GLN A 115 -7.00 8.17 -16.20
N ASN A 116 -5.71 8.33 -15.91
CA ASN A 116 -4.66 7.51 -16.51
C ASN A 116 -3.96 6.62 -15.48
N ASN A 117 -4.41 6.61 -14.22
CA ASN A 117 -3.68 5.94 -13.15
C ASN A 117 -4.63 5.27 -12.16
N ALA A 118 -4.33 4.01 -11.83
CA ALA A 118 -5.12 3.21 -10.90
C ALA A 118 -4.21 2.58 -9.85
N MET A 119 -4.15 3.16 -8.65
CA MET A 119 -3.24 2.70 -7.60
C MET A 119 -3.44 1.20 -7.34
N LYS A 120 -2.52 0.38 -7.83
CA LYS A 120 -2.56 -1.05 -7.57
C LYS A 120 -1.83 -1.37 -6.27
N ILE A 121 -2.49 -2.10 -5.39
CA ILE A 121 -1.96 -2.41 -4.06
C ILE A 121 -1.38 -3.82 -4.04
N SER A 122 -0.20 -3.99 -3.42
CA SER A 122 0.45 -5.28 -3.29
C SER A 122 1.29 -5.28 -2.02
N PHE A 123 1.68 -6.46 -1.53
CA PHE A 123 2.61 -6.53 -0.41
C PHE A 123 3.99 -6.12 -0.91
N ALA A 124 4.65 -5.23 -0.17
CA ALA A 124 5.99 -4.79 -0.49
C ALA A 124 7.00 -5.90 -0.21
N LYS A 125 8.25 -5.71 -0.65
CA LYS A 125 9.32 -6.66 -0.43
C LYS A 125 10.24 -6.11 0.67
N LYS A 126 10.14 -6.68 1.87
CA LYS A 126 10.93 -6.26 3.02
C LYS A 126 12.43 -6.50 2.77
N LEU A 34 -7.01 -20.70 21.63
CA LEU A 34 -6.83 -20.89 20.17
C LEU A 34 -5.59 -20.16 19.67
N MET A 35 -5.60 -18.83 19.72
CA MET A 35 -4.49 -18.00 19.27
C MET A 35 -4.49 -16.67 20.02
N PRO A 36 -3.32 -16.03 20.15
CA PRO A 36 -3.17 -14.76 20.85
C PRO A 36 -3.73 -13.59 20.04
N GLY A 37 -4.02 -13.82 18.75
CA GLY A 37 -4.55 -12.80 17.87
C GLY A 37 -3.49 -11.77 17.50
N GLN A 38 -3.85 -10.82 16.63
CA GLN A 38 -2.96 -9.77 16.14
C GLN A 38 -1.67 -10.34 15.53
N MET A 39 -1.67 -11.61 15.12
CA MET A 39 -0.51 -12.26 14.55
C MET A 39 -0.22 -11.70 13.15
N PRO A 40 1.03 -11.80 12.68
CA PRO A 40 1.44 -11.30 11.37
C PRO A 40 0.61 -11.90 10.24
N PRO A 41 0.51 -11.21 9.09
CA PRO A 41 -0.25 -11.64 7.95
C PRO A 41 0.36 -12.89 7.32
N ALA A 42 -0.49 -13.72 6.69
CA ALA A 42 -0.05 -14.91 5.98
C ALA A 42 0.57 -14.51 4.64
N GLN A 43 1.36 -15.42 4.04
CA GLN A 43 2.01 -15.14 2.77
C GLN A 43 0.98 -15.03 1.65
N PRO A 44 1.11 -14.04 0.77
CA PRO A 44 0.23 -13.82 -0.37
C PRO A 44 0.55 -14.80 -1.49
N LEU A 45 -0.25 -14.75 -2.57
CA LEU A 45 0.01 -15.56 -3.75
C LEU A 45 1.22 -15.02 -4.51
N SER A 46 1.66 -13.80 -4.17
CA SER A 46 2.84 -13.18 -4.75
C SER A 46 4.11 -13.85 -4.20
N GLU A 47 5.20 -13.76 -4.95
CA GLU A 47 6.49 -14.33 -4.54
C GLU A 47 7.15 -13.48 -3.45
N ASN A 48 6.51 -12.37 -3.05
CA ASN A 48 7.04 -11.51 -2.00
C ASN A 48 6.60 -11.99 -0.62
N PRO A 49 7.48 -11.91 0.38
CA PRO A 49 7.14 -12.12 1.78
C PRO A 49 6.39 -10.87 2.25
N PRO A 50 5.30 -11.02 3.03
CA PRO A 50 4.51 -9.89 3.47
C PRO A 50 5.21 -9.13 4.59
N ASN A 51 4.84 -7.85 4.75
CA ASN A 51 5.31 -6.99 5.82
C ASN A 51 4.26 -5.93 6.14
N HIS A 52 4.58 -5.08 7.12
CA HIS A 52 3.72 -4.03 7.64
C HIS A 52 3.38 -2.94 6.62
N ILE A 53 3.80 -3.09 5.35
CA ILE A 53 3.59 -2.04 4.36
C ILE A 53 3.23 -2.66 3.01
N LEU A 54 2.45 -1.93 2.23
CA LEU A 54 2.04 -2.31 0.89
C LEU A 54 2.87 -1.56 -0.14
N PHE A 55 3.09 -2.19 -1.30
CA PHE A 55 3.71 -1.57 -2.44
C PHE A 55 2.63 -1.02 -3.35
N LEU A 56 2.66 0.29 -3.59
CA LEU A 56 1.75 0.94 -4.51
C LEU A 56 2.41 1.01 -5.88
N THR A 57 1.58 1.01 -6.93
CA THR A 57 2.05 0.99 -8.30
C THR A 57 1.05 1.75 -9.16
N ASN A 58 1.43 2.15 -10.38
CA ASN A 58 0.53 2.81 -11.30
C ASN A 58 0.01 4.15 -10.77
N LEU A 59 0.74 4.79 -9.85
CA LEU A 59 0.40 6.09 -9.29
C LEU A 59 0.56 7.19 -10.35
N PRO A 60 -0.11 8.34 -10.16
CA PRO A 60 -0.08 9.47 -11.08
C PRO A 60 1.29 10.15 -11.13
N GLU A 61 1.50 11.01 -12.12
CA GLU A 61 2.77 11.70 -12.30
C GLU A 61 2.94 12.87 -11.33
N GLU A 62 1.93 13.16 -10.50
CA GLU A 62 1.96 14.26 -9.54
C GLU A 62 1.83 13.78 -8.09
N THR A 63 2.08 12.50 -7.84
CA THR A 63 1.87 11.94 -6.50
C THR A 63 2.85 12.53 -5.50
N ASN A 64 2.40 12.68 -4.25
CA ASN A 64 3.22 13.13 -3.14
C ASN A 64 2.61 12.65 -1.82
N GLU A 65 3.37 12.76 -0.73
CA GLU A 65 2.98 12.19 0.55
C GLU A 65 1.71 12.83 1.08
N LEU A 66 1.46 14.09 0.73
CA LEU A 66 0.28 14.79 1.21
C LEU A 66 -0.99 14.15 0.64
N MET A 67 -1.00 13.86 -0.67
CA MET A 67 -2.17 13.30 -1.31
C MET A 67 -2.33 11.83 -0.94
N LEU A 68 -1.21 11.10 -0.96
CA LEU A 68 -1.24 9.66 -0.69
C LEU A 68 -1.74 9.41 0.73
N SER A 69 -1.32 10.28 1.65
CA SER A 69 -1.75 10.18 3.03
C SER A 69 -3.25 10.39 3.15
N MET A 70 -3.84 11.33 2.40
CA MET A 70 -5.26 11.60 2.52
C MET A 70 -6.11 10.41 2.07
N LEU A 71 -5.68 9.73 1.01
CA LEU A 71 -6.45 8.65 0.42
C LEU A 71 -6.32 7.36 1.23
N PHE A 72 -5.37 7.32 2.17
CA PHE A 72 -5.27 6.25 3.15
C PHE A 72 -5.77 6.67 4.54
N ASN A 73 -5.70 7.97 4.86
CA ASN A 73 -6.15 8.45 6.16
C ASN A 73 -7.68 8.40 6.26
N GLN A 74 -8.37 8.37 5.12
CA GLN A 74 -9.82 8.30 5.10
C GLN A 74 -10.31 6.86 5.35
N PHE A 75 -9.40 5.89 5.37
CA PHE A 75 -9.75 4.50 5.59
C PHE A 75 -9.87 4.17 7.08
N PRO A 76 -10.51 3.04 7.42
CA PRO A 76 -10.72 2.57 8.78
C PRO A 76 -9.43 2.29 9.55
N GLY A 77 -8.28 2.62 8.98
CA GLY A 77 -6.99 2.39 9.60
C GLY A 77 -5.89 3.10 8.81
N PHE A 78 -5.01 3.83 9.52
CA PHE A 78 -3.88 4.49 8.90
C PHE A 78 -2.77 4.73 9.93
N LYS A 79 -1.52 4.50 9.54
CA LYS A 79 -0.37 4.73 10.41
C LYS A 79 0.63 5.70 9.79
N GLU A 80 1.23 5.32 8.66
CA GLU A 80 2.29 6.10 8.02
C GLU A 80 2.35 5.85 6.52
N VAL A 81 3.19 6.64 5.84
CA VAL A 81 3.44 6.55 4.40
C VAL A 81 4.96 6.64 4.18
N ARG A 82 5.47 5.97 3.14
CA ARG A 82 6.90 5.97 2.85
C ARG A 82 7.12 6.14 1.35
N LEU A 83 7.81 7.21 0.97
CA LEU A 83 8.09 7.51 -0.43
C LEU A 83 9.49 7.08 -0.83
N VAL A 84 9.72 6.97 -2.14
CA VAL A 84 11.00 6.56 -2.72
C VAL A 84 11.44 7.61 -3.74
N PRO A 85 12.73 7.97 -3.77
CA PRO A 85 13.25 8.98 -4.68
C PRO A 85 13.35 8.46 -6.11
N GLY A 86 13.37 9.38 -7.08
CA GLY A 86 13.57 9.05 -8.48
C GLY A 86 12.35 8.44 -9.17
N ARG A 87 11.17 8.48 -8.54
CA ARG A 87 9.96 7.88 -9.09
C ARG A 87 8.72 8.72 -8.84
N HIS A 88 7.57 8.23 -9.30
CA HIS A 88 6.27 8.86 -9.08
C HIS A 88 5.14 7.84 -9.21
N ASP A 89 5.41 6.72 -9.89
CA ASP A 89 4.42 5.70 -10.20
C ASP A 89 4.34 4.63 -9.12
N ILE A 90 5.19 4.70 -8.09
CA ILE A 90 5.20 3.72 -7.00
C ILE A 90 5.38 4.43 -5.66
N ALA A 91 4.93 3.76 -4.58
CA ALA A 91 5.06 4.26 -3.23
C ALA A 91 4.84 3.13 -2.24
N PHE A 92 4.85 3.44 -0.94
CA PHE A 92 4.60 2.48 0.12
C PHE A 92 3.75 3.12 1.20
N VAL A 93 2.87 2.34 1.85
CA VAL A 93 1.95 2.87 2.87
C VAL A 93 1.64 1.83 3.94
N GLU A 94 1.61 2.29 5.20
CA GLU A 94 1.23 1.46 6.33
C GLU A 94 -0.16 1.82 6.82
N PHE A 95 -0.93 0.78 7.12
CA PHE A 95 -2.28 0.92 7.62
C PHE A 95 -2.22 0.99 9.15
N ASP A 96 -3.36 0.96 9.85
CA ASP A 96 -3.41 1.10 11.30
C ASP A 96 -2.28 0.36 12.01
N ASN A 97 -1.97 -0.86 11.54
CA ASN A 97 -0.82 -1.62 12.04
C ASN A 97 -0.37 -2.63 11.00
N GLU A 98 0.67 -3.40 11.31
CA GLU A 98 1.28 -4.32 10.36
C GLU A 98 0.29 -5.37 9.84
N VAL A 99 -0.79 -5.64 10.58
CA VAL A 99 -1.77 -6.64 10.19
C VAL A 99 -2.76 -6.10 9.16
N GLN A 100 -3.34 -4.94 9.45
CA GLN A 100 -4.45 -4.41 8.68
C GLN A 100 -4.03 -3.82 7.33
N ALA A 101 -2.73 -3.72 7.00
CA ALA A 101 -2.39 -3.28 5.67
C ALA A 101 -2.84 -4.33 4.64
N GLY A 102 -2.84 -5.61 5.00
CA GLY A 102 -3.28 -6.63 4.06
C GLY A 102 -4.75 -6.45 3.70
N ALA A 103 -5.54 -5.88 4.63
CA ALA A 103 -6.95 -5.65 4.40
C ALA A 103 -7.14 -4.50 3.41
N ALA A 104 -6.25 -3.50 3.50
CA ALA A 104 -6.33 -2.33 2.64
C ALA A 104 -5.88 -2.66 1.22
N ARG A 105 -5.08 -3.72 1.06
CA ARG A 105 -4.63 -4.15 -0.25
C ARG A 105 -5.83 -4.44 -1.13
N ASP A 106 -6.66 -5.38 -0.67
CA ASP A 106 -7.86 -5.79 -1.40
C ASP A 106 -8.87 -4.64 -1.47
N ALA A 107 -8.77 -3.67 -0.55
CA ALA A 107 -9.74 -2.59 -0.45
C ALA A 107 -9.46 -1.43 -1.40
N LEU A 108 -8.19 -1.22 -1.78
CA LEU A 108 -7.80 -0.07 -2.61
C LEU A 108 -7.28 -0.49 -3.98
N GLN A 109 -7.35 -1.79 -4.29
CA GLN A 109 -6.93 -2.33 -5.57
C GLN A 109 -7.44 -1.48 -6.75
N GLY A 110 -6.53 -0.73 -7.38
CA GLY A 110 -6.82 0.09 -8.54
C GLY A 110 -7.51 1.41 -8.20
N PHE A 111 -6.99 2.19 -7.24
CA PHE A 111 -7.59 3.48 -6.89
C PHE A 111 -7.53 4.40 -8.10
N LYS A 112 -8.70 4.78 -8.64
CA LYS A 112 -8.80 5.69 -9.78
C LYS A 112 -8.40 7.11 -9.39
N ILE A 113 -7.13 7.33 -9.05
CA ILE A 113 -6.69 8.63 -8.59
C ILE A 113 -6.78 9.66 -9.73
N THR A 114 -6.63 9.20 -10.97
CA THR A 114 -6.89 10.03 -12.14
C THR A 114 -7.18 9.12 -13.34
N GLN A 115 -7.66 9.69 -14.44
CA GLN A 115 -8.13 8.92 -15.58
C GLN A 115 -7.03 8.12 -16.28
N ASN A 116 -5.75 8.40 -16.00
CA ASN A 116 -4.65 7.72 -16.64
C ASN A 116 -3.91 6.80 -15.67
N ASN A 117 -4.32 6.80 -14.39
CA ASN A 117 -3.57 6.11 -13.34
C ASN A 117 -4.51 5.49 -12.30
N ALA A 118 -4.28 4.21 -11.99
CA ALA A 118 -5.09 3.46 -11.03
C ALA A 118 -4.18 2.75 -10.04
N MET A 119 -4.06 3.26 -8.80
CA MET A 119 -3.14 2.72 -7.81
C MET A 119 -3.36 1.23 -7.57
N LYS A 120 -2.46 0.37 -8.06
CA LYS A 120 -2.50 -1.03 -7.69
C LYS A 120 -1.92 -1.19 -6.29
N ILE A 121 -2.45 -2.13 -5.51
CA ILE A 121 -1.94 -2.44 -4.18
C ILE A 121 -1.37 -3.85 -4.16
N SER A 122 -0.22 -4.05 -3.52
CA SER A 122 0.42 -5.35 -3.40
C SER A 122 1.24 -5.39 -2.12
N PHE A 123 1.67 -6.59 -1.70
CA PHE A 123 2.58 -6.69 -0.57
C PHE A 123 3.98 -6.32 -1.02
N ALA A 124 4.61 -5.38 -0.30
CA ALA A 124 5.97 -4.96 -0.59
C ALA A 124 6.94 -6.06 -0.17
N LYS A 125 8.21 -5.96 -0.61
CA LYS A 125 9.25 -6.86 -0.17
C LYS A 125 10.11 -6.15 0.87
N LYS A 126 10.19 -6.73 2.08
CA LYS A 126 10.99 -6.19 3.17
C LYS A 126 12.48 -6.39 2.93
N LEU A 34 -1.89 -26.27 -0.25
CA LEU A 34 -1.13 -25.21 -0.93
C LEU A 34 -0.58 -24.23 0.10
N MET A 35 0.43 -23.45 -0.29
CA MET A 35 1.08 -22.45 0.56
C MET A 35 1.48 -23.04 1.92
N PRO A 36 2.47 -23.95 1.92
CA PRO A 36 2.97 -24.59 3.12
C PRO A 36 3.71 -23.60 4.02
N GLY A 37 4.03 -24.02 5.26
CA GLY A 37 4.77 -23.18 6.19
C GLY A 37 6.22 -22.96 5.76
N GLN A 38 6.64 -23.67 4.71
CA GLN A 38 7.96 -23.45 4.09
C GLN A 38 7.93 -22.18 3.24
N MET A 39 6.81 -21.46 3.26
CA MET A 39 6.61 -20.24 2.49
C MET A 39 5.99 -19.16 3.38
N PRO A 40 6.18 -17.88 3.04
CA PRO A 40 5.68 -16.75 3.81
C PRO A 40 4.14 -16.68 3.79
N PRO A 41 3.54 -15.88 4.67
CA PRO A 41 2.09 -15.71 4.81
C PRO A 41 1.37 -15.13 3.60
N ALA A 42 2.07 -15.03 2.46
CA ALA A 42 1.54 -14.44 1.25
C ALA A 42 0.45 -15.34 0.64
N GLN A 43 -0.39 -14.75 -0.20
CA GLN A 43 -1.43 -15.49 -0.91
C GLN A 43 -0.79 -16.39 -1.97
N PRO A 44 -1.46 -17.47 -2.39
CA PRO A 44 -0.96 -18.42 -3.36
C PRO A 44 -0.59 -17.79 -4.70
N LEU A 45 -1.01 -16.54 -4.93
CA LEU A 45 -0.72 -15.81 -6.16
C LEU A 45 0.74 -15.32 -6.19
N SER A 46 1.45 -15.40 -5.06
CA SER A 46 2.81 -14.89 -4.95
C SER A 46 3.61 -15.65 -3.90
N GLU A 47 4.92 -15.38 -3.82
CA GLU A 47 5.82 -15.98 -2.85
C GLU A 47 6.67 -14.90 -2.17
N ASN A 48 6.36 -13.63 -2.42
CA ASN A 48 7.08 -12.51 -1.83
C ASN A 48 6.81 -12.42 -0.33
N PRO A 49 7.83 -12.10 0.48
CA PRO A 49 7.68 -11.94 1.91
C PRO A 49 6.89 -10.67 2.22
N PRO A 50 5.74 -10.77 2.91
CA PRO A 50 4.91 -9.64 3.28
C PRO A 50 5.51 -8.86 4.45
N ASN A 51 5.05 -7.63 4.64
CA ASN A 51 5.46 -6.79 5.76
C ASN A 51 4.40 -5.76 6.08
N HIS A 52 4.68 -4.93 7.08
CA HIS A 52 3.79 -3.90 7.62
C HIS A 52 3.46 -2.80 6.62
N ILE A 53 3.89 -2.92 5.37
CA ILE A 53 3.68 -1.86 4.39
C ILE A 53 3.34 -2.47 3.03
N LEU A 54 2.53 -1.74 2.26
CA LEU A 54 2.15 -2.14 0.92
C LEU A 54 2.97 -1.38 -0.12
N PHE A 55 3.19 -2.00 -1.27
CA PHE A 55 3.81 -1.39 -2.43
C PHE A 55 2.71 -0.90 -3.35
N LEU A 56 2.59 0.42 -3.50
CA LEU A 56 1.65 1.00 -4.42
C LEU A 56 2.29 1.07 -5.80
N THR A 57 1.47 1.02 -6.84
CA THR A 57 1.95 0.96 -8.21
C THR A 57 0.97 1.72 -9.10
N ASN A 58 1.41 2.10 -10.30
CA ASN A 58 0.57 2.77 -11.28
C ASN A 58 0.06 4.13 -10.80
N LEU A 59 0.74 4.75 -9.82
CA LEU A 59 0.37 6.07 -9.28
C LEU A 59 0.53 7.16 -10.35
N PRO A 60 -0.15 8.31 -10.18
CA PRO A 60 -0.12 9.42 -11.11
C PRO A 60 1.24 10.10 -11.15
N GLU A 61 1.45 10.98 -12.13
CA GLU A 61 2.74 11.65 -12.32
C GLU A 61 2.97 12.79 -11.34
N GLU A 62 1.98 13.17 -10.54
CA GLU A 62 2.10 14.28 -9.59
C GLU A 62 1.89 13.84 -8.14
N THR A 63 2.03 12.54 -7.86
CA THR A 63 1.78 12.02 -6.52
C THR A 63 2.78 12.61 -5.52
N ASN A 64 2.34 12.76 -4.26
CA ASN A 64 3.19 13.23 -3.17
C ASN A 64 2.64 12.72 -1.84
N GLU A 65 3.43 12.85 -0.78
CA GLU A 65 3.13 12.22 0.50
C GLU A 65 1.85 12.78 1.11
N LEU A 66 1.52 14.03 0.79
CA LEU A 66 0.35 14.69 1.34
C LEU A 66 -0.93 14.11 0.75
N MET A 67 -0.96 13.86 -0.56
CA MET A 67 -2.16 13.34 -1.21
C MET A 67 -2.34 11.87 -0.87
N LEU A 68 -1.24 11.12 -0.89
CA LEU A 68 -1.28 9.70 -0.62
C LEU A 68 -1.78 9.47 0.81
N SER A 69 -1.36 10.35 1.71
CA SER A 69 -1.78 10.28 3.09
C SER A 69 -3.29 10.49 3.22
N MET A 70 -3.89 11.41 2.45
CA MET A 70 -5.32 11.68 2.56
C MET A 70 -6.15 10.49 2.12
N LEU A 71 -5.72 9.81 1.06
CA LEU A 71 -6.48 8.71 0.48
C LEU A 71 -6.35 7.43 1.31
N PHE A 72 -5.42 7.42 2.26
CA PHE A 72 -5.33 6.36 3.27
C PHE A 72 -5.85 6.82 4.64
N ASN A 73 -5.79 8.11 4.95
CA ASN A 73 -6.25 8.62 6.23
C ASN A 73 -7.77 8.53 6.34
N GLN A 74 -8.46 8.44 5.21
CA GLN A 74 -9.90 8.31 5.18
C GLN A 74 -10.35 6.87 5.44
N PHE A 75 -9.41 5.93 5.47
CA PHE A 75 -9.73 4.52 5.70
C PHE A 75 -9.84 4.19 7.18
N PRO A 76 -10.46 3.05 7.52
CA PRO A 76 -10.66 2.57 8.89
C PRO A 76 -9.37 2.32 9.65
N GLY A 77 -8.22 2.66 9.09
CA GLY A 77 -6.93 2.46 9.70
C GLY A 77 -5.82 3.16 8.92
N PHE A 78 -5.01 3.96 9.59
CA PHE A 78 -3.87 4.63 8.98
C PHE A 78 -2.82 4.97 10.03
N LYS A 79 -1.54 4.75 9.72
CA LYS A 79 -0.44 5.14 10.60
C LYS A 79 0.56 6.07 9.92
N GLU A 80 1.10 5.66 8.76
CA GLU A 80 2.14 6.43 8.11
C GLU A 80 2.26 6.12 6.61
N VAL A 81 3.11 6.89 5.91
CA VAL A 81 3.35 6.77 4.48
C VAL A 81 4.86 6.77 4.22
N ARG A 82 5.27 6.16 3.11
CA ARG A 82 6.67 6.00 2.76
C ARG A 82 6.85 6.18 1.25
N LEU A 83 7.62 7.20 0.84
CA LEU A 83 7.90 7.44 -0.57
C LEU A 83 9.30 6.95 -0.94
N VAL A 84 9.53 6.76 -2.25
CA VAL A 84 10.83 6.36 -2.77
C VAL A 84 11.21 7.31 -3.92
N PRO A 85 12.33 8.05 -3.78
CA PRO A 85 12.81 8.98 -4.79
C PRO A 85 13.09 8.33 -6.14
N GLY A 86 13.15 9.15 -7.20
CA GLY A 86 13.46 8.70 -8.55
C GLY A 86 12.25 8.08 -9.25
N ARG A 87 11.10 8.02 -8.58
CA ARG A 87 9.88 7.45 -9.14
C ARG A 87 8.67 8.30 -8.78
N HIS A 88 7.53 8.00 -9.41
CA HIS A 88 6.25 8.68 -9.14
C HIS A 88 5.09 7.70 -9.25
N ASP A 89 5.30 6.60 -9.99
CA ASP A 89 4.29 5.58 -10.23
C ASP A 89 4.24 4.57 -9.09
N ILE A 90 5.08 4.72 -8.08
CA ILE A 90 5.10 3.81 -6.93
C ILE A 90 5.26 4.57 -5.62
N ALA A 91 4.84 3.94 -4.53
CA ALA A 91 4.96 4.46 -3.17
C ALA A 91 4.74 3.32 -2.18
N PHE A 92 4.76 3.64 -0.89
CA PHE A 92 4.53 2.67 0.17
C PHE A 92 3.66 3.31 1.25
N VAL A 93 2.82 2.52 1.94
CA VAL A 93 1.92 3.06 2.96
C VAL A 93 1.64 2.04 4.06
N GLU A 94 1.61 2.51 5.31
CA GLU A 94 1.26 1.69 6.46
C GLU A 94 -0.15 2.04 6.96
N PHE A 95 -0.90 1.00 7.30
CA PHE A 95 -2.25 1.14 7.81
C PHE A 95 -2.19 1.26 9.33
N ASP A 96 -3.32 1.14 10.03
CA ASP A 96 -3.37 1.31 11.49
C ASP A 96 -2.25 0.54 12.19
N ASN A 97 -1.94 -0.67 11.70
CA ASN A 97 -0.84 -1.44 12.23
C ASN A 97 -0.30 -2.41 11.18
N GLU A 98 0.70 -3.21 11.54
CA GLU A 98 1.39 -4.09 10.60
C GLU A 98 0.46 -5.10 9.96
N VAL A 99 -0.64 -5.46 10.65
CA VAL A 99 -1.58 -6.47 10.17
C VAL A 99 -2.55 -5.90 9.14
N GLN A 100 -3.18 -4.77 9.49
CA GLN A 100 -4.28 -4.24 8.70
C GLN A 100 -3.87 -3.64 7.37
N ALA A 101 -2.58 -3.52 7.05
CA ALA A 101 -2.23 -3.06 5.71
C ALA A 101 -2.67 -4.09 4.68
N GLY A 102 -2.66 -5.39 5.03
CA GLY A 102 -3.08 -6.42 4.10
C GLY A 102 -4.58 -6.27 3.78
N ALA A 103 -5.35 -5.71 4.71
CA ALA A 103 -6.78 -5.53 4.51
C ALA A 103 -7.00 -4.39 3.50
N ALA A 104 -6.13 -3.39 3.54
CA ALA A 104 -6.23 -2.24 2.67
C ALA A 104 -5.79 -2.60 1.24
N ARG A 105 -4.99 -3.65 1.10
CA ARG A 105 -4.55 -4.11 -0.20
C ARG A 105 -5.76 -4.43 -1.07
N ASP A 106 -6.59 -5.35 -0.59
CA ASP A 106 -7.79 -5.76 -1.31
C ASP A 106 -8.78 -4.60 -1.41
N ALA A 107 -8.67 -3.63 -0.49
CA ALA A 107 -9.64 -2.55 -0.39
C ALA A 107 -9.37 -1.39 -1.36
N LEU A 108 -8.11 -1.18 -1.73
CA LEU A 108 -7.74 -0.03 -2.55
C LEU A 108 -7.23 -0.46 -3.93
N GLN A 109 -7.29 -1.75 -4.23
CA GLN A 109 -6.89 -2.29 -5.52
C GLN A 109 -7.41 -1.47 -6.70
N GLY A 110 -6.51 -0.72 -7.34
CA GLY A 110 -6.80 0.07 -8.53
C GLY A 110 -7.50 1.40 -8.23
N PHE A 111 -7.03 2.18 -7.25
CA PHE A 111 -7.62 3.48 -6.92
C PHE A 111 -7.54 4.39 -8.13
N LYS A 112 -8.69 4.78 -8.69
CA LYS A 112 -8.75 5.70 -9.83
C LYS A 112 -8.40 7.13 -9.39
N ILE A 113 -7.14 7.34 -9.00
CA ILE A 113 -6.68 8.64 -8.53
C ILE A 113 -6.80 9.68 -9.65
N THR A 114 -6.70 9.24 -10.91
CA THR A 114 -6.98 10.07 -12.08
C THR A 114 -7.27 9.17 -13.28
N GLN A 115 -7.57 9.78 -14.43
CA GLN A 115 -8.06 9.07 -15.61
C GLN A 115 -7.05 8.10 -16.21
N ASN A 116 -5.75 8.28 -15.92
CA ASN A 116 -4.69 7.48 -16.53
C ASN A 116 -3.96 6.61 -15.51
N ASN A 117 -4.41 6.59 -14.24
CA ASN A 117 -3.68 5.92 -13.19
C ASN A 117 -4.62 5.24 -12.20
N ALA A 118 -4.29 3.98 -11.87
CA ALA A 118 -5.05 3.16 -10.95
C ALA A 118 -4.13 2.54 -9.90
N MET A 119 -4.10 3.11 -8.68
CA MET A 119 -3.20 2.66 -7.63
C MET A 119 -3.36 1.17 -7.37
N LYS A 120 -2.45 0.37 -7.89
CA LYS A 120 -2.45 -1.07 -7.69
C LYS A 120 -1.71 -1.42 -6.40
N ILE A 121 -2.43 -2.03 -5.46
CA ILE A 121 -1.88 -2.36 -4.15
C ILE A 121 -1.28 -3.76 -4.18
N SER A 122 -0.13 -3.93 -3.52
CA SER A 122 0.55 -5.22 -3.41
C SER A 122 1.36 -5.24 -2.12
N PHE A 123 1.77 -6.43 -1.68
CA PHE A 123 2.68 -6.52 -0.55
C PHE A 123 4.06 -6.07 -0.99
N ALA A 124 4.68 -5.18 -0.21
CA ALA A 124 6.04 -4.73 -0.47
C ALA A 124 7.03 -5.84 -0.10
N LYS A 125 8.30 -5.63 -0.40
CA LYS A 125 9.35 -6.57 -0.02
C LYS A 125 10.24 -5.94 1.04
N LYS A 126 10.30 -6.56 2.22
CA LYS A 126 11.10 -6.08 3.33
C LYS A 126 12.58 -6.30 3.08
N LEU A 34 5.89 1.55 22.36
CA LEU A 34 5.94 0.16 22.88
C LEU A 34 5.63 -0.83 21.76
N MET A 35 5.97 -2.11 21.98
CA MET A 35 5.73 -3.15 20.99
C MET A 35 4.24 -3.44 20.87
N PRO A 36 3.78 -3.90 19.69
CA PRO A 36 2.39 -4.20 19.43
C PRO A 36 1.97 -5.55 20.01
N GLY A 37 2.87 -6.20 20.77
CA GLY A 37 2.64 -7.54 21.27
C GLY A 37 3.30 -8.58 20.36
N GLN A 38 4.22 -8.14 19.49
CA GLN A 38 4.93 -8.99 18.55
C GLN A 38 3.98 -9.79 17.66
N MET A 39 2.91 -9.14 17.20
CA MET A 39 1.91 -9.78 16.35
C MET A 39 2.55 -10.29 15.05
N PRO A 40 2.03 -11.40 14.50
CA PRO A 40 2.52 -11.98 13.26
C PRO A 40 2.12 -11.12 12.06
N PRO A 41 2.82 -11.27 10.93
CA PRO A 41 2.51 -10.59 9.68
C PRO A 41 1.23 -11.13 9.07
N ALA A 42 0.68 -10.41 8.08
CA ALA A 42 -0.48 -10.87 7.35
C ALA A 42 -0.15 -12.14 6.56
N GLN A 43 -1.18 -12.91 6.18
CA GLN A 43 -0.98 -14.14 5.43
C GLN A 43 -0.39 -13.82 4.06
N PRO A 44 0.45 -14.71 3.52
CA PRO A 44 1.08 -14.52 2.22
C PRO A 44 0.06 -14.62 1.10
N LEU A 45 0.18 -13.73 0.11
CA LEU A 45 -0.71 -13.67 -1.03
C LEU A 45 -0.01 -12.95 -2.19
N SER A 46 1.31 -13.06 -2.27
CA SER A 46 2.12 -12.43 -3.30
C SER A 46 3.47 -13.12 -3.41
N GLU A 47 4.26 -12.73 -4.41
CA GLU A 47 5.61 -13.25 -4.61
C GLU A 47 6.61 -12.70 -3.58
N ASN A 48 6.14 -11.84 -2.66
CA ASN A 48 6.98 -11.25 -1.64
C ASN A 48 6.64 -11.77 -0.24
N PRO A 49 7.61 -11.77 0.68
CA PRO A 49 7.40 -12.03 2.08
C PRO A 49 6.66 -10.81 2.65
N PRO A 50 5.51 -11.01 3.32
CA PRO A 50 4.70 -9.92 3.84
C PRO A 50 5.43 -9.03 4.82
N ASN A 51 5.01 -7.76 4.90
CA ASN A 51 5.51 -6.81 5.88
C ASN A 51 4.47 -5.71 6.13
N HIS A 52 4.78 -4.85 7.10
CA HIS A 52 3.91 -3.81 7.61
C HIS A 52 3.57 -2.72 6.59
N ILE A 53 3.95 -2.89 5.33
CA ILE A 53 3.74 -1.84 4.33
C ILE A 53 3.36 -2.46 2.99
N LEU A 54 2.51 -1.75 2.25
CA LEU A 54 2.11 -2.13 0.91
C LEU A 54 2.93 -1.39 -0.14
N PHE A 55 3.17 -2.04 -1.28
CA PHE A 55 3.79 -1.43 -2.44
C PHE A 55 2.68 -0.93 -3.37
N LEU A 56 2.57 0.39 -3.51
CA LEU A 56 1.63 0.98 -4.44
C LEU A 56 2.28 1.05 -5.81
N THR A 57 1.46 1.01 -6.86
CA THR A 57 1.93 0.96 -8.23
C THR A 57 0.96 1.72 -9.11
N ASN A 58 1.38 2.10 -10.32
CA ASN A 58 0.54 2.78 -11.29
C ASN A 58 0.02 4.14 -10.80
N LEU A 59 0.71 4.76 -9.84
CA LEU A 59 0.35 6.07 -9.30
C LEU A 59 0.51 7.17 -10.37
N PRO A 60 -0.16 8.32 -10.19
CA PRO A 60 -0.10 9.44 -11.12
C PRO A 60 1.29 10.08 -11.15
N GLU A 61 1.53 10.93 -12.15
CA GLU A 61 2.83 11.56 -12.35
C GLU A 61 3.09 12.70 -11.36
N GLU A 62 2.08 13.11 -10.59
CA GLU A 62 2.20 14.22 -9.66
C GLU A 62 1.94 13.79 -8.21
N THR A 63 2.08 12.50 -7.90
CA THR A 63 1.79 12.01 -6.56
C THR A 63 2.76 12.61 -5.54
N ASN A 64 2.30 12.77 -4.30
CA ASN A 64 3.14 13.23 -3.20
C ASN A 64 2.61 12.72 -1.87
N GLU A 65 3.41 12.84 -0.82
CA GLU A 65 3.14 12.20 0.46
C GLU A 65 1.85 12.75 1.09
N LEU A 66 1.54 14.02 0.81
CA LEU A 66 0.38 14.67 1.37
C LEU A 66 -0.91 14.09 0.80
N MET A 67 -0.96 13.85 -0.51
CA MET A 67 -2.17 13.34 -1.13
C MET A 67 -2.34 11.86 -0.79
N LEU A 68 -1.24 11.11 -0.83
CA LEU A 68 -1.27 9.69 -0.59
C LEU A 68 -1.75 9.44 0.85
N SER A 69 -1.34 10.32 1.76
CA SER A 69 -1.75 10.24 3.14
C SER A 69 -3.26 10.45 3.28
N MET A 70 -3.85 11.38 2.52
CA MET A 70 -5.28 11.66 2.63
C MET A 70 -6.12 10.46 2.19
N LEU A 71 -5.69 9.80 1.10
CA LEU A 71 -6.46 8.71 0.53
C LEU A 71 -6.33 7.42 1.34
N PHE A 72 -5.38 7.37 2.28
CA PHE A 72 -5.30 6.31 3.25
C PHE A 72 -5.80 6.73 4.64
N ASN A 73 -5.73 8.03 4.97
CA ASN A 73 -6.18 8.51 6.27
C ASN A 73 -7.71 8.43 6.38
N GLN A 74 -8.40 8.41 5.23
CA GLN A 74 -9.85 8.31 5.20
C GLN A 74 -10.32 6.86 5.44
N PHE A 75 -9.39 5.90 5.45
CA PHE A 75 -9.73 4.50 5.65
C PHE A 75 -9.84 4.16 7.14
N PRO A 76 -10.47 3.03 7.48
CA PRO A 76 -10.66 2.54 8.84
C PRO A 76 -9.38 2.27 9.61
N GLY A 77 -8.22 2.62 9.04
CA GLY A 77 -6.93 2.41 9.65
C GLY A 77 -5.84 3.15 8.87
N PHE A 78 -4.98 3.88 9.58
CA PHE A 78 -3.86 4.57 8.98
C PHE A 78 -2.77 4.83 10.01
N LYS A 79 -1.50 4.62 9.63
CA LYS A 79 -0.36 4.85 10.50
C LYS A 79 0.62 5.85 9.87
N GLU A 80 1.23 5.47 8.75
CA GLU A 80 2.27 6.27 8.10
C GLU A 80 2.33 6.02 6.60
N VAL A 81 3.15 6.82 5.92
CA VAL A 81 3.38 6.71 4.48
C VAL A 81 4.89 6.74 4.21
N ARG A 82 5.30 6.14 3.09
CA ARG A 82 6.70 6.05 2.70
C ARG A 82 6.84 6.23 1.20
N LEU A 83 7.66 7.19 0.78
CA LEU A 83 7.94 7.44 -0.63
C LEU A 83 9.33 6.95 -1.02
N VAL A 84 9.55 6.76 -2.32
CA VAL A 84 10.84 6.35 -2.87
C VAL A 84 11.25 7.29 -4.01
N PRO A 85 12.41 7.95 -3.91
CA PRO A 85 12.92 8.87 -4.91
C PRO A 85 13.11 8.22 -6.28
N GLY A 86 13.23 9.06 -7.32
CA GLY A 86 13.49 8.61 -8.68
C GLY A 86 12.26 8.02 -9.36
N ARG A 87 11.10 8.03 -8.68
CA ARG A 87 9.86 7.47 -9.21
C ARG A 87 8.66 8.34 -8.82
N HIS A 88 7.51 8.03 -9.40
CA HIS A 88 6.25 8.69 -9.12
C HIS A 88 5.08 7.71 -9.28
N ASP A 89 5.32 6.60 -9.98
CA ASP A 89 4.30 5.60 -10.25
C ASP A 89 4.23 4.57 -9.12
N ILE A 90 5.08 4.70 -8.10
CA ILE A 90 5.09 3.79 -6.96
C ILE A 90 5.25 4.55 -5.65
N ALA A 91 4.82 3.92 -4.56
CA ALA A 91 4.94 4.44 -3.22
C ALA A 91 4.74 3.30 -2.21
N PHE A 92 4.77 3.62 -0.92
CA PHE A 92 4.57 2.65 0.14
C PHE A 92 3.72 3.28 1.23
N VAL A 93 2.88 2.48 1.91
CA VAL A 93 1.97 3.01 2.93
C VAL A 93 1.70 1.98 4.02
N GLU A 94 1.64 2.45 5.27
CA GLU A 94 1.28 1.61 6.41
C GLU A 94 -0.12 1.95 6.89
N PHE A 95 -0.88 0.90 7.19
CA PHE A 95 -2.24 1.03 7.67
C PHE A 95 -2.19 1.10 9.19
N ASP A 96 -3.33 1.02 9.89
CA ASP A 96 -3.39 1.16 11.35
C ASP A 96 -2.23 0.45 12.05
N ASN A 97 -1.88 -0.75 11.58
CA ASN A 97 -0.71 -1.46 12.07
C ASN A 97 -0.24 -2.46 11.01
N GLU A 98 0.82 -3.21 11.31
CA GLU A 98 1.45 -4.12 10.35
C GLU A 98 0.50 -5.19 9.84
N VAL A 99 -0.56 -5.49 10.60
CA VAL A 99 -1.52 -6.51 10.22
C VAL A 99 -2.52 -5.99 9.19
N GLN A 100 -3.12 -4.85 9.50
CA GLN A 100 -4.26 -4.35 8.73
C GLN A 100 -3.87 -3.77 7.37
N ALA A 101 -2.58 -3.63 7.04
CA ALA A 101 -2.26 -3.17 5.70
C ALA A 101 -2.69 -4.20 4.66
N GLY A 102 -2.71 -5.49 5.02
CA GLY A 102 -3.14 -6.52 4.09
C GLY A 102 -4.62 -6.36 3.75
N ALA A 103 -5.40 -5.79 4.69
CA ALA A 103 -6.82 -5.59 4.48
C ALA A 103 -7.02 -4.45 3.49
N ALA A 104 -6.13 -3.46 3.54
CA ALA A 104 -6.24 -2.29 2.68
C ALA A 104 -5.80 -2.63 1.25
N ARG A 105 -5.00 -3.69 1.09
CA ARG A 105 -4.56 -4.12 -0.23
C ARG A 105 -5.78 -4.43 -1.10
N ASP A 106 -6.60 -5.36 -0.62
CA ASP A 106 -7.81 -5.75 -1.34
C ASP A 106 -8.80 -4.58 -1.43
N ALA A 107 -8.69 -3.63 -0.49
CA ALA A 107 -9.65 -2.54 -0.38
C ALA A 107 -9.40 -1.37 -1.33
N LEU A 108 -8.14 -1.16 -1.74
CA LEU A 108 -7.77 0.00 -2.56
C LEU A 108 -7.28 -0.41 -3.94
N GLN A 109 -7.33 -1.71 -4.24
CA GLN A 109 -6.92 -2.25 -5.54
C GLN A 109 -7.45 -1.40 -6.70
N GLY A 110 -6.54 -0.67 -7.35
CA GLY A 110 -6.83 0.12 -8.55
C GLY A 110 -7.53 1.44 -8.26
N PHE A 111 -7.06 2.21 -7.25
CA PHE A 111 -7.65 3.51 -6.93
C PHE A 111 -7.56 4.43 -8.14
N LYS A 112 -8.70 4.82 -8.71
CA LYS A 112 -8.76 5.74 -9.83
C LYS A 112 -8.40 7.16 -9.40
N ILE A 113 -7.15 7.38 -9.00
CA ILE A 113 -6.69 8.68 -8.53
C ILE A 113 -6.81 9.72 -9.65
N THR A 114 -6.69 9.28 -10.91
CA THR A 114 -6.97 10.12 -12.07
C THR A 114 -7.26 9.23 -13.27
N GLN A 115 -7.58 9.84 -14.42
CA GLN A 115 -8.08 9.13 -15.59
C GLN A 115 -7.06 8.17 -16.21
N ASN A 116 -5.76 8.35 -15.93
CA ASN A 116 -4.72 7.54 -16.53
C ASN A 116 -3.99 6.65 -15.52
N ASN A 117 -4.42 6.64 -14.25
CA ASN A 117 -3.68 5.97 -13.20
C ASN A 117 -4.62 5.28 -12.21
N ALA A 118 -4.29 4.02 -11.87
CA ALA A 118 -5.07 3.20 -10.95
C ALA A 118 -4.15 2.58 -9.90
N MET A 119 -4.11 3.16 -8.69
CA MET A 119 -3.20 2.70 -7.64
C MET A 119 -3.39 1.21 -7.38
N LYS A 120 -2.47 0.39 -7.89
CA LYS A 120 -2.47 -1.04 -7.70
C LYS A 120 -1.75 -1.38 -6.40
N ILE A 121 -2.45 -2.01 -5.46
CA ILE A 121 -1.92 -2.34 -4.15
C ILE A 121 -1.32 -3.74 -4.17
N SER A 122 -0.19 -3.92 -3.47
CA SER A 122 0.46 -5.22 -3.36
C SER A 122 1.28 -5.27 -2.08
N PHE A 123 1.66 -6.46 -1.60
CA PHE A 123 2.55 -6.54 -0.46
C PHE A 123 3.97 -6.17 -0.93
N ALA A 124 4.60 -5.25 -0.21
CA ALA A 124 5.96 -4.82 -0.49
C ALA A 124 6.93 -5.89 -0.01
N LYS A 125 8.23 -5.62 -0.16
CA LYS A 125 9.28 -6.43 0.44
C LYS A 125 10.13 -5.53 1.33
N LYS A 126 10.47 -5.99 2.53
CA LYS A 126 11.30 -5.20 3.44
C LYS A 126 12.68 -4.98 2.86
N LEU A 34 -6.51 -12.90 26.29
CA LEU A 34 -6.75 -11.81 25.31
C LEU A 34 -5.89 -12.00 24.07
N MET A 35 -6.25 -11.30 22.98
CA MET A 35 -5.51 -11.38 21.73
C MET A 35 -4.09 -10.83 21.93
N PRO A 36 -3.06 -11.52 21.43
CA PRO A 36 -1.67 -11.13 21.55
C PRO A 36 -1.36 -9.92 20.66
N GLY A 37 -0.31 -9.18 21.03
CA GLY A 37 0.14 -8.03 20.26
C GLY A 37 1.26 -8.41 19.29
N GLN A 38 1.83 -7.40 18.62
CA GLN A 38 2.95 -7.53 17.69
C GLN A 38 2.79 -8.69 16.69
N MET A 39 1.56 -9.01 16.32
CA MET A 39 1.29 -10.10 15.38
C MET A 39 1.89 -9.79 14.02
N PRO A 40 2.31 -10.83 13.27
CA PRO A 40 2.91 -10.69 11.96
C PRO A 40 1.87 -10.24 10.93
N PRO A 41 2.32 -9.76 9.76
CA PRO A 41 1.45 -9.35 8.67
C PRO A 41 0.69 -10.55 8.10
N ALA A 42 -0.39 -10.28 7.37
CA ALA A 42 -1.18 -11.34 6.76
C ALA A 42 -0.36 -12.06 5.68
N GLN A 43 -0.85 -13.24 5.28
CA GLN A 43 -0.17 -14.06 4.29
C GLN A 43 -0.17 -13.35 2.93
N PRO A 44 0.93 -13.46 2.17
CA PRO A 44 1.05 -12.88 0.84
C PRO A 44 0.34 -13.76 -0.19
N LEU A 45 0.16 -13.25 -1.39
CA LEU A 45 -0.42 -13.99 -2.50
C LEU A 45 0.67 -14.59 -3.40
N SER A 46 1.93 -14.46 -2.98
CA SER A 46 3.08 -14.96 -3.73
C SER A 46 4.22 -15.25 -2.76
N GLU A 47 5.33 -15.77 -3.29
CA GLU A 47 6.51 -16.09 -2.49
C GLU A 47 7.24 -14.84 -1.99
N ASN A 48 6.75 -13.64 -2.35
CA ASN A 48 7.37 -12.39 -1.95
C ASN A 48 7.24 -12.19 -0.44
N PRO A 49 8.32 -11.79 0.25
CA PRO A 49 8.30 -11.50 1.67
C PRO A 49 7.43 -10.28 1.97
N PRO A 50 6.35 -10.43 2.76
CA PRO A 50 5.48 -9.34 3.13
C PRO A 50 6.04 -8.56 4.33
N ASN A 51 5.54 -7.33 4.53
CA ASN A 51 5.81 -6.57 5.74
C ASN A 51 4.63 -5.63 6.04
N HIS A 52 4.79 -4.85 7.11
CA HIS A 52 3.83 -3.90 7.65
C HIS A 52 3.44 -2.81 6.66
N ILE A 53 3.81 -2.93 5.38
CA ILE A 53 3.58 -1.89 4.40
C ILE A 53 3.22 -2.52 3.06
N LEU A 54 2.42 -1.79 2.29
CA LEU A 54 2.02 -2.18 0.94
C LEU A 54 2.84 -1.43 -0.09
N PHE A 55 3.04 -2.06 -1.26
CA PHE A 55 3.67 -1.44 -2.41
C PHE A 55 2.56 -0.92 -3.33
N LEU A 56 2.53 0.39 -3.54
CA LEU A 56 1.60 0.99 -4.48
C LEU A 56 2.25 1.06 -5.84
N THR A 57 1.42 1.00 -6.89
CA THR A 57 1.89 0.97 -8.26
C THR A 57 0.92 1.75 -9.13
N ASN A 58 1.36 2.16 -10.32
CA ASN A 58 0.50 2.86 -11.27
C ASN A 58 -0.02 4.20 -10.75
N LEU A 59 0.68 4.80 -9.78
CA LEU A 59 0.34 6.12 -9.24
C LEU A 59 0.50 7.21 -10.30
N PRO A 60 -0.18 8.36 -10.14
CA PRO A 60 -0.13 9.48 -11.07
C PRO A 60 1.25 10.14 -11.10
N GLU A 61 1.50 10.97 -12.11
CA GLU A 61 2.79 11.64 -12.26
C GLU A 61 2.93 12.85 -11.32
N GLU A 62 1.90 13.15 -10.52
CA GLU A 62 1.90 14.27 -9.59
C GLU A 62 1.73 13.82 -8.14
N THR A 63 2.00 12.54 -7.85
CA THR A 63 1.77 12.01 -6.51
C THR A 63 2.75 12.62 -5.51
N ASN A 64 2.30 12.75 -4.25
CA ASN A 64 3.14 13.21 -3.15
C ASN A 64 2.53 12.74 -1.83
N GLU A 65 3.29 12.86 -0.74
CA GLU A 65 2.91 12.30 0.55
C GLU A 65 1.63 12.93 1.08
N LEU A 66 1.38 14.20 0.76
CA LEU A 66 0.20 14.89 1.25
C LEU A 66 -1.07 14.28 0.65
N MET A 67 -1.06 13.95 -0.64
CA MET A 67 -2.24 13.40 -1.29
C MET A 67 -2.39 11.93 -0.91
N LEU A 68 -1.28 11.20 -0.90
CA LEU A 68 -1.30 9.77 -0.64
C LEU A 68 -1.79 9.50 0.77
N SER A 69 -1.38 10.35 1.71
CA SER A 69 -1.79 10.21 3.10
C SER A 69 -3.29 10.46 3.25
N MET A 70 -3.87 11.40 2.49
CA MET A 70 -5.30 11.69 2.60
C MET A 70 -6.15 10.51 2.15
N LEU A 71 -5.73 9.84 1.08
CA LEU A 71 -6.51 8.75 0.50
C LEU A 71 -6.37 7.46 1.31
N PHE A 72 -5.43 7.43 2.25
CA PHE A 72 -5.33 6.36 3.23
C PHE A 72 -5.83 6.78 4.61
N ASN A 73 -5.76 8.07 4.94
CA ASN A 73 -6.22 8.56 6.24
C ASN A 73 -7.74 8.49 6.34
N GLN A 74 -8.43 8.45 5.20
CA GLN A 74 -9.89 8.34 5.17
C GLN A 74 -10.35 6.91 5.43
N PHE A 75 -9.42 5.94 5.47
CA PHE A 75 -9.76 4.54 5.69
C PHE A 75 -9.88 4.23 7.18
N PRO A 76 -10.51 3.10 7.52
CA PRO A 76 -10.71 2.62 8.89
C PRO A 76 -9.42 2.35 9.67
N GLY A 77 -8.27 2.68 9.07
CA GLY A 77 -6.98 2.47 9.70
C GLY A 77 -5.89 3.16 8.89
N PHE A 78 -5.03 3.94 9.56
CA PHE A 78 -3.89 4.58 8.95
C PHE A 78 -2.82 4.89 10.00
N LYS A 79 -1.55 4.66 9.66
CA LYS A 79 -0.45 5.02 10.54
C LYS A 79 0.56 5.95 9.87
N GLU A 80 1.15 5.52 8.74
CA GLU A 80 2.25 6.25 8.13
C GLU A 80 2.33 6.00 6.63
N VAL A 81 3.23 6.74 5.95
CA VAL A 81 3.46 6.64 4.52
C VAL A 81 4.96 6.73 4.25
N ARG A 82 5.44 6.07 3.19
CA ARG A 82 6.86 6.06 2.86
C ARG A 82 7.03 6.19 1.35
N LEU A 83 7.66 7.27 0.89
CA LEU A 83 7.89 7.51 -0.52
C LEU A 83 9.28 7.04 -0.96
N VAL A 84 9.47 6.84 -2.26
CA VAL A 84 10.75 6.42 -2.82
C VAL A 84 11.14 7.36 -3.97
N PRO A 85 12.29 8.04 -3.86
CA PRO A 85 12.81 8.95 -4.87
C PRO A 85 13.05 8.28 -6.22
N GLY A 86 13.21 9.10 -7.27
CA GLY A 86 13.51 8.62 -8.62
C GLY A 86 12.27 8.08 -9.32
N ARG A 87 11.11 8.09 -8.66
CA ARG A 87 9.86 7.58 -9.22
C ARG A 87 8.67 8.38 -8.72
N HIS A 88 7.51 8.12 -9.34
CA HIS A 88 6.25 8.75 -9.00
C HIS A 88 5.10 7.75 -9.16
N ASP A 89 5.34 6.66 -9.89
CA ASP A 89 4.34 5.65 -10.19
C ASP A 89 4.27 4.60 -9.08
N ILE A 90 5.12 4.70 -8.05
CA ILE A 90 5.13 3.76 -6.94
C ILE A 90 5.34 4.49 -5.61
N ALA A 91 4.89 3.85 -4.53
CA ALA A 91 5.02 4.37 -3.17
C ALA A 91 4.76 3.23 -2.18
N PHE A 92 4.82 3.53 -0.89
CA PHE A 92 4.54 2.57 0.17
C PHE A 92 3.69 3.23 1.26
N VAL A 93 2.83 2.46 1.91
CA VAL A 93 1.93 3.00 2.93
C VAL A 93 1.61 1.98 4.01
N GLU A 94 1.56 2.44 5.26
CA GLU A 94 1.20 1.61 6.40
C GLU A 94 -0.19 1.97 6.89
N PHE A 95 -0.96 0.95 7.21
CA PHE A 95 -2.32 1.10 7.69
C PHE A 95 -2.26 1.28 9.21
N ASP A 96 -3.39 1.12 9.91
CA ASP A 96 -3.44 1.29 11.36
C ASP A 96 -2.26 0.60 12.04
N ASN A 97 -1.90 -0.61 11.58
CA ASN A 97 -0.72 -1.30 12.07
C ASN A 97 -0.26 -2.34 11.04
N GLU A 98 0.79 -3.09 11.39
CA GLU A 98 1.43 -4.04 10.48
C GLU A 98 0.48 -5.13 10.01
N VAL A 99 -0.60 -5.40 10.76
CA VAL A 99 -1.55 -6.43 10.38
C VAL A 99 -2.54 -5.94 9.34
N GLN A 100 -3.18 -4.80 9.61
CA GLN A 100 -4.30 -4.32 8.82
C GLN A 100 -3.91 -3.74 7.45
N ALA A 101 -2.63 -3.61 7.11
CA ALA A 101 -2.31 -3.17 5.76
C ALA A 101 -2.76 -4.21 4.75
N GLY A 102 -2.78 -5.50 5.10
CA GLY A 102 -3.21 -6.53 4.18
C GLY A 102 -4.69 -6.35 3.82
N ALA A 103 -5.47 -5.80 4.76
CA ALA A 103 -6.90 -5.59 4.54
C ALA A 103 -7.08 -4.44 3.54
N ALA A 104 -6.20 -3.44 3.62
CA ALA A 104 -6.30 -2.28 2.76
C ALA A 104 -5.85 -2.60 1.34
N ARG A 105 -5.05 -3.65 1.17
CA ARG A 105 -4.61 -4.06 -0.16
C ARG A 105 -5.82 -4.35 -1.03
N ASP A 106 -6.65 -5.29 -0.56
CA ASP A 106 -7.83 -5.70 -1.28
C ASP A 106 -8.85 -4.56 -1.35
N ALA A 107 -8.75 -3.59 -0.44
CA ALA A 107 -9.71 -2.51 -0.35
C ALA A 107 -9.45 -1.35 -1.31
N LEU A 108 -8.19 -1.13 -1.70
CA LEU A 108 -7.83 0.02 -2.52
C LEU A 108 -7.32 -0.39 -3.90
N GLN A 109 -7.38 -1.69 -4.21
CA GLN A 109 -6.96 -2.23 -5.49
C GLN A 109 -7.46 -1.39 -6.67
N GLY A 110 -6.55 -0.64 -7.30
CA GLY A 110 -6.84 0.15 -8.49
C GLY A 110 -7.53 1.48 -8.20
N PHE A 111 -7.05 2.26 -7.22
CA PHE A 111 -7.64 3.56 -6.90
C PHE A 111 -7.53 4.48 -8.11
N LYS A 112 -8.67 4.87 -8.70
CA LYS A 112 -8.72 5.78 -9.83
C LYS A 112 -8.37 7.21 -9.42
N ILE A 113 -7.12 7.43 -9.01
CA ILE A 113 -6.65 8.73 -8.58
C ILE A 113 -6.63 9.72 -9.75
N THR A 114 -6.44 9.20 -10.97
CA THR A 114 -6.38 9.99 -12.20
C THR A 114 -6.90 9.13 -13.35
N GLN A 115 -7.37 9.75 -14.44
CA GLN A 115 -7.97 9.03 -15.55
C GLN A 115 -6.98 8.07 -16.23
N ASN A 116 -5.68 8.26 -16.02
CA ASN A 116 -4.65 7.42 -16.62
C ASN A 116 -3.88 6.61 -15.58
N ASN A 117 -4.32 6.62 -14.31
CA ASN A 117 -3.58 6.02 -13.22
C ASN A 117 -4.52 5.35 -12.21
N ALA A 118 -4.23 4.09 -11.87
CA ALA A 118 -5.04 3.31 -10.94
C ALA A 118 -4.14 2.67 -9.89
N MET A 119 -4.09 3.23 -8.68
CA MET A 119 -3.19 2.75 -7.63
C MET A 119 -3.41 1.27 -7.37
N LYS A 120 -2.51 0.44 -7.88
CA LYS A 120 -2.56 -0.99 -7.64
C LYS A 120 -1.82 -1.34 -6.35
N ILE A 121 -2.52 -2.00 -5.44
CA ILE A 121 -1.98 -2.35 -4.13
C ILE A 121 -1.40 -3.77 -4.15
N SER A 122 -0.24 -3.96 -3.53
CA SER A 122 0.41 -5.24 -3.40
C SER A 122 1.23 -5.28 -2.12
N PHE A 123 1.68 -6.46 -1.69
CA PHE A 123 2.59 -6.55 -0.56
C PHE A 123 3.97 -6.09 -1.00
N ALA A 124 4.54 -5.15 -0.26
CA ALA A 124 5.90 -4.69 -0.50
C ALA A 124 6.88 -5.77 -0.06
N LYS A 125 8.01 -5.89 -0.76
CA LYS A 125 9.00 -6.89 -0.37
C LYS A 125 9.70 -6.42 0.90
N LYS A 126 9.86 -7.33 1.86
CA LYS A 126 10.57 -7.08 3.11
C LYS A 126 12.05 -7.43 2.93
N LEU A 34 -10.77 -20.94 -9.73
CA LEU A 34 -11.00 -21.50 -8.39
C LEU A 34 -11.04 -20.37 -7.36
N MET A 35 -9.90 -19.70 -7.14
CA MET A 35 -9.81 -18.59 -6.20
C MET A 35 -10.60 -17.39 -6.72
N PRO A 36 -11.12 -16.55 -5.81
CA PRO A 36 -11.85 -15.33 -6.16
C PRO A 36 -10.93 -14.25 -6.71
N GLY A 37 -9.62 -14.43 -6.52
CA GLY A 37 -8.62 -13.48 -6.97
C GLY A 37 -7.30 -13.72 -6.24
N GLN A 38 -6.35 -12.79 -6.40
CA GLN A 38 -5.05 -12.87 -5.74
C GLN A 38 -5.18 -12.46 -4.28
N MET A 39 -5.77 -13.34 -3.46
CA MET A 39 -5.97 -13.09 -2.03
C MET A 39 -4.62 -13.00 -1.31
N PRO A 40 -4.59 -12.35 -0.13
CA PRO A 40 -3.40 -12.22 0.69
C PRO A 40 -2.77 -13.56 1.05
N PRO A 41 -1.47 -13.58 1.36
CA PRO A 41 -0.74 -14.77 1.73
C PRO A 41 -1.16 -15.27 3.12
N ALA A 42 -0.83 -16.53 3.42
CA ALA A 42 -1.14 -17.14 4.71
C ALA A 42 -0.09 -18.20 5.07
N GLN A 43 1.02 -18.23 4.34
CA GLN A 43 2.09 -19.21 4.53
C GLN A 43 3.41 -18.65 4.00
N PRO A 44 4.55 -19.12 4.53
CA PRO A 44 5.87 -18.67 4.12
C PRO A 44 6.22 -19.13 2.70
N LEU A 45 5.39 -20.00 2.13
CA LEU A 45 5.56 -20.49 0.76
C LEU A 45 5.11 -19.45 -0.27
N SER A 46 4.73 -18.25 0.18
CA SER A 46 4.29 -17.17 -0.70
C SER A 46 5.42 -16.76 -1.65
N GLU A 47 5.06 -16.17 -2.79
CA GLU A 47 6.04 -15.74 -3.79
C GLU A 47 6.75 -14.46 -3.34
N ASN A 48 6.38 -13.91 -2.18
CA ASN A 48 7.04 -12.73 -1.62
C ASN A 48 6.76 -12.63 -0.12
N PRO A 49 7.79 -12.39 0.70
CA PRO A 49 7.63 -12.13 2.12
C PRO A 49 6.81 -10.86 2.34
N PRO A 50 5.68 -10.94 3.06
CA PRO A 50 4.85 -9.79 3.37
C PRO A 50 5.46 -8.98 4.52
N ASN A 51 5.04 -7.72 4.65
CA ASN A 51 5.46 -6.86 5.75
C ASN A 51 4.39 -5.81 6.06
N HIS A 52 4.66 -4.99 7.07
CA HIS A 52 3.78 -3.95 7.60
C HIS A 52 3.47 -2.83 6.60
N ILE A 53 3.93 -2.94 5.36
CA ILE A 53 3.74 -1.88 4.38
C ILE A 53 3.38 -2.49 3.04
N LEU A 54 2.53 -1.80 2.28
CA LEU A 54 2.11 -2.20 0.95
C LEU A 54 2.94 -1.46 -0.10
N PHE A 55 3.16 -2.11 -1.24
CA PHE A 55 3.78 -1.50 -2.41
C PHE A 55 2.68 -0.99 -3.33
N LEU A 56 2.64 0.33 -3.53
CA LEU A 56 1.70 0.94 -4.45
C LEU A 56 2.34 1.01 -5.83
N THR A 57 1.50 0.97 -6.86
CA THR A 57 1.96 0.91 -8.24
C THR A 57 0.97 1.70 -9.11
N ASN A 58 1.41 2.08 -10.31
CA ASN A 58 0.56 2.77 -11.26
C ASN A 58 0.05 4.12 -10.76
N LEU A 59 0.75 4.74 -9.81
CA LEU A 59 0.41 6.06 -9.27
C LEU A 59 0.57 7.15 -10.33
N PRO A 60 -0.09 8.30 -10.16
CA PRO A 60 -0.05 9.40 -11.10
C PRO A 60 1.33 10.05 -11.17
N GLU A 61 1.55 10.89 -12.18
CA GLU A 61 2.83 11.57 -12.39
C GLU A 61 3.04 12.73 -11.41
N GLU A 62 2.02 13.07 -10.62
CA GLU A 62 2.07 14.19 -9.69
C GLU A 62 1.87 13.75 -8.24
N THR A 63 2.10 12.47 -7.93
CA THR A 63 1.86 11.96 -6.59
C THR A 63 2.83 12.58 -5.60
N ASN A 64 2.37 12.75 -4.36
CA ASN A 64 3.19 13.23 -3.25
C ASN A 64 2.59 12.73 -1.93
N GLU A 65 3.35 12.84 -0.85
CA GLU A 65 2.99 12.24 0.42
C GLU A 65 1.72 12.87 1.00
N LEU A 66 1.47 14.15 0.68
CA LEU A 66 0.30 14.84 1.19
C LEU A 66 -0.97 14.26 0.60
N MET A 67 -0.98 13.95 -0.70
CA MET A 67 -2.17 13.40 -1.35
C MET A 67 -2.33 11.94 -0.97
N LEU A 68 -1.23 11.19 -0.96
CA LEU A 68 -1.26 9.77 -0.69
C LEU A 68 -1.77 9.52 0.73
N SER A 69 -1.37 10.39 1.65
CA SER A 69 -1.78 10.25 3.04
C SER A 69 -3.28 10.52 3.18
N MET A 70 -3.86 11.45 2.41
CA MET A 70 -5.29 11.75 2.52
C MET A 70 -6.13 10.55 2.07
N LEU A 71 -5.70 9.88 1.00
CA LEU A 71 -6.46 8.78 0.43
C LEU A 71 -6.33 7.50 1.25
N PHE A 72 -5.39 7.50 2.21
CA PHE A 72 -5.30 6.44 3.19
C PHE A 72 -5.81 6.87 4.58
N ASN A 73 -5.78 8.17 4.88
CA ASN A 73 -6.25 8.67 6.17
C ASN A 73 -7.78 8.57 6.27
N GLN A 74 -8.47 8.50 5.12
CA GLN A 74 -9.90 8.37 5.09
C GLN A 74 -10.34 6.93 5.39
N PHE A 75 -9.38 5.99 5.45
CA PHE A 75 -9.67 4.60 5.73
C PHE A 75 -9.73 4.33 7.24
N PRO A 76 -10.39 3.22 7.64
CA PRO A 76 -10.56 2.82 9.04
C PRO A 76 -9.25 2.43 9.73
N GLY A 77 -8.11 2.76 9.13
CA GLY A 77 -6.81 2.49 9.70
C GLY A 77 -5.73 3.21 8.91
N PHE A 78 -4.89 4.00 9.60
CA PHE A 78 -3.77 4.68 8.98
C PHE A 78 -2.70 5.00 10.01
N LYS A 79 -1.43 4.74 9.68
CA LYS A 79 -0.32 5.08 10.58
C LYS A 79 0.70 6.00 9.90
N GLU A 80 1.32 5.55 8.79
CA GLU A 80 2.34 6.34 8.09
C GLU A 80 2.40 6.00 6.60
N VAL A 81 3.21 6.78 5.87
CA VAL A 81 3.44 6.64 4.44
C VAL A 81 4.93 6.74 4.15
N ARG A 82 5.37 6.13 3.03
CA ARG A 82 6.75 6.23 2.57
C ARG A 82 6.80 6.40 1.06
N LEU A 83 7.70 7.24 0.57
CA LEU A 83 7.88 7.45 -0.87
C LEU A 83 9.24 6.98 -1.36
N VAL A 84 9.36 6.74 -2.66
CA VAL A 84 10.61 6.33 -3.29
C VAL A 84 11.24 7.51 -4.03
N PRO A 85 12.54 7.77 -3.84
CA PRO A 85 13.23 8.89 -4.49
C PRO A 85 13.15 8.83 -6.01
N GLY A 86 12.87 9.97 -6.64
CA GLY A 86 12.85 10.13 -8.08
C GLY A 86 11.69 9.41 -8.79
N ARG A 87 10.98 8.53 -8.10
CA ARG A 87 9.84 7.81 -8.65
C ARG A 87 8.55 8.59 -8.41
N HIS A 88 7.47 8.16 -9.07
CA HIS A 88 6.16 8.77 -8.92
C HIS A 88 5.05 7.74 -9.13
N ASP A 89 5.34 6.68 -9.87
CA ASP A 89 4.38 5.62 -10.21
C ASP A 89 4.30 4.57 -9.10
N ILE A 90 5.14 4.69 -8.07
CA ILE A 90 5.13 3.76 -6.95
C ILE A 90 5.31 4.50 -5.62
N ALA A 91 4.89 3.83 -4.54
CA ALA A 91 5.02 4.35 -3.18
C ALA A 91 4.81 3.20 -2.19
N PHE A 92 4.82 3.51 -0.90
CA PHE A 92 4.56 2.55 0.16
C PHE A 92 3.69 3.20 1.23
N VAL A 93 2.83 2.41 1.90
CA VAL A 93 1.95 2.95 2.93
C VAL A 93 1.68 1.94 4.04
N GLU A 94 1.67 2.41 5.28
CA GLU A 94 1.31 1.59 6.44
C GLU A 94 -0.07 1.97 6.95
N PHE A 95 -0.85 0.94 7.25
CA PHE A 95 -2.19 1.09 7.77
C PHE A 95 -2.10 1.17 9.30
N ASP A 96 -3.23 1.10 10.00
CA ASP A 96 -3.25 1.23 11.47
C ASP A 96 -2.14 0.42 12.13
N ASN A 97 -1.87 -0.79 11.63
CA ASN A 97 -0.76 -1.60 12.12
C ASN A 97 -0.33 -2.60 11.06
N GLU A 98 0.71 -3.39 11.35
CA GLU A 98 1.32 -4.30 10.38
C GLU A 98 0.32 -5.34 9.84
N VAL A 99 -0.75 -5.62 10.58
CA VAL A 99 -1.75 -6.59 10.16
C VAL A 99 -2.72 -5.99 9.15
N GLN A 100 -3.30 -4.84 9.49
CA GLN A 100 -4.39 -4.26 8.73
C GLN A 100 -3.96 -3.65 7.39
N ALA A 101 -2.67 -3.55 7.09
CA ALA A 101 -2.30 -3.10 5.75
C ALA A 101 -2.76 -4.14 4.72
N GLY A 102 -2.76 -5.42 5.08
CA GLY A 102 -3.20 -6.46 4.15
C GLY A 102 -4.69 -6.30 3.82
N ALA A 103 -5.45 -5.71 4.75
CA ALA A 103 -6.87 -5.50 4.53
C ALA A 103 -7.06 -4.35 3.54
N ALA A 104 -6.18 -3.36 3.60
CA ALA A 104 -6.26 -2.20 2.73
C ALA A 104 -5.82 -2.53 1.32
N ARG A 105 -5.03 -3.61 1.17
CA ARG A 105 -4.58 -4.07 -0.14
C ARG A 105 -5.79 -4.35 -1.01
N ASP A 106 -6.62 -5.28 -0.53
CA ASP A 106 -7.82 -5.68 -1.24
C ASP A 106 -8.82 -4.53 -1.32
N ALA A 107 -8.71 -3.55 -0.42
CA ALA A 107 -9.67 -2.46 -0.32
C ALA A 107 -9.40 -1.32 -1.31
N LEU A 108 -8.14 -1.11 -1.70
CA LEU A 108 -7.77 0.03 -2.54
C LEU A 108 -7.26 -0.41 -3.91
N GLN A 109 -7.31 -1.71 -4.19
CA GLN A 109 -6.89 -2.27 -5.48
C GLN A 109 -7.40 -1.44 -6.67
N GLY A 110 -6.51 -0.71 -7.32
CA GLY A 110 -6.79 0.07 -8.51
C GLY A 110 -7.48 1.42 -8.23
N PHE A 111 -6.99 2.19 -7.24
CA PHE A 111 -7.59 3.49 -6.92
C PHE A 111 -7.47 4.41 -8.14
N LYS A 112 -8.61 4.77 -8.74
CA LYS A 112 -8.66 5.68 -9.88
C LYS A 112 -8.38 7.13 -9.45
N ILE A 113 -7.16 7.35 -9.00
CA ILE A 113 -6.69 8.67 -8.55
C ILE A 113 -6.78 9.67 -9.70
N THR A 114 -6.66 9.19 -10.93
CA THR A 114 -6.92 9.97 -12.14
C THR A 114 -7.20 9.01 -13.29
N GLN A 115 -7.70 9.52 -14.42
CA GLN A 115 -8.17 8.70 -15.52
C GLN A 115 -7.06 7.93 -16.24
N ASN A 116 -5.80 8.18 -15.92
CA ASN A 116 -4.68 7.48 -16.56
C ASN A 116 -3.93 6.61 -15.56
N ASN A 117 -4.37 6.57 -14.29
CA ASN A 117 -3.62 5.93 -13.23
C ASN A 117 -4.54 5.25 -12.22
N ALA A 118 -4.24 4.00 -11.88
CA ALA A 118 -5.03 3.20 -10.94
C ALA A 118 -4.12 2.57 -9.89
N MET A 119 -4.07 3.14 -8.68
CA MET A 119 -3.16 2.68 -7.63
C MET A 119 -3.37 1.20 -7.35
N LYS A 120 -2.45 0.37 -7.84
CA LYS A 120 -2.48 -1.07 -7.58
C LYS A 120 -1.76 -1.37 -6.29
N ILE A 121 -2.44 -2.07 -5.38
CA ILE A 121 -1.90 -2.39 -4.07
C ILE A 121 -1.33 -3.80 -4.08
N SER A 122 -0.18 -4.00 -3.40
CA SER A 122 0.43 -5.31 -3.29
C SER A 122 1.29 -5.35 -2.02
N PHE A 123 1.71 -6.54 -1.59
CA PHE A 123 2.62 -6.65 -0.46
C PHE A 123 4.02 -6.27 -0.92
N ALA A 124 4.65 -5.36 -0.16
CA ALA A 124 6.00 -4.91 -0.44
C ALA A 124 7.03 -5.99 -0.09
N LYS A 125 8.31 -5.73 -0.42
CA LYS A 125 9.41 -6.60 -0.05
C LYS A 125 10.26 -5.90 1.00
N LYS A 126 10.35 -6.49 2.20
CA LYS A 126 11.12 -5.95 3.30
C LYS A 126 12.61 -6.17 3.05
N LEU A 34 15.50 -29.33 0.01
CA LEU A 34 14.06 -29.02 0.04
C LEU A 34 13.69 -28.29 1.34
N MET A 35 13.23 -27.05 1.23
CA MET A 35 12.83 -26.26 2.39
C MET A 35 11.57 -26.83 3.03
N PRO A 36 11.41 -26.66 4.34
CA PRO A 36 10.24 -27.13 5.08
C PRO A 36 9.00 -26.29 4.74
N GLY A 37 7.82 -26.77 5.14
CA GLY A 37 6.58 -26.06 4.94
C GLY A 37 6.22 -25.19 6.15
N GLN A 38 5.10 -24.47 6.05
CA GLN A 38 4.57 -23.62 7.12
C GLN A 38 5.60 -22.61 7.63
N MET A 39 6.55 -22.20 6.79
CA MET A 39 7.56 -21.22 7.17
C MET A 39 6.89 -19.87 7.50
N PRO A 40 7.51 -19.07 8.37
CA PRO A 40 6.99 -17.79 8.82
C PRO A 40 6.96 -16.76 7.68
N PRO A 41 6.20 -15.66 7.84
CA PRO A 41 6.03 -14.64 6.82
C PRO A 41 7.30 -13.93 6.39
N ALA A 42 8.42 -14.24 7.02
CA ALA A 42 9.71 -13.64 6.67
C ALA A 42 10.45 -14.49 5.65
N GLN A 43 9.90 -15.64 5.25
CA GLN A 43 10.47 -16.52 4.24
C GLN A 43 9.43 -17.57 3.79
N PRO A 44 8.20 -17.16 3.46
CA PRO A 44 7.12 -18.07 3.09
C PRO A 44 7.37 -18.68 1.71
N LEU A 45 6.51 -19.64 1.33
CA LEU A 45 6.60 -20.29 0.02
C LEU A 45 6.14 -19.33 -1.09
N SER A 46 5.55 -18.19 -0.72
CA SER A 46 5.11 -17.17 -1.65
C SER A 46 6.30 -16.46 -2.31
N GLU A 47 6.07 -15.79 -3.44
CA GLU A 47 7.11 -15.07 -4.16
C GLU A 47 7.54 -13.80 -3.45
N ASN A 48 6.92 -13.49 -2.30
CA ASN A 48 7.26 -12.32 -1.51
C ASN A 48 6.89 -12.53 -0.04
N PRO A 49 7.77 -12.12 0.88
CA PRO A 49 7.52 -12.09 2.31
C PRO A 49 6.70 -10.85 2.66
N PRO A 50 5.46 -11.01 3.16
CA PRO A 50 4.62 -9.89 3.55
C PRO A 50 5.26 -9.05 4.65
N ASN A 51 4.86 -7.77 4.74
CA ASN A 51 5.34 -6.87 5.76
C ASN A 51 4.33 -5.77 6.04
N HIS A 52 4.63 -4.94 7.04
CA HIS A 52 3.78 -3.89 7.58
C HIS A 52 3.46 -2.78 6.58
N ILE A 53 3.88 -2.91 5.32
CA ILE A 53 3.68 -1.85 4.34
C ILE A 53 3.32 -2.46 3.00
N LEU A 54 2.45 -1.77 2.25
CA LEU A 54 2.05 -2.17 0.92
C LEU A 54 2.88 -1.44 -0.12
N PHE A 55 3.07 -2.07 -1.28
CA PHE A 55 3.69 -1.46 -2.45
C PHE A 55 2.59 -0.94 -3.35
N LEU A 56 2.55 0.38 -3.56
CA LEU A 56 1.60 1.00 -4.47
C LEU A 56 2.24 1.05 -5.85
N THR A 57 1.40 1.00 -6.88
CA THR A 57 1.86 0.95 -8.26
C THR A 57 0.90 1.73 -9.14
N ASN A 58 1.33 2.11 -10.34
CA ASN A 58 0.49 2.79 -11.30
C ASN A 58 -0.01 4.16 -10.82
N LEU A 59 0.66 4.76 -9.83
CA LEU A 59 0.29 6.07 -9.29
C LEU A 59 0.47 7.17 -10.35
N PRO A 60 -0.20 8.32 -10.18
CA PRO A 60 -0.15 9.46 -11.09
C PRO A 60 1.23 10.11 -11.11
N GLU A 61 1.49 10.95 -12.11
CA GLU A 61 2.77 11.64 -12.25
C GLU A 61 2.92 12.82 -11.29
N GLU A 62 1.88 13.12 -10.50
CA GLU A 62 1.90 14.23 -9.56
C GLU A 62 1.72 13.77 -8.11
N THR A 63 1.98 12.49 -7.83
CA THR A 63 1.75 11.96 -6.48
C THR A 63 2.74 12.54 -5.49
N ASN A 64 2.32 12.69 -4.23
CA ASN A 64 3.17 13.11 -3.14
C ASN A 64 2.58 12.61 -1.81
N GLU A 65 3.39 12.68 -0.74
CA GLU A 65 3.03 12.10 0.53
C GLU A 65 1.79 12.75 1.12
N LEU A 66 1.55 14.02 0.80
CA LEU A 66 0.40 14.75 1.31
C LEU A 66 -0.90 14.16 0.76
N MET A 67 -0.95 13.89 -0.55
CA MET A 67 -2.15 13.36 -1.17
C MET A 67 -2.32 11.90 -0.81
N LEU A 68 -1.22 11.15 -0.82
CA LEU A 68 -1.27 9.72 -0.57
C LEU A 68 -1.76 9.44 0.85
N SER A 69 -1.33 10.30 1.78
CA SER A 69 -1.74 10.15 3.17
C SER A 69 -3.23 10.42 3.33
N MET A 70 -3.81 11.37 2.57
CA MET A 70 -5.23 11.67 2.69
C MET A 70 -6.09 10.49 2.25
N LEU A 71 -5.68 9.82 1.17
CA LEU A 71 -6.47 8.75 0.59
C LEU A 71 -6.35 7.46 1.40
N PHE A 72 -5.41 7.42 2.35
CA PHE A 72 -5.31 6.36 3.33
C PHE A 72 -5.82 6.79 4.72
N ASN A 73 -5.76 8.08 5.04
CA ASN A 73 -6.22 8.57 6.33
C ASN A 73 -7.74 8.48 6.44
N GLN A 74 -8.43 8.45 5.30
CA GLN A 74 -9.87 8.33 5.27
C GLN A 74 -10.33 6.89 5.52
N PHE A 75 -9.39 5.93 5.56
CA PHE A 75 -9.71 4.53 5.76
C PHE A 75 -9.81 4.18 7.26
N PRO A 76 -10.44 3.04 7.59
CA PRO A 76 -10.64 2.56 8.95
C PRO A 76 -9.35 2.30 9.74
N GLY A 77 -8.19 2.65 9.16
CA GLY A 77 -6.91 2.44 9.79
C GLY A 77 -5.81 3.13 9.00
N PHE A 78 -4.96 3.91 9.68
CA PHE A 78 -3.82 4.56 9.06
C PHE A 78 -2.74 4.88 10.11
N LYS A 79 -1.48 4.69 9.74
CA LYS A 79 -0.36 5.08 10.60
C LYS A 79 0.57 6.06 9.88
N GLU A 80 1.16 5.65 8.75
CA GLU A 80 2.10 6.51 8.05
C GLU A 80 2.29 6.08 6.60
N VAL A 81 3.14 6.83 5.90
CA VAL A 81 3.40 6.66 4.48
C VAL A 81 4.91 6.73 4.22
N ARG A 82 5.36 6.11 3.13
CA ARG A 82 6.76 6.13 2.73
C ARG A 82 6.86 6.30 1.21
N LEU A 83 7.81 7.13 0.77
CA LEU A 83 8.06 7.37 -0.65
C LEU A 83 9.45 6.90 -1.05
N VAL A 84 9.65 6.70 -2.35
CA VAL A 84 10.91 6.27 -2.93
C VAL A 84 11.28 7.21 -4.08
N PRO A 85 12.53 7.73 -4.10
CA PRO A 85 12.98 8.68 -5.10
C PRO A 85 13.18 8.02 -6.47
N GLY A 86 13.30 8.85 -7.51
CA GLY A 86 13.53 8.39 -8.87
C GLY A 86 12.26 7.86 -9.54
N ARG A 87 11.12 7.90 -8.84
CA ARG A 87 9.85 7.42 -9.35
C ARG A 87 8.68 8.25 -8.84
N HIS A 88 7.51 8.02 -9.44
CA HIS A 88 6.26 8.67 -9.08
C HIS A 88 5.09 7.69 -9.23
N ASP A 89 5.31 6.61 -9.97
CA ASP A 89 4.29 5.61 -10.24
C ASP A 89 4.20 4.56 -9.12
N ILE A 90 5.06 4.67 -8.10
CA ILE A 90 5.08 3.74 -6.98
C ILE A 90 5.29 4.48 -5.66
N ALA A 91 4.82 3.87 -4.58
CA ALA A 91 4.94 4.39 -3.22
C ALA A 91 4.71 3.26 -2.22
N PHE A 92 4.72 3.59 -0.92
CA PHE A 92 4.50 2.62 0.14
C PHE A 92 3.65 3.24 1.24
N VAL A 93 2.80 2.46 1.92
CA VAL A 93 1.92 2.99 2.96
C VAL A 93 1.65 1.96 4.05
N GLU A 94 1.63 2.42 5.31
CA GLU A 94 1.26 1.61 6.46
C GLU A 94 -0.13 1.97 6.95
N PHE A 95 -0.90 0.94 7.26
CA PHE A 95 -2.26 1.08 7.78
C PHE A 95 -2.16 1.20 9.30
N ASP A 96 -3.28 1.08 10.03
CA ASP A 96 -3.30 1.22 11.47
C ASP A 96 -2.17 0.43 12.14
N ASN A 97 -1.89 -0.78 11.63
CA ASN A 97 -0.78 -1.58 12.10
C ASN A 97 -0.34 -2.57 11.02
N GLU A 98 0.71 -3.35 11.30
CA GLU A 98 1.31 -4.24 10.32
C GLU A 98 0.32 -5.30 9.80
N VAL A 99 -0.75 -5.58 10.54
CA VAL A 99 -1.74 -6.57 10.15
C VAL A 99 -2.71 -6.00 9.13
N GLN A 100 -3.29 -4.84 9.45
CA GLN A 100 -4.39 -4.29 8.69
C GLN A 100 -3.98 -3.67 7.35
N ALA A 101 -2.68 -3.57 7.03
CA ALA A 101 -2.33 -3.11 5.70
C ALA A 101 -2.78 -4.15 4.66
N GLY A 102 -2.77 -5.45 5.01
CA GLY A 102 -3.21 -6.47 4.08
C GLY A 102 -4.69 -6.31 3.76
N ALA A 103 -5.47 -5.73 4.69
CA ALA A 103 -6.89 -5.53 4.47
C ALA A 103 -7.09 -4.38 3.48
N ALA A 104 -6.22 -3.38 3.55
CA ALA A 104 -6.30 -2.22 2.69
C ALA A 104 -5.85 -2.55 1.27
N ARG A 105 -5.06 -3.61 1.12
CA ARG A 105 -4.61 -4.05 -0.19
C ARG A 105 -5.83 -4.35 -1.06
N ASP A 106 -6.65 -5.28 -0.59
CA ASP A 106 -7.84 -5.69 -1.29
C ASP A 106 -8.85 -4.55 -1.38
N ALA A 107 -8.74 -3.56 -0.48
CA ALA A 107 -9.71 -2.48 -0.39
C ALA A 107 -9.45 -1.33 -1.35
N LEU A 108 -8.18 -1.11 -1.73
CA LEU A 108 -7.82 0.05 -2.54
C LEU A 108 -7.32 -0.37 -3.92
N GLN A 109 -7.36 -1.67 -4.23
CA GLN A 109 -6.97 -2.20 -5.52
C GLN A 109 -7.50 -1.36 -6.68
N GLY A 110 -6.60 -0.64 -7.36
CA GLY A 110 -6.90 0.14 -8.55
C GLY A 110 -7.56 1.49 -8.26
N PHE A 111 -7.07 2.25 -7.27
CA PHE A 111 -7.64 3.56 -6.95
C PHE A 111 -7.52 4.48 -8.16
N LYS A 112 -8.65 4.87 -8.75
CA LYS A 112 -8.66 5.77 -9.90
C LYS A 112 -8.35 7.22 -9.47
N ILE A 113 -7.12 7.43 -9.01
CA ILE A 113 -6.65 8.73 -8.55
C ILE A 113 -6.62 9.73 -9.71
N THR A 114 -6.44 9.22 -10.94
CA THR A 114 -6.39 10.01 -12.16
C THR A 114 -6.92 9.14 -13.31
N GLN A 115 -7.40 9.76 -14.39
CA GLN A 115 -8.03 9.03 -15.48
C GLN A 115 -7.06 8.06 -16.17
N ASN A 116 -5.74 8.23 -15.97
CA ASN A 116 -4.73 7.38 -16.58
C ASN A 116 -3.96 6.57 -15.53
N ASN A 117 -4.41 6.58 -14.27
CA ASN A 117 -3.66 5.96 -13.18
C ASN A 117 -4.59 5.26 -12.19
N ALA A 118 -4.28 4.01 -11.86
CA ALA A 118 -5.07 3.19 -10.96
C ALA A 118 -4.18 2.57 -9.90
N MET A 119 -4.13 3.14 -8.69
CA MET A 119 -3.24 2.69 -7.63
C MET A 119 -3.43 1.20 -7.37
N LYS A 120 -2.52 0.38 -7.89
CA LYS A 120 -2.54 -1.06 -7.70
C LYS A 120 -1.80 -1.41 -6.42
N ILE A 121 -2.51 -2.02 -5.47
CA ILE A 121 -1.95 -2.36 -4.17
C ILE A 121 -1.35 -3.76 -4.20
N SER A 122 -0.21 -3.96 -3.53
CA SER A 122 0.46 -5.24 -3.44
C SER A 122 1.27 -5.29 -2.14
N PHE A 123 1.71 -6.48 -1.74
CA PHE A 123 2.61 -6.58 -0.60
C PHE A 123 4.00 -6.17 -1.03
N ALA A 124 4.62 -5.28 -0.25
CA ALA A 124 5.97 -4.80 -0.50
C ALA A 124 6.99 -5.83 -0.03
N LYS A 125 8.27 -5.47 -0.13
CA LYS A 125 9.37 -6.24 0.47
C LYS A 125 10.12 -5.31 1.42
N LYS A 126 10.47 -5.79 2.61
CA LYS A 126 11.18 -4.97 3.59
C LYS A 126 12.58 -4.62 3.10
N LEU A 34 -3.26 -31.14 4.72
CA LEU A 34 -1.88 -31.34 4.22
C LEU A 34 -1.01 -30.13 4.58
N MET A 35 -1.30 -28.97 3.97
CA MET A 35 -0.55 -27.74 4.25
C MET A 35 -0.81 -27.27 5.68
N PRO A 36 0.15 -26.57 6.29
CA PRO A 36 0.03 -26.03 7.63
C PRO A 36 -0.96 -24.86 7.66
N GLY A 37 -1.44 -24.53 8.85
CA GLY A 37 -2.37 -23.42 9.05
C GLY A 37 -1.63 -22.14 9.44
N GLN A 38 -2.39 -21.05 9.61
CA GLN A 38 -1.88 -19.76 10.04
C GLN A 38 -0.75 -19.23 9.15
N MET A 39 -0.72 -19.64 7.88
CA MET A 39 0.31 -19.20 6.95
C MET A 39 0.19 -17.70 6.69
N PRO A 40 1.31 -17.03 6.40
CA PRO A 40 1.36 -15.61 6.10
C PRO A 40 0.72 -15.32 4.73
N PRO A 41 0.39 -14.05 4.46
CA PRO A 41 -0.16 -13.61 3.19
C PRO A 41 0.74 -13.97 2.00
N ALA A 42 0.15 -13.97 0.80
CA ALA A 42 0.88 -14.26 -0.43
C ALA A 42 0.19 -13.60 -1.63
N GLN A 43 0.81 -13.76 -2.80
CA GLN A 43 0.34 -13.15 -4.04
C GLN A 43 0.64 -14.06 -5.23
N PRO A 44 -0.16 -13.99 -6.30
CA PRO A 44 0.07 -14.75 -7.53
C PRO A 44 1.28 -14.17 -8.27
N LEU A 45 1.99 -15.04 -9.01
CA LEU A 45 3.16 -14.66 -9.78
C LEU A 45 4.18 -13.87 -8.95
N SER A 46 4.21 -14.10 -7.64
CA SER A 46 5.10 -13.39 -6.73
C SER A 46 5.47 -14.28 -5.54
N GLU A 47 6.59 -13.96 -4.89
CA GLU A 47 7.12 -14.73 -3.77
C GLU A 47 7.67 -13.81 -2.67
N ASN A 48 7.31 -12.51 -2.73
CA ASN A 48 7.82 -11.53 -1.79
C ASN A 48 7.38 -11.83 -0.36
N PRO A 49 8.27 -11.59 0.61
CA PRO A 49 7.95 -11.70 2.04
C PRO A 49 7.06 -10.53 2.44
N PRO A 50 5.86 -10.78 2.99
CA PRO A 50 4.96 -9.74 3.44
C PRO A 50 5.55 -8.89 4.57
N ASN A 51 5.06 -7.65 4.73
CA ASN A 51 5.47 -6.77 5.81
C ASN A 51 4.39 -5.72 6.08
N HIS A 52 4.65 -4.89 7.10
CA HIS A 52 3.75 -3.87 7.61
C HIS A 52 3.45 -2.75 6.60
N ILE A 53 3.91 -2.86 5.35
CA ILE A 53 3.72 -1.80 4.39
C ILE A 53 3.37 -2.40 3.03
N LEU A 54 2.50 -1.71 2.29
CA LEU A 54 2.09 -2.10 0.95
C LEU A 54 2.93 -1.36 -0.08
N PHE A 55 3.16 -2.01 -1.23
CA PHE A 55 3.79 -1.40 -2.38
C PHE A 55 2.70 -0.90 -3.32
N LEU A 56 2.61 0.42 -3.48
CA LEU A 56 1.68 1.02 -4.41
C LEU A 56 2.34 1.10 -5.78
N THR A 57 1.52 1.05 -6.83
CA THR A 57 1.99 1.01 -8.20
C THR A 57 0.99 1.75 -9.07
N ASN A 58 1.37 2.11 -10.30
CA ASN A 58 0.46 2.73 -11.25
C ASN A 58 -0.06 4.09 -10.76
N LEU A 59 0.67 4.74 -9.84
CA LEU A 59 0.33 6.05 -9.31
C LEU A 59 0.50 7.15 -10.38
N PRO A 60 -0.16 8.31 -10.19
CA PRO A 60 -0.12 9.42 -11.13
C PRO A 60 1.27 10.07 -11.16
N GLU A 61 1.50 10.93 -12.16
CA GLU A 61 2.78 11.60 -12.34
C GLU A 61 2.96 12.76 -11.36
N GLU A 62 1.94 13.09 -10.57
CA GLU A 62 1.97 14.21 -9.65
C GLU A 62 1.80 13.77 -8.19
N THR A 63 2.04 12.49 -7.89
CA THR A 63 1.81 11.98 -6.54
C THR A 63 2.81 12.58 -5.55
N ASN A 64 2.39 12.71 -4.30
CA ASN A 64 3.25 13.18 -3.21
C ASN A 64 2.71 12.65 -1.88
N GLU A 65 3.52 12.78 -0.82
CA GLU A 65 3.22 12.14 0.45
C GLU A 65 1.93 12.68 1.06
N LEU A 66 1.61 13.95 0.77
CA LEU A 66 0.44 14.60 1.34
C LEU A 66 -0.85 14.06 0.73
N MET A 67 -0.88 13.81 -0.58
CA MET A 67 -2.09 13.31 -1.22
C MET A 67 -2.29 11.85 -0.88
N LEU A 68 -1.20 11.09 -0.87
CA LEU A 68 -1.26 9.67 -0.61
C LEU A 68 -1.77 9.41 0.80
N SER A 69 -1.36 10.27 1.73
CA SER A 69 -1.79 10.15 3.12
C SER A 69 -3.29 10.43 3.25
N MET A 70 -3.85 11.36 2.46
CA MET A 70 -5.27 11.68 2.55
C MET A 70 -6.13 10.50 2.11
N LEU A 71 -5.70 9.82 1.04
CA LEU A 71 -6.48 8.73 0.46
C LEU A 71 -6.36 7.46 1.28
N PHE A 72 -5.44 7.43 2.24
CA PHE A 72 -5.36 6.38 3.24
C PHE A 72 -5.88 6.83 4.61
N ASN A 73 -5.83 8.12 4.92
CA ASN A 73 -6.32 8.63 6.21
C ASN A 73 -7.84 8.55 6.29
N GLN A 74 -8.52 8.45 5.13
CA GLN A 74 -9.96 8.33 5.09
C GLN A 74 -10.40 6.88 5.37
N PHE A 75 -9.45 5.95 5.47
CA PHE A 75 -9.75 4.55 5.73
C PHE A 75 -9.82 4.28 7.25
N PRO A 76 -10.50 3.20 7.65
CA PRO A 76 -10.68 2.80 9.04
C PRO A 76 -9.38 2.39 9.73
N GLY A 77 -8.23 2.70 9.13
CA GLY A 77 -6.93 2.40 9.70
C GLY A 77 -5.85 3.14 8.92
N PHE A 78 -5.02 3.91 9.62
CA PHE A 78 -3.88 4.60 9.01
C PHE A 78 -2.81 4.90 10.07
N LYS A 79 -1.54 4.66 9.73
CA LYS A 79 -0.43 4.98 10.62
C LYS A 79 0.58 5.92 9.96
N GLU A 80 1.18 5.50 8.84
CA GLU A 80 2.22 6.28 8.18
C GLU A 80 2.28 6.02 6.67
N VAL A 81 3.10 6.81 5.98
CA VAL A 81 3.34 6.69 4.55
C VAL A 81 4.84 6.74 4.28
N ARG A 82 5.26 6.15 3.15
CA ARG A 82 6.67 6.15 2.75
C ARG A 82 6.78 6.32 1.23
N LEU A 83 7.75 7.12 0.80
CA LEU A 83 8.01 7.36 -0.61
C LEU A 83 9.41 6.87 -1.00
N VAL A 84 9.62 6.67 -2.31
CA VAL A 84 10.90 6.24 -2.87
C VAL A 84 11.28 7.19 -4.01
N PRO A 85 12.44 7.84 -3.94
CA PRO A 85 12.94 8.76 -4.96
C PRO A 85 13.13 8.11 -6.33
N GLY A 86 13.29 8.95 -7.35
CA GLY A 86 13.54 8.51 -8.72
C GLY A 86 12.30 7.98 -9.42
N ARG A 87 11.14 7.98 -8.77
CA ARG A 87 9.90 7.48 -9.33
C ARG A 87 8.70 8.28 -8.83
N HIS A 88 7.55 8.06 -9.47
CA HIS A 88 6.29 8.67 -9.13
C HIS A 88 5.14 7.69 -9.27
N ASP A 89 5.37 6.59 -10.01
CA ASP A 89 4.36 5.57 -10.26
C ASP A 89 4.27 4.57 -9.11
N ILE A 90 5.11 4.71 -8.08
CA ILE A 90 5.09 3.82 -6.92
C ILE A 90 5.25 4.60 -5.62
N ALA A 91 4.82 3.96 -4.53
CA ALA A 91 4.93 4.49 -3.18
C ALA A 91 4.71 3.35 -2.19
N PHE A 92 4.71 3.67 -0.90
CA PHE A 92 4.49 2.69 0.15
C PHE A 92 3.63 3.30 1.26
N VAL A 93 2.79 2.49 1.93
CA VAL A 93 1.89 3.01 2.97
C VAL A 93 1.63 1.98 4.06
N GLU A 94 1.56 2.45 5.30
CA GLU A 94 1.20 1.63 6.45
C GLU A 94 -0.20 1.97 6.94
N PHE A 95 -0.95 0.93 7.25
CA PHE A 95 -2.30 1.05 7.76
C PHE A 95 -2.23 1.13 9.29
N ASP A 96 -3.36 1.04 9.99
CA ASP A 96 -3.39 1.17 11.45
C ASP A 96 -2.28 0.38 12.13
N ASN A 97 -1.99 -0.83 11.64
CA ASN A 97 -0.88 -1.62 12.14
C ASN A 97 -0.40 -2.59 11.05
N GLU A 98 0.64 -3.36 11.36
CA GLU A 98 1.28 -4.25 10.39
C GLU A 98 0.32 -5.30 9.83
N VAL A 99 -0.75 -5.61 10.56
CA VAL A 99 -1.72 -6.61 10.12
C VAL A 99 -2.70 -6.02 9.11
N GLN A 100 -3.29 -4.89 9.45
CA GLN A 100 -4.41 -4.32 8.69
C GLN A 100 -3.98 -3.71 7.36
N ALA A 101 -2.69 -3.59 7.05
CA ALA A 101 -2.33 -3.13 5.72
C ALA A 101 -2.75 -4.18 4.68
N GLY A 102 -2.75 -5.47 5.04
CA GLY A 102 -3.17 -6.50 4.11
C GLY A 102 -4.66 -6.36 3.79
N ALA A 103 -5.43 -5.80 4.71
CA ALA A 103 -6.86 -5.59 4.51
C ALA A 103 -7.07 -4.43 3.53
N ALA A 104 -6.19 -3.42 3.60
CA ALA A 104 -6.30 -2.26 2.76
C ALA A 104 -5.84 -2.57 1.33
N ARG A 105 -5.04 -3.63 1.16
CA ARG A 105 -4.60 -4.07 -0.15
C ARG A 105 -5.81 -4.39 -1.00
N ASP A 106 -6.66 -5.30 -0.51
CA ASP A 106 -7.86 -5.70 -1.23
C ASP A 106 -8.85 -4.53 -1.31
N ALA A 107 -8.73 -3.57 -0.39
CA ALA A 107 -9.69 -2.48 -0.27
C ALA A 107 -9.42 -1.33 -1.24
N LEU A 108 -8.18 -1.15 -1.70
CA LEU A 108 -7.82 -0.01 -2.54
C LEU A 108 -7.29 -0.44 -3.90
N GLN A 109 -7.35 -1.75 -4.18
CA GLN A 109 -6.93 -2.30 -5.46
C GLN A 109 -7.46 -1.49 -6.66
N GLY A 110 -6.56 -0.72 -7.30
CA GLY A 110 -6.87 0.07 -8.47
C GLY A 110 -7.56 1.40 -8.17
N PHE A 111 -7.04 2.19 -7.21
CA PHE A 111 -7.63 3.48 -6.88
C PHE A 111 -7.52 4.40 -8.09
N LYS A 112 -8.66 4.75 -8.70
CA LYS A 112 -8.71 5.65 -9.85
C LYS A 112 -8.39 7.09 -9.44
N ILE A 113 -7.14 7.33 -9.03
CA ILE A 113 -6.71 8.64 -8.56
C ILE A 113 -6.82 9.68 -9.68
N THR A 114 -6.67 9.25 -10.93
CA THR A 114 -6.95 10.09 -12.09
C THR A 114 -7.26 9.22 -13.30
N GLN A 115 -7.57 9.85 -14.44
CA GLN A 115 -8.08 9.16 -15.62
C GLN A 115 -7.06 8.22 -16.27
N ASN A 116 -5.76 8.40 -15.98
CA ASN A 116 -4.72 7.61 -16.61
C ASN A 116 -3.99 6.72 -15.61
N ASN A 117 -4.38 6.74 -14.33
CA ASN A 117 -3.63 6.05 -13.29
C ASN A 117 -4.57 5.43 -12.25
N ALA A 118 -4.35 4.16 -11.94
CA ALA A 118 -5.15 3.41 -10.97
C ALA A 118 -4.24 2.71 -9.96
N MET A 119 -4.12 3.23 -8.74
CA MET A 119 -3.19 2.71 -7.75
C MET A 119 -3.40 1.22 -7.50
N LYS A 120 -2.49 0.36 -7.97
CA LYS A 120 -2.52 -1.05 -7.60
C LYS A 120 -1.91 -1.19 -6.21
N ILE A 121 -2.48 -2.07 -5.38
CA ILE A 121 -1.96 -2.34 -4.05
C ILE A 121 -1.35 -3.74 -4.03
N SER A 122 -0.20 -3.90 -3.38
CA SER A 122 0.48 -5.18 -3.26
C SER A 122 1.30 -5.21 -1.98
N PHE A 123 1.72 -6.39 -1.53
CA PHE A 123 2.64 -6.46 -0.40
C PHE A 123 4.03 -6.08 -0.89
N ALA A 124 4.68 -5.17 -0.16
CA ALA A 124 6.04 -4.75 -0.46
C ALA A 124 7.03 -5.86 -0.09
N LYS A 125 8.31 -5.66 -0.42
CA LYS A 125 9.37 -6.55 0.01
C LYS A 125 10.21 -5.86 1.08
N LYS A 126 10.30 -6.48 2.25
CA LYS A 126 11.07 -5.95 3.38
C LYS A 126 12.57 -6.10 3.11
N LEU A 34 7.06 -4.67 13.99
CA LEU A 34 7.65 -5.13 12.72
C LEU A 34 7.57 -6.64 12.60
N MET A 35 7.34 -7.15 11.39
CA MET A 35 7.27 -8.59 11.15
C MET A 35 8.66 -9.21 11.25
N PRO A 36 8.77 -10.41 11.83
CA PRO A 36 10.03 -11.14 11.97
C PRO A 36 10.51 -11.70 10.63
N GLY A 37 9.71 -11.53 9.57
CA GLY A 37 10.02 -12.07 8.25
C GLY A 37 9.67 -13.54 8.14
N GLN A 38 9.68 -14.07 6.91
CA GLN A 38 9.28 -15.43 6.60
C GLN A 38 7.84 -15.74 7.05
N MET A 39 7.07 -14.71 7.40
CA MET A 39 5.69 -14.85 7.81
C MET A 39 4.79 -15.09 6.60
N PRO A 40 3.65 -15.78 6.78
CA PRO A 40 2.67 -15.94 5.73
C PRO A 40 1.97 -14.62 5.47
N PRO A 41 1.49 -14.39 4.23
CA PRO A 41 0.81 -13.16 3.86
C PRO A 41 -0.59 -13.11 4.47
N ALA A 42 -1.08 -11.90 4.72
CA ALA A 42 -2.42 -11.70 5.28
C ALA A 42 -3.51 -11.83 4.22
N GLN A 43 -3.13 -12.10 2.97
CA GLN A 43 -4.04 -12.25 1.85
C GLN A 43 -3.45 -13.22 0.83
N PRO A 44 -4.29 -13.89 0.03
CA PRO A 44 -3.87 -14.77 -1.04
C PRO A 44 -3.26 -13.98 -2.19
N LEU A 45 -2.77 -14.69 -3.22
CA LEU A 45 -2.17 -14.10 -4.41
C LEU A 45 -1.04 -13.14 -4.06
N SER A 46 -0.22 -13.51 -3.08
CA SER A 46 0.95 -12.73 -2.69
C SER A 46 2.02 -12.79 -3.78
N GLU A 47 3.02 -11.92 -3.69
CA GLU A 47 4.10 -11.86 -4.68
C GLU A 47 5.42 -11.44 -4.05
N ASN A 48 5.43 -11.20 -2.73
CA ASN A 48 6.61 -10.75 -1.99
C ASN A 48 6.54 -11.22 -0.54
N PRO A 49 7.69 -11.23 0.14
CA PRO A 49 7.76 -11.44 1.58
C PRO A 49 6.94 -10.33 2.24
N PRO A 50 5.88 -10.66 2.98
CA PRO A 50 4.96 -9.67 3.53
C PRO A 50 5.59 -8.90 4.68
N ASN A 51 5.17 -7.63 4.83
CA ASN A 51 5.58 -6.76 5.93
C ASN A 51 4.51 -5.72 6.22
N HIS A 52 4.79 -4.85 7.19
CA HIS A 52 3.89 -3.82 7.69
C HIS A 52 3.52 -2.76 6.65
N ILE A 53 3.93 -2.92 5.39
CA ILE A 53 3.71 -1.89 4.39
C ILE A 53 3.35 -2.53 3.05
N LEU A 54 2.51 -1.83 2.28
CA LEU A 54 2.11 -2.22 0.94
C LEU A 54 2.90 -1.46 -0.10
N PHE A 55 3.10 -2.08 -1.26
CA PHE A 55 3.69 -1.46 -2.43
C PHE A 55 2.56 -0.95 -3.31
N LEU A 56 2.60 0.34 -3.64
CA LEU A 56 1.66 0.95 -4.55
C LEU A 56 2.29 1.04 -5.92
N THR A 57 1.44 0.98 -6.96
CA THR A 57 1.87 0.98 -8.34
C THR A 57 0.81 1.76 -9.12
N ASN A 58 1.13 2.24 -10.33
CA ASN A 58 0.16 2.99 -11.12
C ASN A 58 -0.32 4.23 -10.39
N LEU A 59 0.61 5.07 -9.95
CA LEU A 59 0.31 6.35 -9.33
C LEU A 59 0.49 7.49 -10.33
N PRO A 60 -0.18 8.63 -10.13
CA PRO A 60 -0.15 9.77 -11.05
C PRO A 60 1.24 10.41 -11.07
N GLU A 61 1.49 11.25 -12.08
CA GLU A 61 2.78 11.92 -12.21
C GLU A 61 2.93 13.10 -11.25
N GLU A 62 1.90 13.37 -10.45
CA GLU A 62 1.89 14.47 -9.49
C GLU A 62 1.73 13.99 -8.05
N THR A 63 2.00 12.70 -7.79
CA THR A 63 1.80 12.15 -6.46
C THR A 63 2.80 12.73 -5.48
N ASN A 64 2.38 12.85 -4.21
CA ASN A 64 3.24 13.30 -3.12
C ASN A 64 2.72 12.76 -1.80
N GLU A 65 3.51 12.87 -0.74
CA GLU A 65 3.22 12.22 0.52
C GLU A 65 1.91 12.72 1.12
N LEU A 66 1.59 14.00 0.90
CA LEU A 66 0.40 14.62 1.46
C LEU A 66 -0.87 14.03 0.85
N MET A 67 -0.90 13.82 -0.47
CA MET A 67 -2.11 13.32 -1.12
C MET A 67 -2.29 11.85 -0.82
N LEU A 68 -1.19 11.09 -0.82
CA LEU A 68 -1.24 9.65 -0.61
C LEU A 68 -1.74 9.37 0.81
N SER A 69 -1.31 10.21 1.75
CA SER A 69 -1.73 10.07 3.13
C SER A 69 -3.23 10.36 3.28
N MET A 70 -3.79 11.29 2.51
CA MET A 70 -5.21 11.61 2.60
C MET A 70 -6.07 10.44 2.13
N LEU A 71 -5.65 9.78 1.06
CA LEU A 71 -6.44 8.70 0.47
C LEU A 71 -6.33 7.42 1.28
N PHE A 72 -5.39 7.37 2.23
CA PHE A 72 -5.32 6.30 3.21
C PHE A 72 -5.82 6.73 4.59
N ASN A 73 -5.79 8.03 4.91
CA ASN A 73 -6.27 8.51 6.20
C ASN A 73 -7.79 8.47 6.27
N GLN A 74 -8.46 8.42 5.11
CA GLN A 74 -9.91 8.32 5.04
C GLN A 74 -10.38 6.89 5.32
N PHE A 75 -9.44 5.94 5.42
CA PHE A 75 -9.76 4.54 5.69
C PHE A 75 -9.83 4.29 7.21
N PRO A 76 -10.50 3.21 7.62
CA PRO A 76 -10.70 2.83 9.00
C PRO A 76 -9.40 2.42 9.70
N GLY A 77 -8.25 2.71 9.09
CA GLY A 77 -6.95 2.41 9.65
C GLY A 77 -5.86 3.13 8.87
N PHE A 78 -5.01 3.87 9.57
CA PHE A 78 -3.89 4.56 8.95
C PHE A 78 -2.78 4.80 9.99
N LYS A 79 -1.52 4.60 9.60
CA LYS A 79 -0.39 4.86 10.47
C LYS A 79 0.58 5.84 9.82
N GLU A 80 1.18 5.47 8.69
CA GLU A 80 2.20 6.29 8.03
C GLU A 80 2.25 6.02 6.53
N VAL A 81 3.02 6.84 5.82
CA VAL A 81 3.28 6.70 4.40
C VAL A 81 4.78 6.73 4.15
N ARG A 82 5.23 6.11 3.06
CA ARG A 82 6.64 5.99 2.70
C ARG A 82 6.80 6.20 1.19
N LEU A 83 7.65 7.16 0.81
CA LEU A 83 7.93 7.44 -0.60
C LEU A 83 9.32 6.94 -0.99
N VAL A 84 9.53 6.78 -2.30
CA VAL A 84 10.81 6.38 -2.87
C VAL A 84 11.21 7.35 -3.98
N PRO A 85 12.36 8.02 -3.85
CA PRO A 85 12.86 8.99 -4.82
C PRO A 85 13.09 8.38 -6.21
N GLY A 86 13.19 9.25 -7.22
CA GLY A 86 13.46 8.86 -8.59
C GLY A 86 12.24 8.29 -9.30
N ARG A 87 11.09 8.24 -8.62
CA ARG A 87 9.86 7.68 -9.19
C ARG A 87 8.64 8.46 -8.69
N HIS A 88 7.52 8.24 -9.37
CA HIS A 88 6.23 8.82 -9.02
C HIS A 88 5.10 7.81 -9.24
N ASP A 89 5.40 6.70 -9.94
CA ASP A 89 4.42 5.70 -10.30
C ASP A 89 4.26 4.65 -9.21
N ILE A 90 5.08 4.73 -8.15
CA ILE A 90 5.09 3.79 -7.05
C ILE A 90 5.29 4.50 -5.72
N ALA A 91 4.83 3.87 -4.64
CA ALA A 91 4.96 4.37 -3.29
C ALA A 91 4.74 3.24 -2.29
N PHE A 92 4.74 3.58 -0.99
CA PHE A 92 4.53 2.61 0.08
C PHE A 92 3.65 3.24 1.16
N VAL A 93 2.83 2.43 1.85
CA VAL A 93 1.92 2.96 2.87
C VAL A 93 1.66 1.95 3.97
N GLU A 94 1.59 2.42 5.22
CA GLU A 94 1.23 1.61 6.37
C GLU A 94 -0.17 1.96 6.84
N PHE A 95 -0.92 0.92 7.17
CA PHE A 95 -2.29 1.06 7.65
C PHE A 95 -2.23 1.16 9.17
N ASP A 96 -3.38 1.06 9.85
CA ASP A 96 -3.47 1.21 11.31
C ASP A 96 -2.29 0.57 12.04
N ASN A 97 -1.90 -0.63 11.61
CA ASN A 97 -0.72 -1.31 12.11
C ASN A 97 -0.22 -2.33 11.09
N GLU A 98 0.85 -3.06 11.44
CA GLU A 98 1.50 -3.98 10.52
C GLU A 98 0.56 -5.09 10.03
N VAL A 99 -0.51 -5.37 10.78
CA VAL A 99 -1.46 -6.42 10.41
C VAL A 99 -2.46 -5.94 9.37
N GLN A 100 -3.11 -4.82 9.65
CA GLN A 100 -4.24 -4.35 8.86
C GLN A 100 -3.86 -3.78 7.50
N ALA A 101 -2.58 -3.65 7.14
CA ALA A 101 -2.27 -3.20 5.80
C ALA A 101 -2.74 -4.25 4.79
N GLY A 102 -2.76 -5.53 5.15
CA GLY A 102 -3.22 -6.57 4.22
C GLY A 102 -4.70 -6.39 3.90
N ALA A 103 -5.47 -5.84 4.84
CA ALA A 103 -6.89 -5.60 4.63
C ALA A 103 -7.08 -4.47 3.63
N ALA A 104 -6.18 -3.47 3.68
CA ALA A 104 -6.26 -2.32 2.81
C ALA A 104 -5.82 -2.66 1.39
N ARG A 105 -5.02 -3.72 1.23
CA ARG A 105 -4.58 -4.18 -0.07
C ARG A 105 -5.78 -4.43 -0.95
N ASP A 106 -6.62 -5.37 -0.53
CA ASP A 106 -7.81 -5.72 -1.28
C ASP A 106 -8.81 -4.55 -1.31
N ALA A 107 -8.71 -3.63 -0.36
CA ALA A 107 -9.66 -2.55 -0.22
C ALA A 107 -9.42 -1.39 -1.19
N LEU A 108 -8.17 -1.14 -1.58
CA LEU A 108 -7.83 0.00 -2.41
C LEU A 108 -7.37 -0.42 -3.79
N GLN A 109 -7.41 -1.73 -4.09
CA GLN A 109 -7.06 -2.25 -5.40
C GLN A 109 -7.75 -1.45 -6.53
N GLY A 110 -6.95 -0.68 -7.28
CA GLY A 110 -7.43 0.06 -8.44
C GLY A 110 -7.97 1.45 -8.13
N PHE A 111 -7.30 2.23 -7.27
CA PHE A 111 -7.76 3.58 -6.96
C PHE A 111 -7.62 4.46 -8.21
N LYS A 112 -8.74 4.89 -8.78
CA LYS A 112 -8.74 5.77 -9.95
C LYS A 112 -8.33 7.20 -9.55
N ILE A 113 -7.07 7.38 -9.14
CA ILE A 113 -6.61 8.68 -8.70
C ILE A 113 -6.65 9.68 -9.85
N THR A 114 -6.44 9.21 -11.09
CA THR A 114 -6.63 10.02 -12.28
C THR A 114 -6.91 9.13 -13.49
N GLN A 115 -7.12 9.74 -14.66
CA GLN A 115 -7.60 9.06 -15.85
C GLN A 115 -6.59 8.08 -16.46
N ASN A 116 -5.31 8.20 -16.12
CA ASN A 116 -4.27 7.37 -16.72
C ASN A 116 -3.62 6.43 -15.70
N ASN A 117 -4.14 6.38 -14.46
CA ASN A 117 -3.49 5.65 -13.38
C ASN A 117 -4.51 5.05 -12.42
N ALA A 118 -4.26 3.80 -12.01
CA ALA A 118 -5.08 3.10 -11.03
C ALA A 118 -4.19 2.52 -9.94
N MET A 119 -4.22 3.08 -8.73
CA MET A 119 -3.34 2.63 -7.66
C MET A 119 -3.55 1.14 -7.41
N LYS A 120 -2.56 0.34 -7.79
CA LYS A 120 -2.57 -1.10 -7.55
C LYS A 120 -1.84 -1.39 -6.25
N ILE A 121 -2.50 -2.14 -5.36
CA ILE A 121 -1.97 -2.45 -4.05
C ILE A 121 -1.38 -3.85 -4.03
N SER A 122 -0.23 -4.03 -3.39
CA SER A 122 0.40 -5.33 -3.24
C SER A 122 1.29 -5.35 -2.00
N PHE A 123 1.75 -6.51 -1.57
CA PHE A 123 2.70 -6.57 -0.48
C PHE A 123 4.05 -6.07 -0.97
N ALA A 124 4.67 -5.16 -0.22
CA ALA A 124 6.03 -4.72 -0.49
C ALA A 124 6.98 -5.81 -0.01
N LYS A 125 8.23 -5.82 -0.49
CA LYS A 125 9.23 -6.71 0.08
C LYS A 125 10.09 -5.93 1.06
N LYS A 126 10.36 -6.52 2.23
CA LYS A 126 11.19 -5.88 3.25
C LYS A 126 12.66 -5.90 2.85
N LEU A 34 9.65 -24.69 12.60
CA LEU A 34 9.55 -23.29 12.14
C LEU A 34 9.29 -23.25 10.63
N MET A 35 8.86 -22.08 10.12
CA MET A 35 8.59 -21.91 8.71
C MET A 35 9.89 -21.92 7.90
N PRO A 36 9.83 -22.35 6.62
CA PRO A 36 10.98 -22.40 5.74
C PRO A 36 11.44 -21.00 5.31
N GLY A 37 10.63 -19.97 5.59
CA GLY A 37 10.92 -18.60 5.20
C GLY A 37 10.67 -18.37 3.71
N GLN A 38 10.79 -17.12 3.28
CA GLN A 38 10.54 -16.71 1.90
C GLN A 38 9.14 -17.12 1.41
N MET A 39 8.24 -17.42 2.34
CA MET A 39 6.87 -17.82 2.00
C MET A 39 6.08 -16.61 1.51
N PRO A 40 5.07 -16.84 0.65
CA PRO A 40 4.21 -15.80 0.12
C PRO A 40 3.29 -15.25 1.21
N PRO A 41 2.64 -14.10 0.96
CA PRO A 41 1.71 -13.47 1.88
C PRO A 41 0.49 -14.35 2.15
N ALA A 42 -0.36 -13.91 3.08
CA ALA A 42 -1.59 -14.61 3.44
C ALA A 42 -2.63 -14.53 2.32
N GLN A 43 -2.30 -13.88 1.20
CA GLN A 43 -3.20 -13.69 0.07
C GLN A 43 -2.44 -13.86 -1.25
N PRO A 44 -3.14 -14.27 -2.32
CA PRO A 44 -2.56 -14.53 -3.63
C PRO A 44 -2.17 -13.23 -4.33
N LEU A 45 -1.78 -13.35 -5.61
CA LEU A 45 -1.37 -12.24 -6.47
C LEU A 45 -0.10 -11.54 -5.95
N SER A 46 0.64 -12.21 -5.06
CA SER A 46 1.91 -11.73 -4.55
C SER A 46 2.73 -12.90 -4.03
N GLU A 47 4.06 -12.76 -4.04
CA GLU A 47 4.97 -13.83 -3.60
C GLU A 47 6.08 -13.29 -2.70
N ASN A 48 6.10 -11.98 -2.42
CA ASN A 48 7.10 -11.40 -1.55
C ASN A 48 6.82 -11.76 -0.10
N PRO A 49 7.86 -11.78 0.75
CA PRO A 49 7.70 -11.90 2.19
C PRO A 49 7.00 -10.63 2.67
N PRO A 50 5.84 -10.77 3.33
CA PRO A 50 5.01 -9.63 3.70
C PRO A 50 5.64 -8.81 4.84
N ASN A 51 5.20 -7.56 4.96
CA ASN A 51 5.63 -6.66 6.02
C ASN A 51 4.55 -5.62 6.30
N HIS A 52 4.82 -4.76 7.28
CA HIS A 52 3.90 -3.74 7.78
C HIS A 52 3.56 -2.65 6.75
N ILE A 53 3.97 -2.82 5.48
CA ILE A 53 3.77 -1.78 4.49
C ILE A 53 3.42 -2.43 3.15
N LEU A 54 2.58 -1.75 2.37
CA LEU A 54 2.17 -2.18 1.05
C LEU A 54 3.00 -1.46 -0.01
N PHE A 55 3.17 -2.10 -1.17
CA PHE A 55 3.78 -1.50 -2.35
C PHE A 55 2.66 -1.02 -3.27
N LEU A 56 2.63 0.28 -3.52
CA LEU A 56 1.67 0.86 -4.45
C LEU A 56 2.31 0.91 -5.82
N THR A 57 1.47 0.86 -6.86
CA THR A 57 1.92 0.80 -8.24
C THR A 57 0.95 1.59 -9.10
N ASN A 58 1.38 1.99 -10.30
CA ASN A 58 0.53 2.68 -11.26
C ASN A 58 0.00 4.02 -10.73
N LEU A 59 0.71 4.67 -9.81
CA LEU A 59 0.36 5.97 -9.27
C LEU A 59 0.50 7.05 -10.35
N PRO A 60 -0.18 8.20 -10.17
CA PRO A 60 -0.15 9.33 -11.10
C PRO A 60 1.22 10.03 -11.07
N GLU A 61 1.45 10.95 -12.01
CA GLU A 61 2.72 11.67 -12.05
C GLU A 61 2.76 12.79 -11.01
N GLU A 62 1.59 13.25 -10.53
CA GLU A 62 1.51 14.33 -9.55
C GLU A 62 1.48 13.82 -8.11
N THR A 63 1.82 12.56 -7.87
CA THR A 63 1.68 11.99 -6.53
C THR A 63 2.68 12.62 -5.55
N ASN A 64 2.28 12.72 -4.29
CA ASN A 64 3.14 13.19 -3.21
C ASN A 64 2.61 12.68 -1.87
N GLU A 65 3.40 12.81 -0.81
CA GLU A 65 3.09 12.22 0.48
C GLU A 65 1.80 12.78 1.06
N LEU A 66 1.49 14.05 0.80
CA LEU A 66 0.32 14.68 1.36
C LEU A 66 -0.96 14.07 0.77
N MET A 67 -0.99 13.81 -0.54
CA MET A 67 -2.18 13.28 -1.19
C MET A 67 -2.36 11.81 -0.85
N LEU A 68 -1.25 11.07 -0.85
CA LEU A 68 -1.29 9.63 -0.62
C LEU A 68 -1.79 9.35 0.79
N SER A 69 -1.37 10.21 1.73
CA SER A 69 -1.77 10.07 3.11
C SER A 69 -3.26 10.35 3.26
N MET A 70 -3.84 11.29 2.50
CA MET A 70 -5.27 11.59 2.60
C MET A 70 -6.12 10.42 2.16
N LEU A 71 -5.70 9.74 1.08
CA LEU A 71 -6.49 8.67 0.51
C LEU A 71 -6.36 7.38 1.32
N PHE A 72 -5.42 7.36 2.27
CA PHE A 72 -5.33 6.30 3.27
C PHE A 72 -5.85 6.74 4.63
N ASN A 73 -5.82 8.04 4.93
CA ASN A 73 -6.31 8.54 6.22
C ASN A 73 -7.84 8.45 6.30
N GLN A 74 -8.50 8.37 5.14
CA GLN A 74 -9.95 8.24 5.10
C GLN A 74 -10.39 6.80 5.38
N PHE A 75 -9.43 5.87 5.47
CA PHE A 75 -9.73 4.48 5.74
C PHE A 75 -9.80 4.22 7.25
N PRO A 76 -10.44 3.11 7.65
CA PRO A 76 -10.61 2.70 9.04
C PRO A 76 -9.29 2.31 9.72
N GLY A 77 -8.16 2.67 9.12
CA GLY A 77 -6.85 2.41 9.68
C GLY A 77 -5.76 3.15 8.89
N PHE A 78 -4.93 3.93 9.58
CA PHE A 78 -3.82 4.63 8.97
C PHE A 78 -2.75 4.93 10.01
N LYS A 79 -1.47 4.71 9.65
CA LYS A 79 -0.36 5.05 10.52
C LYS A 79 0.61 6.01 9.83
N GLU A 80 1.22 5.60 8.71
CA GLU A 80 2.22 6.41 8.02
C GLU A 80 2.30 6.08 6.53
N VAL A 81 3.04 6.91 5.80
CA VAL A 81 3.33 6.74 4.39
C VAL A 81 4.83 6.83 4.14
N ARG A 82 5.31 6.19 3.07
CA ARG A 82 6.72 6.23 2.70
C ARG A 82 6.89 6.44 1.19
N LEU A 83 7.83 7.30 0.81
CA LEU A 83 8.12 7.61 -0.58
C LEU A 83 9.55 7.20 -0.97
N VAL A 84 9.77 7.10 -2.28
CA VAL A 84 11.03 6.67 -2.87
C VAL A 84 11.47 7.72 -3.90
N PRO A 85 12.76 8.05 -3.98
CA PRO A 85 13.26 9.05 -4.91
C PRO A 85 13.31 8.53 -6.35
N GLY A 86 13.34 9.48 -7.31
CA GLY A 86 13.59 9.18 -8.70
C GLY A 86 12.41 8.57 -9.48
N ARG A 87 11.20 8.55 -8.91
CA ARG A 87 10.05 7.97 -9.60
C ARG A 87 8.75 8.67 -9.23
N HIS A 88 7.61 8.16 -9.72
CA HIS A 88 6.30 8.70 -9.37
C HIS A 88 5.19 7.65 -9.42
N ASP A 89 5.46 6.49 -10.04
CA ASP A 89 4.44 5.46 -10.29
C ASP A 89 4.34 4.45 -9.15
N ILE A 90 5.18 4.54 -8.12
CA ILE A 90 5.16 3.60 -7.00
C ILE A 90 5.38 4.33 -5.68
N ALA A 91 4.89 3.74 -4.59
CA ALA A 91 5.02 4.29 -3.25
C ALA A 91 4.78 3.19 -2.22
N PHE A 92 4.80 3.54 -0.93
CA PHE A 92 4.57 2.60 0.14
C PHE A 92 3.70 3.24 1.22
N VAL A 93 2.86 2.44 1.91
CA VAL A 93 1.97 2.99 2.93
C VAL A 93 1.70 1.97 4.03
N GLU A 94 1.64 2.46 5.28
CA GLU A 94 1.28 1.67 6.44
C GLU A 94 -0.11 2.01 6.92
N PHE A 95 -0.84 0.97 7.28
CA PHE A 95 -2.20 1.08 7.78
C PHE A 95 -2.14 1.15 9.31
N ASP A 96 -3.27 1.07 10.01
CA ASP A 96 -3.32 1.21 11.47
C ASP A 96 -2.20 0.44 12.16
N ASN A 97 -1.90 -0.78 11.68
CA ASN A 97 -0.79 -1.56 12.20
C ASN A 97 -0.32 -2.55 11.13
N GLU A 98 0.73 -3.31 11.43
CA GLU A 98 1.37 -4.20 10.47
C GLU A 98 0.41 -5.28 9.94
N VAL A 99 -0.68 -5.56 10.66
CA VAL A 99 -1.65 -6.56 10.23
C VAL A 99 -2.61 -5.99 9.20
N GLN A 100 -3.20 -4.85 9.53
CA GLN A 100 -4.31 -4.30 8.74
C GLN A 100 -3.88 -3.70 7.41
N ALA A 101 -2.57 -3.56 7.10
CA ALA A 101 -2.22 -3.11 5.78
C ALA A 101 -2.66 -4.16 4.75
N GLY A 102 -2.64 -5.44 5.09
CA GLY A 102 -3.08 -6.48 4.16
C GLY A 102 -4.57 -6.33 3.83
N ALA A 103 -5.35 -5.76 4.76
CA ALA A 103 -6.77 -5.57 4.55
C ALA A 103 -6.98 -4.44 3.55
N ALA A 104 -6.11 -3.42 3.60
CA ALA A 104 -6.22 -2.28 2.72
C ALA A 104 -5.78 -2.63 1.30
N ARG A 105 -4.97 -3.69 1.16
CA ARG A 105 -4.52 -4.16 -0.14
C ARG A 105 -5.72 -4.46 -1.02
N ASP A 106 -6.56 -5.38 -0.55
CA ASP A 106 -7.76 -5.78 -1.27
C ASP A 106 -8.76 -4.63 -1.34
N ALA A 107 -8.66 -3.67 -0.42
CA ALA A 107 -9.62 -2.58 -0.32
C ALA A 107 -9.36 -1.43 -1.29
N LEU A 108 -8.11 -1.23 -1.69
CA LEU A 108 -7.75 -0.07 -2.53
C LEU A 108 -7.25 -0.50 -3.90
N GLN A 109 -7.29 -1.80 -4.21
CA GLN A 109 -6.88 -2.34 -5.49
C GLN A 109 -7.40 -1.50 -6.67
N GLY A 110 -6.50 -0.77 -7.34
CA GLY A 110 -6.80 0.00 -8.53
C GLY A 110 -7.49 1.35 -8.23
N PHE A 111 -7.00 2.13 -7.27
CA PHE A 111 -7.58 3.43 -6.96
C PHE A 111 -7.47 4.34 -8.17
N LYS A 112 -8.60 4.70 -8.79
CA LYS A 112 -8.64 5.60 -9.93
C LYS A 112 -8.35 7.05 -9.51
N ILE A 113 -7.12 7.28 -9.06
CA ILE A 113 -6.67 8.58 -8.58
C ILE A 113 -6.76 9.62 -9.70
N THR A 114 -6.58 9.18 -10.96
CA THR A 114 -6.84 10.02 -12.13
C THR A 114 -7.13 9.13 -13.34
N GLN A 115 -7.42 9.75 -14.48
CA GLN A 115 -7.93 9.05 -15.65
C GLN A 115 -6.93 8.06 -16.26
N ASN A 116 -5.64 8.21 -15.99
CA ASN A 116 -4.60 7.39 -16.59
C ASN A 116 -3.89 6.50 -15.56
N ASN A 117 -4.32 6.51 -14.29
CA ASN A 117 -3.58 5.84 -13.23
C ASN A 117 -4.52 5.18 -12.21
N ALA A 118 -4.23 3.93 -11.88
CA ALA A 118 -5.02 3.15 -10.94
C ALA A 118 -4.13 2.52 -9.88
N MET A 119 -4.06 3.09 -8.67
CA MET A 119 -3.16 2.63 -7.62
C MET A 119 -3.38 1.14 -7.34
N LYS A 120 -2.47 0.30 -7.83
CA LYS A 120 -2.52 -1.13 -7.57
C LYS A 120 -1.77 -1.42 -6.27
N ILE A 121 -2.41 -2.16 -5.37
CA ILE A 121 -1.86 -2.46 -4.06
C ILE A 121 -1.26 -3.87 -4.05
N SER A 122 -0.13 -4.03 -3.38
CA SER A 122 0.53 -5.33 -3.25
C SER A 122 1.36 -5.35 -1.96
N PHE A 123 1.78 -6.52 -1.50
CA PHE A 123 2.67 -6.59 -0.36
C PHE A 123 4.08 -6.17 -0.80
N ALA A 124 4.68 -5.25 -0.04
CA ALA A 124 6.03 -4.80 -0.33
C ALA A 124 7.03 -5.90 0.03
N LYS A 125 8.31 -5.67 -0.25
CA LYS A 125 9.37 -6.57 0.15
C LYS A 125 10.34 -5.85 1.09
N LYS A 126 10.41 -6.33 2.33
CA LYS A 126 11.26 -5.75 3.36
C LYS A 126 12.73 -6.00 3.06
N LEU A 34 -16.07 -16.47 18.19
CA LEU A 34 -15.58 -15.37 17.34
C LEU A 34 -14.05 -15.36 17.31
N MET A 35 -13.47 -14.98 16.16
CA MET A 35 -12.02 -14.93 16.00
C MET A 35 -11.40 -13.88 16.92
N PRO A 36 -10.13 -14.05 17.30
CA PRO A 36 -9.42 -13.09 18.16
C PRO A 36 -9.10 -11.80 17.41
N GLY A 37 -9.23 -11.81 16.07
CA GLY A 37 -8.96 -10.66 15.23
C GLY A 37 -7.45 -10.41 15.09
N GLN A 38 -7.09 -9.44 14.24
CA GLN A 38 -5.70 -9.08 13.97
C GLN A 38 -4.86 -10.29 13.58
N MET A 39 -5.48 -11.33 13.02
CA MET A 39 -4.78 -12.53 12.60
C MET A 39 -3.92 -12.25 11.37
N PRO A 40 -2.80 -12.97 11.21
CA PRO A 40 -1.90 -12.82 10.08
C PRO A 40 -2.54 -13.37 8.80
N PRO A 41 -2.04 -12.94 7.63
CA PRO A 41 -2.53 -13.38 6.34
C PRO A 41 -2.21 -14.86 6.11
N ALA A 42 -3.15 -15.60 5.51
CA ALA A 42 -2.97 -17.02 5.23
C ALA A 42 -2.41 -17.23 3.82
N GLN A 43 -2.20 -16.15 3.07
CA GLN A 43 -1.84 -16.22 1.67
C GLN A 43 -1.34 -14.86 1.21
N PRO A 44 -0.15 -14.78 0.59
CA PRO A 44 0.42 -13.52 0.16
C PRO A 44 -0.30 -12.97 -1.08
N LEU A 45 -0.89 -13.85 -1.89
CA LEU A 45 -1.60 -13.47 -3.11
C LEU A 45 -0.72 -12.59 -4.02
N SER A 46 0.60 -12.65 -3.80
CA SER A 46 1.58 -11.81 -4.48
C SER A 46 2.90 -12.58 -4.64
N GLU A 47 3.80 -12.06 -5.48
CA GLU A 47 5.09 -12.69 -5.74
C GLU A 47 6.10 -12.45 -4.60
N ASN A 48 5.63 -12.03 -3.42
CA ASN A 48 6.50 -11.71 -2.31
C ASN A 48 5.81 -11.93 -0.96
N PRO A 49 6.58 -12.15 0.10
CA PRO A 49 6.08 -12.21 1.47
C PRO A 49 5.58 -10.84 1.91
N PRO A 50 4.58 -10.79 2.79
CA PRO A 50 3.99 -9.56 3.28
C PRO A 50 4.84 -8.92 4.40
N ASN A 51 4.63 -7.62 4.63
CA ASN A 51 5.16 -6.88 5.76
C ASN A 51 4.19 -5.77 6.14
N HIS A 52 4.57 -4.97 7.14
CA HIS A 52 3.75 -3.89 7.69
C HIS A 52 3.46 -2.78 6.68
N ILE A 53 3.85 -2.93 5.41
CA ILE A 53 3.68 -1.87 4.44
C ILE A 53 3.33 -2.48 3.08
N LEU A 54 2.52 -1.75 2.31
CA LEU A 54 2.14 -2.12 0.96
C LEU A 54 3.03 -1.39 -0.06
N PHE A 55 3.11 -1.96 -1.26
CA PHE A 55 3.75 -1.35 -2.41
C PHE A 55 2.66 -0.88 -3.36
N LEU A 56 2.55 0.43 -3.54
CA LEU A 56 1.62 1.02 -4.49
C LEU A 56 2.30 1.05 -5.85
N THR A 57 1.47 1.00 -6.90
CA THR A 57 1.95 0.93 -8.27
C THR A 57 0.99 1.70 -9.17
N ASN A 58 1.45 2.10 -10.35
CA ASN A 58 0.61 2.77 -11.33
C ASN A 58 0.07 4.13 -10.83
N LEU A 59 0.72 4.74 -9.83
CA LEU A 59 0.36 6.05 -9.32
C LEU A 59 0.52 7.13 -10.39
N PRO A 60 -0.14 8.30 -10.22
CA PRO A 60 -0.07 9.41 -11.15
C PRO A 60 1.31 10.05 -11.16
N GLU A 61 1.57 10.89 -12.17
CA GLU A 61 2.84 11.58 -12.30
C GLU A 61 2.96 12.78 -11.36
N GLU A 62 1.90 13.06 -10.59
CA GLU A 62 1.87 14.18 -9.66
C GLU A 62 1.70 13.74 -8.20
N THR A 63 1.95 12.47 -7.89
CA THR A 63 1.72 11.96 -6.55
C THR A 63 2.67 12.60 -5.55
N ASN A 64 2.21 12.80 -4.32
CA ASN A 64 3.02 13.28 -3.22
C ASN A 64 2.42 12.81 -1.90
N GLU A 65 3.18 12.92 -0.82
CA GLU A 65 2.81 12.34 0.47
C GLU A 65 1.53 12.95 1.01
N LEU A 66 1.25 14.20 0.69
CA LEU A 66 0.06 14.88 1.19
C LEU A 66 -1.21 14.29 0.59
N MET A 67 -1.20 13.99 -0.72
CA MET A 67 -2.38 13.43 -1.37
C MET A 67 -2.53 11.97 -1.02
N LEU A 68 -1.40 11.25 -1.01
CA LEU A 68 -1.39 9.82 -0.78
C LEU A 68 -1.90 9.53 0.63
N SER A 69 -1.45 10.34 1.60
CA SER A 69 -1.86 10.16 2.97
C SER A 69 -3.36 10.40 3.14
N MET A 70 -3.95 11.36 2.41
CA MET A 70 -5.39 11.63 2.55
C MET A 70 -6.23 10.43 2.11
N LEU A 71 -5.86 9.83 0.98
CA LEU A 71 -6.64 8.74 0.40
C LEU A 71 -6.47 7.43 1.16
N PHE A 72 -5.49 7.40 2.08
CA PHE A 72 -5.34 6.31 3.02
C PHE A 72 -5.74 6.68 4.45
N ASN A 73 -5.76 7.96 4.81
CA ASN A 73 -6.13 8.37 6.15
C ASN A 73 -7.64 8.22 6.36
N GLN A 74 -8.41 8.17 5.26
CA GLN A 74 -9.85 7.99 5.31
C GLN A 74 -10.23 6.55 5.66
N PHE A 75 -9.25 5.65 5.76
CA PHE A 75 -9.50 4.24 6.04
C PHE A 75 -9.63 3.96 7.54
N PRO A 76 -10.17 2.78 7.89
CA PRO A 76 -10.35 2.31 9.26
C PRO A 76 -9.07 2.23 10.09
N GLY A 77 -7.94 2.70 9.56
CA GLY A 77 -6.67 2.69 10.25
C GLY A 77 -5.60 3.31 9.37
N PHE A 78 -4.70 4.09 9.98
CA PHE A 78 -3.58 4.72 9.31
C PHE A 78 -2.46 4.97 10.31
N LYS A 79 -1.22 4.66 9.93
CA LYS A 79 -0.07 4.80 10.80
C LYS A 79 0.98 5.71 10.17
N GLU A 80 1.45 5.38 8.96
CA GLU A 80 2.46 6.16 8.26
C GLU A 80 2.39 5.95 6.75
N VAL A 81 3.18 6.75 6.02
CA VAL A 81 3.35 6.65 4.58
C VAL A 81 4.84 6.73 4.25
N ARG A 82 5.25 6.10 3.16
CA ARG A 82 6.65 6.03 2.76
C ARG A 82 6.78 6.25 1.26
N LEU A 83 7.57 7.26 0.87
CA LEU A 83 7.84 7.53 -0.55
C LEU A 83 9.24 7.05 -0.91
N VAL A 84 9.48 6.88 -2.22
CA VAL A 84 10.78 6.48 -2.76
C VAL A 84 11.16 7.43 -3.89
N PRO A 85 12.38 8.00 -3.86
CA PRO A 85 12.85 8.96 -4.84
C PRO A 85 13.14 8.30 -6.18
N GLY A 86 13.20 9.12 -7.25
CA GLY A 86 13.50 8.67 -8.59
C GLY A 86 12.29 8.04 -9.29
N ARG A 87 11.14 7.97 -8.60
CA ARG A 87 9.92 7.40 -9.14
C ARG A 87 8.72 8.25 -8.74
N HIS A 88 7.57 7.97 -9.36
CA HIS A 88 6.31 8.65 -9.07
C HIS A 88 5.14 7.69 -9.20
N ASP A 89 5.33 6.60 -9.93
CA ASP A 89 4.30 5.60 -10.18
C ASP A 89 4.24 4.57 -9.05
N ILE A 90 5.11 4.69 -8.04
CA ILE A 90 5.15 3.75 -6.92
C ILE A 90 5.34 4.47 -5.60
N ALA A 91 4.86 3.85 -4.52
CA ALA A 91 4.97 4.37 -3.16
C ALA A 91 4.73 3.24 -2.16
N PHE A 92 4.71 3.58 -0.86
CA PHE A 92 4.51 2.62 0.22
C PHE A 92 3.64 3.25 1.31
N VAL A 93 2.83 2.45 2.01
CA VAL A 93 1.91 2.96 3.04
C VAL A 93 1.64 1.95 4.14
N GLU A 94 1.52 2.43 5.39
CA GLU A 94 1.24 1.61 6.56
C GLU A 94 -0.11 1.94 7.19
N PHE A 95 -0.81 0.89 7.62
CA PHE A 95 -2.04 1.02 8.39
C PHE A 95 -1.74 0.97 9.89
N ASP A 96 -2.78 1.13 10.70
CA ASP A 96 -2.68 1.28 12.15
C ASP A 96 -1.74 0.23 12.76
N ASN A 97 -1.66 -0.95 12.12
CA ASN A 97 -0.70 -1.96 12.53
C ASN A 97 -0.33 -2.82 11.31
N GLU A 98 0.70 -3.67 11.47
CA GLU A 98 1.25 -4.44 10.35
C GLU A 98 0.23 -5.37 9.70
N VAL A 99 -0.86 -5.70 10.40
CA VAL A 99 -1.89 -6.58 9.86
C VAL A 99 -2.83 -5.85 8.93
N GLN A 100 -3.28 -4.67 9.35
CA GLN A 100 -4.34 -3.95 8.65
C GLN A 100 -3.89 -3.39 7.30
N ALA A 101 -2.58 -3.37 7.01
CA ALA A 101 -2.18 -2.92 5.68
C ALA A 101 -2.62 -3.96 4.65
N GLY A 102 -2.67 -5.24 5.02
CA GLY A 102 -3.13 -6.27 4.10
C GLY A 102 -4.60 -6.09 3.76
N ALA A 103 -5.38 -5.53 4.69
CA ALA A 103 -6.79 -5.27 4.46
C ALA A 103 -6.94 -4.13 3.45
N ALA A 104 -6.00 -3.17 3.51
CA ALA A 104 -6.00 -2.01 2.64
C ALA A 104 -5.63 -2.41 1.21
N ARG A 105 -4.90 -3.52 1.05
CA ARG A 105 -4.47 -4.00 -0.24
C ARG A 105 -5.68 -4.28 -1.12
N ASP A 106 -6.52 -5.20 -0.65
CA ASP A 106 -7.71 -5.60 -1.37
C ASP A 106 -8.71 -4.45 -1.45
N ALA A 107 -8.60 -3.48 -0.53
CA ALA A 107 -9.58 -2.41 -0.41
C ALA A 107 -9.38 -1.27 -1.42
N LEU A 108 -8.16 -1.10 -1.93
CA LEU A 108 -7.85 0.02 -2.82
C LEU A 108 -7.32 -0.44 -4.17
N GLN A 109 -7.30 -1.76 -4.42
CA GLN A 109 -6.84 -2.33 -5.67
C GLN A 109 -7.34 -1.55 -6.90
N GLY A 110 -6.45 -0.73 -7.47
CA GLY A 110 -6.71 0.04 -8.67
C GLY A 110 -7.44 1.37 -8.40
N PHE A 111 -6.98 2.18 -7.43
CA PHE A 111 -7.60 3.47 -7.15
C PHE A 111 -7.49 4.38 -8.36
N LYS A 112 -8.62 4.74 -8.98
CA LYS A 112 -8.66 5.66 -10.10
C LYS A 112 -8.35 7.09 -9.66
N ILE A 113 -7.12 7.33 -9.22
CA ILE A 113 -6.69 8.65 -8.75
C ILE A 113 -6.78 9.66 -9.90
N THR A 114 -6.63 9.19 -11.13
CA THR A 114 -6.87 9.99 -12.34
C THR A 114 -7.15 9.03 -13.50
N GLN A 115 -7.64 9.54 -14.63
CA GLN A 115 -8.09 8.71 -15.73
C GLN A 115 -6.97 7.94 -16.42
N ASN A 116 -5.71 8.20 -16.09
CA ASN A 116 -4.59 7.53 -16.71
C ASN A 116 -3.84 6.65 -15.71
N ASN A 117 -4.31 6.60 -14.46
CA ASN A 117 -3.57 5.93 -13.39
C ASN A 117 -4.51 5.25 -12.40
N ALA A 118 -4.17 4.01 -12.03
CA ALA A 118 -4.96 3.20 -11.12
C ALA A 118 -4.06 2.61 -10.02
N MET A 119 -4.04 3.20 -8.82
CA MET A 119 -3.17 2.75 -7.75
C MET A 119 -3.37 1.27 -7.48
N LYS A 120 -2.45 0.45 -7.99
CA LYS A 120 -2.47 -0.99 -7.79
C LYS A 120 -1.75 -1.34 -6.51
N ILE A 121 -2.48 -1.92 -5.55
CA ILE A 121 -1.93 -2.26 -4.25
C ILE A 121 -1.33 -3.66 -4.28
N SER A 122 -0.20 -3.85 -3.61
CA SER A 122 0.45 -5.14 -3.49
C SER A 122 1.26 -5.16 -2.19
N PHE A 123 1.72 -6.32 -1.76
CA PHE A 123 2.63 -6.36 -0.63
C PHE A 123 3.99 -5.86 -1.08
N ALA A 124 4.63 -5.06 -0.23
CA ALA A 124 6.02 -4.69 -0.42
C ALA A 124 6.88 -5.84 0.11
N LYS A 125 8.19 -5.77 -0.08
CA LYS A 125 9.11 -6.72 0.55
C LYS A 125 10.11 -5.96 1.40
N LYS A 126 10.15 -6.27 2.70
CA LYS A 126 11.03 -5.58 3.64
C LYS A 126 12.49 -5.92 3.41
N LEU A 34 -6.28 -20.67 22.49
CA LEU A 34 -6.43 -20.65 21.02
C LEU A 34 -5.37 -19.74 20.39
N MET A 35 -5.13 -19.91 19.10
CA MET A 35 -4.15 -19.10 18.37
C MET A 35 -4.66 -17.67 18.24
N PRO A 36 -3.74 -16.69 18.12
CA PRO A 36 -4.08 -15.29 17.97
C PRO A 36 -4.81 -15.06 16.66
N GLY A 37 -5.89 -14.27 16.69
CA GLY A 37 -6.65 -13.92 15.50
C GLY A 37 -6.18 -12.59 14.91
N GLN A 38 -5.44 -11.80 15.69
CA GLN A 38 -4.82 -10.57 15.22
C GLN A 38 -3.52 -10.90 14.47
N MET A 39 -3.27 -12.19 14.24
CA MET A 39 -2.04 -12.67 13.65
C MET A 39 -1.88 -12.14 12.21
N PRO A 40 -0.68 -11.67 11.83
CA PRO A 40 -0.40 -11.18 10.49
C PRO A 40 -0.44 -12.31 9.46
N PRO A 41 -0.62 -11.98 8.18
CA PRO A 41 -0.67 -12.94 7.09
C PRO A 41 0.70 -13.60 6.87
N ALA A 42 0.69 -14.73 6.17
CA ALA A 42 1.91 -15.48 5.86
C ALA A 42 1.83 -16.13 4.47
N GLN A 43 0.71 -15.94 3.77
CA GLN A 43 0.46 -16.51 2.45
C GLN A 43 -0.37 -15.54 1.62
N PRO A 44 0.16 -14.34 1.34
CA PRO A 44 -0.55 -13.29 0.62
C PRO A 44 -0.71 -13.65 -0.86
N LEU A 45 -1.58 -12.92 -1.55
CA LEU A 45 -1.81 -13.10 -2.98
C LEU A 45 -0.66 -12.52 -3.81
N SER A 46 0.12 -11.62 -3.21
CA SER A 46 1.27 -11.02 -3.87
C SER A 46 2.42 -12.01 -4.01
N GLU A 47 3.31 -11.78 -4.97
CA GLU A 47 4.48 -12.62 -5.20
C GLU A 47 5.59 -12.32 -4.19
N ASN A 48 5.36 -11.36 -3.28
CA ASN A 48 6.34 -10.95 -2.30
C ASN A 48 5.91 -11.35 -0.89
N PRO A 49 6.88 -11.59 0.02
CA PRO A 49 6.64 -11.83 1.42
C PRO A 49 5.82 -10.69 2.05
N PRO A 50 4.92 -10.99 3.00
CA PRO A 50 4.10 -9.99 3.65
C PRO A 50 4.90 -9.18 4.66
N ASN A 51 4.51 -7.93 4.86
CA ASN A 51 5.17 -7.00 5.76
C ASN A 51 4.22 -5.88 6.18
N HIS A 52 4.70 -5.00 7.05
CA HIS A 52 3.94 -3.89 7.60
C HIS A 52 3.66 -2.79 6.58
N ILE A 53 4.04 -2.99 5.31
CA ILE A 53 3.85 -1.94 4.32
C ILE A 53 3.48 -2.53 2.97
N LEU A 54 2.67 -1.77 2.23
CA LEU A 54 2.22 -2.10 0.89
C LEU A 54 3.03 -1.32 -0.13
N PHE A 55 3.25 -1.93 -1.30
CA PHE A 55 3.86 -1.27 -2.45
C PHE A 55 2.74 -0.77 -3.34
N LEU A 56 2.70 0.55 -3.57
CA LEU A 56 1.73 1.16 -4.46
C LEU A 56 2.38 1.32 -5.83
N THR A 57 1.57 1.23 -6.88
CA THR A 57 2.04 1.25 -8.26
C THR A 57 1.02 2.03 -9.08
N ASN A 58 1.37 2.50 -10.28
CA ASN A 58 0.43 3.25 -11.11
C ASN A 58 -0.09 4.49 -10.38
N LEU A 59 0.81 5.35 -9.89
CA LEU A 59 0.44 6.60 -9.27
C LEU A 59 0.54 7.74 -10.28
N PRO A 60 -0.19 8.85 -10.07
CA PRO A 60 -0.20 9.99 -10.97
C PRO A 60 1.17 10.64 -11.08
N GLU A 61 1.38 11.47 -12.11
CA GLU A 61 2.65 12.15 -12.32
C GLU A 61 2.83 13.30 -11.32
N GLU A 62 1.82 13.55 -10.48
CA GLU A 62 1.88 14.60 -9.46
C GLU A 62 1.73 14.04 -8.05
N THR A 63 2.02 12.75 -7.85
CA THR A 63 1.84 12.15 -6.53
C THR A 63 2.80 12.76 -5.51
N ASN A 64 2.34 12.85 -4.26
CA ASN A 64 3.14 13.32 -3.14
C ASN A 64 2.53 12.79 -1.85
N GLU A 65 3.25 12.95 -0.74
CA GLU A 65 2.87 12.35 0.54
C GLU A 65 1.54 12.91 1.02
N LEU A 66 1.23 14.16 0.66
CA LEU A 66 0.00 14.81 1.11
C LEU A 66 -1.22 14.14 0.47
N MET A 67 -1.16 13.79 -0.82
CA MET A 67 -2.29 13.19 -1.51
C MET A 67 -2.42 11.72 -1.15
N LEU A 68 -1.29 11.02 -1.09
CA LEU A 68 -1.30 9.58 -0.82
C LEU A 68 -1.80 9.34 0.59
N SER A 69 -1.43 10.22 1.52
CA SER A 69 -1.86 10.08 2.89
C SER A 69 -3.37 10.32 3.02
N MET A 70 -3.96 11.21 2.22
CA MET A 70 -5.40 11.46 2.28
C MET A 70 -6.20 10.24 1.85
N LEU A 71 -5.71 9.54 0.82
CA LEU A 71 -6.43 8.41 0.27
C LEU A 71 -6.26 7.15 1.13
N PHE A 72 -5.35 7.21 2.11
CA PHE A 72 -5.23 6.19 3.12
C PHE A 72 -5.76 6.65 4.49
N ASN A 73 -5.78 7.96 4.76
CA ASN A 73 -6.29 8.47 6.02
C ASN A 73 -7.81 8.40 6.07
N GLN A 74 -8.45 8.29 4.90
CA GLN A 74 -9.90 8.16 4.82
C GLN A 74 -10.34 6.72 5.13
N PHE A 75 -9.38 5.82 5.34
CA PHE A 75 -9.67 4.42 5.67
C PHE A 75 -9.70 4.22 7.19
N PRO A 76 -10.38 3.16 7.65
CA PRO A 76 -10.55 2.82 9.05
C PRO A 76 -9.24 2.41 9.73
N GLY A 77 -8.10 2.69 9.10
CA GLY A 77 -6.80 2.38 9.66
C GLY A 77 -5.71 3.10 8.87
N PHE A 78 -4.86 3.87 9.56
CA PHE A 78 -3.74 4.55 8.95
C PHE A 78 -2.65 4.84 9.99
N LYS A 79 -1.37 4.64 9.63
CA LYS A 79 -0.27 5.00 10.49
C LYS A 79 0.72 5.96 9.81
N GLU A 80 1.34 5.53 8.72
CA GLU A 80 2.38 6.33 8.04
C GLU A 80 2.44 6.03 6.55
N VAL A 81 3.28 6.81 5.86
CA VAL A 81 3.52 6.72 4.43
C VAL A 81 5.02 6.84 4.18
N ARG A 82 5.52 6.20 3.12
CA ARG A 82 6.95 6.24 2.79
C ARG A 82 7.12 6.38 1.29
N LEU A 83 7.75 7.48 0.85
CA LEU A 83 7.98 7.74 -0.56
C LEU A 83 9.37 7.30 -0.99
N VAL A 84 9.57 7.13 -2.31
CA VAL A 84 10.86 6.74 -2.88
C VAL A 84 11.21 7.70 -4.01
N PRO A 85 12.44 8.26 -4.01
CA PRO A 85 12.89 9.23 -4.99
C PRO A 85 13.14 8.58 -6.35
N GLY A 86 13.29 9.42 -7.38
CA GLY A 86 13.57 8.98 -8.74
C GLY A 86 12.33 8.46 -9.46
N ARG A 87 11.17 8.44 -8.78
CA ARG A 87 9.92 7.98 -9.36
C ARG A 87 8.74 8.79 -8.85
N HIS A 88 7.59 8.62 -9.51
CA HIS A 88 6.34 9.24 -9.14
C HIS A 88 5.20 8.22 -9.22
N ASP A 89 5.46 7.08 -9.86
CA ASP A 89 4.44 6.07 -10.16
C ASP A 89 4.39 4.97 -9.10
N ILE A 90 5.21 5.07 -8.04
CA ILE A 90 5.23 4.09 -6.97
C ILE A 90 5.43 4.76 -5.62
N ALA A 91 5.00 4.08 -4.56
CA ALA A 91 5.11 4.57 -3.19
C ALA A 91 4.90 3.41 -2.22
N PHE A 92 4.93 3.70 -0.91
CA PHE A 92 4.71 2.71 0.14
C PHE A 92 3.86 3.31 1.24
N VAL A 93 3.03 2.51 1.90
CA VAL A 93 2.12 3.02 2.93
C VAL A 93 1.84 1.98 4.02
N GLU A 94 1.80 2.44 5.26
CA GLU A 94 1.42 1.62 6.40
C GLU A 94 0.02 1.99 6.88
N PHE A 95 -0.74 0.95 7.22
CA PHE A 95 -2.10 1.09 7.68
C PHE A 95 -2.08 1.24 9.20
N ASP A 96 -3.21 1.07 9.88
CA ASP A 96 -3.30 1.22 11.33
C ASP A 96 -2.13 0.54 12.04
N ASN A 97 -1.74 -0.64 11.56
CA ASN A 97 -0.55 -1.34 12.06
C ASN A 97 -0.08 -2.36 11.03
N GLU A 98 0.98 -3.11 11.36
CA GLU A 98 1.59 -4.04 10.43
C GLU A 98 0.63 -5.13 9.96
N VAL A 99 -0.43 -5.40 10.72
CA VAL A 99 -1.40 -6.43 10.35
C VAL A 99 -2.39 -5.93 9.33
N GLN A 100 -3.01 -4.79 9.60
CA GLN A 100 -4.14 -4.30 8.82
C GLN A 100 -3.74 -3.72 7.46
N ALA A 101 -2.46 -3.59 7.13
CA ALA A 101 -2.12 -3.15 5.78
C ALA A 101 -2.54 -4.23 4.77
N GLY A 102 -2.53 -5.51 5.16
CA GLY A 102 -2.95 -6.57 4.24
C GLY A 102 -4.44 -6.43 3.92
N ALA A 103 -5.21 -5.90 4.85
CA ALA A 103 -6.64 -5.70 4.65
C ALA A 103 -6.85 -4.54 3.67
N ALA A 104 -5.97 -3.54 3.73
CA ALA A 104 -6.09 -2.36 2.90
C ALA A 104 -5.65 -2.66 1.47
N ARG A 105 -4.82 -3.69 1.28
CA ARG A 105 -4.38 -4.10 -0.04
C ARG A 105 -5.60 -4.42 -0.89
N ASP A 106 -6.42 -5.35 -0.39
CA ASP A 106 -7.61 -5.78 -1.08
C ASP A 106 -8.65 -4.66 -1.13
N ALA A 107 -8.56 -3.69 -0.20
CA ALA A 107 -9.55 -2.64 -0.08
C ALA A 107 -9.31 -1.47 -1.04
N LEU A 108 -8.07 -1.27 -1.48
CA LEU A 108 -7.71 -0.16 -2.35
C LEU A 108 -7.21 -0.65 -3.71
N GLN A 109 -7.26 -1.96 -3.93
CA GLN A 109 -6.83 -2.59 -5.17
C GLN A 109 -7.35 -1.82 -6.39
N GLY A 110 -6.44 -1.14 -7.11
CA GLY A 110 -6.77 -0.41 -8.32
C GLY A 110 -7.51 0.89 -8.03
N PHE A 111 -7.02 1.70 -7.07
CA PHE A 111 -7.71 2.92 -6.68
C PHE A 111 -7.60 3.96 -7.79
N LYS A 112 -8.73 4.54 -8.19
CA LYS A 112 -8.80 5.48 -9.30
C LYS A 112 -8.30 6.87 -8.91
N ILE A 113 -6.99 7.00 -8.62
CA ILE A 113 -6.42 8.28 -8.27
C ILE A 113 -6.49 9.24 -9.46
N THR A 114 -6.28 8.71 -10.68
CA THR A 114 -6.32 9.49 -11.92
C THR A 114 -6.81 8.60 -13.05
N GLN A 115 -7.41 9.18 -14.09
CA GLN A 115 -8.02 8.42 -15.17
C GLN A 115 -6.99 7.64 -16.00
N ASN A 116 -5.70 7.94 -15.83
CA ASN A 116 -4.62 7.27 -16.56
C ASN A 116 -3.73 6.44 -15.64
N ASN A 117 -4.06 6.37 -14.34
CA ASN A 117 -3.24 5.68 -13.35
C ASN A 117 -4.11 5.19 -12.19
N ALA A 118 -4.25 3.86 -12.08
CA ALA A 118 -5.01 3.24 -11.00
C ALA A 118 -4.04 2.70 -9.95
N MET A 119 -4.07 3.23 -8.73
CA MET A 119 -3.11 2.81 -7.72
C MET A 119 -3.33 1.35 -7.36
N LYS A 120 -2.41 0.51 -7.83
CA LYS A 120 -2.42 -0.92 -7.55
C LYS A 120 -1.70 -1.20 -6.24
N ILE A 121 -2.39 -1.90 -5.34
CA ILE A 121 -1.88 -2.19 -4.01
C ILE A 121 -1.30 -3.61 -3.99
N SER A 122 -0.15 -3.79 -3.35
CA SER A 122 0.49 -5.10 -3.25
C SER A 122 1.38 -5.15 -2.02
N PHE A 123 1.80 -6.33 -1.58
CA PHE A 123 2.78 -6.40 -0.51
C PHE A 123 4.15 -6.02 -1.06
N ALA A 124 4.82 -5.10 -0.38
CA ALA A 124 6.13 -4.62 -0.79
C ALA A 124 7.19 -5.69 -0.56
N LYS A 125 8.31 -5.61 -1.30
CA LYS A 125 9.42 -6.52 -1.09
C LYS A 125 10.17 -6.07 0.17
N LYS A 126 9.92 -6.74 1.28
CA LYS A 126 10.50 -6.39 2.57
C LYS A 126 12.00 -6.63 2.60
N LEU A 34 -10.22 -9.76 19.28
CA LEU A 34 -9.56 -10.77 18.43
C LEU A 34 -8.66 -10.10 17.41
N MET A 35 -7.76 -10.89 16.79
CA MET A 35 -6.83 -10.44 15.75
C MET A 35 -6.18 -9.09 16.07
N PRO A 36 -5.58 -8.93 17.26
CA PRO A 36 -4.97 -7.69 17.69
C PRO A 36 -3.71 -7.39 16.86
N GLY A 37 -3.21 -6.16 16.95
CA GLY A 37 -2.03 -5.75 16.20
C GLY A 37 -0.74 -6.38 16.74
N GLN A 38 -0.83 -7.17 17.82
CA GLN A 38 0.29 -7.93 18.31
C GLN A 38 0.59 -9.12 17.39
N MET A 39 -0.32 -9.38 16.45
CA MET A 39 -0.17 -10.45 15.49
C MET A 39 0.78 -10.05 14.36
N PRO A 40 1.43 -11.02 13.71
CA PRO A 40 2.28 -10.78 12.56
C PRO A 40 1.45 -10.33 11.36
N PRO A 41 2.09 -9.80 10.31
CA PRO A 41 1.44 -9.33 9.10
C PRO A 41 0.55 -10.40 8.46
N ALA A 42 -0.43 -9.96 7.66
CA ALA A 42 -1.35 -10.85 6.97
C ALA A 42 -0.61 -11.74 5.97
N GLN A 43 -1.26 -12.83 5.54
CA GLN A 43 -0.66 -13.75 4.58
C GLN A 43 -0.43 -13.05 3.25
N PRO A 44 0.65 -13.40 2.52
CA PRO A 44 1.03 -12.78 1.27
C PRO A 44 0.08 -13.13 0.14
N LEU A 45 0.11 -12.32 -0.91
CA LEU A 45 -0.67 -12.53 -2.12
C LEU A 45 0.09 -11.95 -3.32
N SER A 46 1.42 -11.96 -3.22
CA SER A 46 2.33 -11.44 -4.23
C SER A 46 3.64 -12.20 -4.18
N GLU A 47 4.55 -11.95 -5.13
CA GLU A 47 5.84 -12.63 -5.20
C GLU A 47 6.78 -12.15 -4.09
N ASN A 48 6.34 -11.21 -3.25
CA ASN A 48 7.14 -10.68 -2.16
C ASN A 48 6.68 -11.26 -0.82
N PRO A 49 7.60 -11.35 0.16
CA PRO A 49 7.27 -11.68 1.54
C PRO A 49 6.46 -10.51 2.13
N PRO A 50 5.53 -10.78 3.06
CA PRO A 50 4.67 -9.76 3.62
C PRO A 50 5.41 -8.92 4.67
N ASN A 51 4.97 -7.68 4.84
CA ASN A 51 5.46 -6.78 5.89
C ASN A 51 4.40 -5.72 6.20
N HIS A 52 4.72 -4.85 7.16
CA HIS A 52 3.84 -3.81 7.68
C HIS A 52 3.51 -2.73 6.65
N ILE A 53 3.93 -2.88 5.40
CA ILE A 53 3.73 -1.83 4.41
C ILE A 53 3.37 -2.45 3.06
N LEU A 54 2.55 -1.73 2.29
CA LEU A 54 2.15 -2.13 0.95
C LEU A 54 2.93 -1.35 -0.09
N PHE A 55 3.17 -1.96 -1.25
CA PHE A 55 3.77 -1.32 -2.41
C PHE A 55 2.65 -0.84 -3.33
N LEU A 56 2.58 0.47 -3.55
CA LEU A 56 1.62 1.05 -4.48
C LEU A 56 2.26 1.11 -5.85
N THR A 57 1.43 1.05 -6.90
CA THR A 57 1.90 1.00 -8.27
C THR A 57 0.93 1.76 -9.15
N ASN A 58 1.36 2.16 -10.35
CA ASN A 58 0.51 2.86 -11.31
C ASN A 58 0.01 4.23 -10.82
N LEU A 59 0.67 4.82 -9.81
CA LEU A 59 0.32 6.13 -9.29
C LEU A 59 0.49 7.23 -10.34
N PRO A 60 -0.19 8.38 -10.16
CA PRO A 60 -0.12 9.51 -11.09
C PRO A 60 1.27 10.15 -11.10
N GLU A 61 1.51 11.02 -12.09
CA GLU A 61 2.83 11.66 -12.24
C GLU A 61 3.03 12.81 -11.26
N GLU A 62 2.00 13.18 -10.50
CA GLU A 62 2.05 14.30 -9.57
C GLU A 62 1.81 13.86 -8.13
N THR A 63 2.02 12.59 -7.82
CA THR A 63 1.76 12.07 -6.48
C THR A 63 2.73 12.66 -5.46
N ASN A 64 2.28 12.80 -4.22
CA ASN A 64 3.10 13.25 -3.11
C ASN A 64 2.50 12.77 -1.79
N GLU A 65 3.27 12.88 -0.71
CA GLU A 65 2.90 12.30 0.57
C GLU A 65 1.62 12.93 1.12
N LEU A 66 1.35 14.19 0.80
CA LEU A 66 0.18 14.88 1.29
C LEU A 66 -1.09 14.28 0.70
N MET A 67 -1.09 13.97 -0.60
CA MET A 67 -2.27 13.41 -1.24
C MET A 67 -2.43 11.95 -0.87
N LEU A 68 -1.31 11.22 -0.87
CA LEU A 68 -1.33 9.79 -0.61
C LEU A 68 -1.83 9.52 0.81
N SER A 69 -1.43 10.38 1.74
CA SER A 69 -1.84 10.24 3.13
C SER A 69 -3.33 10.49 3.27
N MET A 70 -3.92 11.42 2.50
CA MET A 70 -5.34 11.70 2.63
C MET A 70 -6.19 10.53 2.18
N LEU A 71 -5.76 9.84 1.11
CA LEU A 71 -6.53 8.74 0.54
C LEU A 71 -6.37 7.45 1.34
N PHE A 72 -5.43 7.44 2.28
CA PHE A 72 -5.33 6.36 3.26
C PHE A 72 -5.82 6.78 4.65
N ASN A 73 -5.76 8.08 4.98
CA ASN A 73 -6.21 8.56 6.27
C ASN A 73 -7.74 8.48 6.37
N GLN A 74 -8.42 8.43 5.23
CA GLN A 74 -9.88 8.33 5.21
C GLN A 74 -10.33 6.88 5.45
N PHE A 75 -9.39 5.93 5.48
CA PHE A 75 -9.73 4.53 5.69
C PHE A 75 -9.83 4.19 7.18
N PRO A 76 -10.47 3.05 7.51
CA PRO A 76 -10.67 2.57 8.87
C PRO A 76 -9.37 2.28 9.64
N GLY A 77 -8.22 2.64 9.06
CA GLY A 77 -6.93 2.40 9.68
C GLY A 77 -5.83 3.13 8.89
N PHE A 78 -4.98 3.87 9.60
CA PHE A 78 -3.85 4.55 9.01
C PHE A 78 -2.76 4.80 10.05
N LYS A 79 -1.49 4.59 9.70
CA LYS A 79 -0.38 4.91 10.59
C LYS A 79 0.60 5.88 9.96
N GLU A 80 1.15 5.54 8.79
CA GLU A 80 2.19 6.35 8.18
C GLU A 80 2.30 6.07 6.67
N VAL A 81 3.16 6.84 5.99
CA VAL A 81 3.39 6.73 4.56
C VAL A 81 4.89 6.76 4.27
N ARG A 82 5.31 6.16 3.15
CA ARG A 82 6.70 6.06 2.77
C ARG A 82 6.85 6.27 1.27
N LEU A 83 7.63 7.27 0.87
CA LEU A 83 7.89 7.53 -0.55
C LEU A 83 9.28 7.05 -0.94
N VAL A 84 9.49 6.84 -2.23
CA VAL A 84 10.79 6.44 -2.78
C VAL A 84 11.15 7.36 -3.95
N PRO A 85 12.38 7.91 -3.96
CA PRO A 85 12.85 8.82 -4.97
C PRO A 85 13.09 8.12 -6.31
N GLY A 86 13.21 8.91 -7.39
CA GLY A 86 13.50 8.42 -8.73
C GLY A 86 12.26 7.86 -9.43
N ARG A 87 11.12 7.81 -8.74
CA ARG A 87 9.86 7.33 -9.32
C ARG A 87 8.70 8.19 -8.84
N HIS A 88 7.53 7.97 -9.45
CA HIS A 88 6.30 8.68 -9.11
C HIS A 88 5.10 7.75 -9.22
N ASP A 89 5.24 6.67 -10.00
CA ASP A 89 4.19 5.70 -10.22
C ASP A 89 4.16 4.65 -9.10
N ILE A 90 5.03 4.78 -8.10
CA ILE A 90 5.10 3.83 -6.99
C ILE A 90 5.31 4.56 -5.67
N ALA A 91 4.84 3.94 -4.58
CA ALA A 91 4.97 4.47 -3.24
C ALA A 91 4.75 3.34 -2.22
N PHE A 92 4.76 3.67 -0.94
CA PHE A 92 4.56 2.70 0.14
C PHE A 92 3.69 3.34 1.23
N VAL A 93 2.86 2.54 1.91
CA VAL A 93 1.97 3.07 2.94
C VAL A 93 1.68 2.03 4.02
N GLU A 94 1.60 2.49 5.27
CA GLU A 94 1.25 1.66 6.42
C GLU A 94 -0.16 2.00 6.88
N PHE A 95 -0.92 0.95 7.18
CA PHE A 95 -2.27 1.07 7.69
C PHE A 95 -2.20 1.17 9.21
N ASP A 96 -3.32 1.07 9.92
CA ASP A 96 -3.36 1.23 11.37
C ASP A 96 -2.21 0.50 12.05
N ASN A 97 -1.89 -0.72 11.58
CA ASN A 97 -0.74 -1.46 12.08
C ASN A 97 -0.30 -2.49 11.03
N GLU A 98 0.76 -3.24 11.33
CA GLU A 98 1.36 -4.17 10.38
C GLU A 98 0.39 -5.26 9.91
N VAL A 99 -0.69 -5.50 10.67
CA VAL A 99 -1.67 -6.52 10.30
C VAL A 99 -2.63 -5.99 9.25
N GLN A 100 -3.23 -4.83 9.54
CA GLN A 100 -4.33 -4.31 8.74
C GLN A 100 -3.91 -3.72 7.40
N ALA A 101 -2.61 -3.59 7.09
CA ALA A 101 -2.25 -3.15 5.75
C ALA A 101 -2.70 -4.20 4.73
N GLY A 102 -2.69 -5.49 5.09
CA GLY A 102 -3.12 -6.53 4.15
C GLY A 102 -4.60 -6.36 3.80
N ALA A 103 -5.40 -5.81 4.73
CA ALA A 103 -6.81 -5.61 4.51
C ALA A 103 -7.01 -4.45 3.54
N ALA A 104 -6.13 -3.45 3.60
CA ALA A 104 -6.23 -2.28 2.75
C ALA A 104 -5.76 -2.59 1.33
N ARG A 105 -4.97 -3.65 1.16
CA ARG A 105 -4.51 -4.07 -0.15
C ARG A 105 -5.72 -4.36 -1.03
N ASP A 106 -6.54 -5.30 -0.57
CA ASP A 106 -7.73 -5.72 -1.28
C ASP A 106 -8.75 -4.59 -1.36
N ALA A 107 -8.65 -3.61 -0.44
CA ALA A 107 -9.63 -2.54 -0.35
C ALA A 107 -9.38 -1.40 -1.32
N LEU A 108 -8.12 -1.14 -1.68
CA LEU A 108 -7.76 0.01 -2.51
C LEU A 108 -7.25 -0.40 -3.89
N GLN A 109 -7.29 -1.70 -4.19
CA GLN A 109 -6.86 -2.24 -5.48
C GLN A 109 -7.40 -1.43 -6.66
N GLY A 110 -6.52 -0.66 -7.32
CA GLY A 110 -6.82 0.10 -8.51
C GLY A 110 -7.51 1.45 -8.23
N PHE A 111 -7.02 2.23 -7.25
CA PHE A 111 -7.62 3.52 -6.94
C PHE A 111 -7.51 4.45 -8.15
N LYS A 112 -8.66 4.83 -8.73
CA LYS A 112 -8.70 5.75 -9.86
C LYS A 112 -8.36 7.18 -9.44
N ILE A 113 -7.10 7.40 -9.03
CA ILE A 113 -6.66 8.72 -8.58
C ILE A 113 -6.63 9.71 -9.75
N THR A 114 -6.43 9.20 -10.97
CA THR A 114 -6.37 10.00 -12.19
C THR A 114 -6.87 9.13 -13.35
N GLN A 115 -7.29 9.76 -14.46
CA GLN A 115 -7.92 9.04 -15.56
C GLN A 115 -7.02 7.97 -16.18
N ASN A 116 -5.69 8.13 -16.07
CA ASN A 116 -4.75 7.17 -16.62
C ASN A 116 -3.94 6.46 -15.53
N ASN A 117 -4.40 6.50 -14.27
CA ASN A 117 -3.65 5.93 -13.15
C ASN A 117 -4.60 5.23 -12.18
N ALA A 118 -4.27 3.98 -11.84
CA ALA A 118 -5.06 3.17 -10.93
C ALA A 118 -4.15 2.56 -9.86
N MET A 119 -4.11 3.13 -8.65
CA MET A 119 -3.21 2.69 -7.60
C MET A 119 -3.39 1.21 -7.33
N LYS A 120 -2.48 0.38 -7.85
CA LYS A 120 -2.49 -1.05 -7.60
C LYS A 120 -1.75 -1.35 -6.30
N ILE A 121 -2.43 -2.04 -5.38
CA ILE A 121 -1.87 -2.37 -4.08
C ILE A 121 -1.26 -3.77 -4.09
N SER A 122 -0.10 -3.92 -3.46
CA SER A 122 0.59 -5.21 -3.36
C SER A 122 1.42 -5.22 -2.09
N PHE A 123 1.88 -6.40 -1.66
CA PHE A 123 2.81 -6.47 -0.54
C PHE A 123 4.18 -6.01 -1.01
N ALA A 124 4.79 -5.09 -0.26
CA ALA A 124 6.13 -4.63 -0.54
C ALA A 124 7.15 -5.71 -0.18
N LYS A 125 8.41 -5.53 -0.57
CA LYS A 125 9.46 -6.43 -0.15
C LYS A 125 10.29 -5.76 0.95
N LYS A 126 10.35 -6.40 2.12
CA LYS A 126 11.09 -5.90 3.27
C LYS A 126 12.60 -6.07 3.08
N LEU A 34 23.06 -27.21 3.61
CA LEU A 34 22.89 -25.75 3.75
C LEU A 34 21.68 -25.42 4.60
N MET A 35 21.61 -24.19 5.11
CA MET A 35 20.51 -23.74 5.95
C MET A 35 20.34 -22.23 5.80
N PRO A 36 19.19 -21.76 5.29
CA PRO A 36 18.90 -20.35 5.12
C PRO A 36 18.53 -19.68 6.44
N GLY A 37 18.40 -20.46 7.52
CA GLY A 37 18.03 -19.94 8.83
C GLY A 37 16.53 -19.65 8.89
N GLN A 38 16.12 -18.82 9.85
CA GLN A 38 14.73 -18.43 10.01
C GLN A 38 14.32 -17.48 8.89
N MET A 39 13.82 -18.05 7.78
CA MET A 39 13.36 -17.29 6.63
C MET A 39 12.17 -16.40 7.01
N PRO A 40 11.98 -15.27 6.31
CA PRO A 40 10.87 -14.36 6.51
C PRO A 40 9.56 -15.00 6.07
N PRO A 41 8.42 -14.42 6.45
CA PRO A 41 7.09 -14.89 6.07
C PRO A 41 6.93 -14.95 4.56
N ALA A 42 5.96 -15.75 4.10
CA ALA A 42 5.66 -15.89 2.68
C ALA A 42 4.23 -16.39 2.49
N GLN A 43 3.69 -16.18 1.28
CA GLN A 43 2.36 -16.62 0.93
C GLN A 43 2.19 -16.64 -0.59
N PRO A 44 1.32 -17.50 -1.11
CA PRO A 44 1.07 -17.62 -2.54
C PRO A 44 0.30 -16.41 -3.08
N LEU A 45 -0.24 -15.58 -2.18
CA LEU A 45 -1.00 -14.38 -2.55
C LEU A 45 -0.08 -13.21 -2.91
N SER A 46 1.25 -13.43 -2.88
CA SER A 46 2.21 -12.37 -3.14
C SER A 46 3.48 -12.93 -3.79
N GLU A 47 4.20 -12.07 -4.53
CA GLU A 47 5.46 -12.43 -5.16
C GLU A 47 6.63 -12.10 -4.24
N ASN A 48 6.35 -11.55 -3.06
CA ASN A 48 7.35 -11.08 -2.11
C ASN A 48 7.02 -11.54 -0.69
N PRO A 49 8.03 -11.61 0.19
CA PRO A 49 7.85 -11.83 1.61
C PRO A 49 7.07 -10.65 2.20
N PRO A 50 5.86 -10.88 2.73
CA PRO A 50 5.00 -9.83 3.27
C PRO A 50 5.64 -9.03 4.40
N ASN A 51 5.17 -7.80 4.58
CA ASN A 51 5.56 -6.92 5.67
C ASN A 51 4.46 -5.90 5.97
N HIS A 52 4.69 -5.09 7.00
CA HIS A 52 3.76 -4.10 7.53
C HIS A 52 3.44 -2.97 6.54
N ILE A 53 3.93 -3.04 5.29
CA ILE A 53 3.72 -1.95 4.35
C ILE A 53 3.38 -2.52 2.98
N LEU A 54 2.52 -1.81 2.25
CA LEU A 54 2.09 -2.17 0.92
C LEU A 54 2.91 -1.42 -0.12
N PHE A 55 3.17 -2.07 -1.25
CA PHE A 55 3.78 -1.46 -2.42
C PHE A 55 2.68 -0.98 -3.35
N LEU A 56 2.58 0.34 -3.52
CA LEU A 56 1.64 0.93 -4.45
C LEU A 56 2.29 1.00 -5.82
N THR A 57 1.46 0.95 -6.85
CA THR A 57 1.92 0.92 -8.24
C THR A 57 0.90 1.68 -9.07
N ASN A 58 1.27 2.08 -10.30
CA ASN A 58 0.35 2.75 -11.20
C ASN A 58 -0.17 4.08 -10.62
N LEU A 59 0.70 4.85 -9.95
CA LEU A 59 0.35 6.13 -9.37
C LEU A 59 0.51 7.25 -10.40
N PRO A 60 -0.15 8.41 -10.18
CA PRO A 60 -0.08 9.55 -11.08
C PRO A 60 1.32 10.18 -11.09
N GLU A 61 1.56 11.05 -12.07
CA GLU A 61 2.86 11.71 -12.22
C GLU A 61 3.06 12.85 -11.23
N GLU A 62 2.04 13.18 -10.43
CA GLU A 62 2.07 14.29 -9.50
C GLU A 62 1.90 13.83 -8.06
N THR A 63 2.10 12.53 -7.80
CA THR A 63 1.87 11.98 -6.47
C THR A 63 2.85 12.57 -5.45
N ASN A 64 2.39 12.71 -4.20
CA ASN A 64 3.22 13.16 -3.10
C ASN A 64 2.63 12.65 -1.79
N GLU A 65 3.40 12.76 -0.70
CA GLU A 65 3.04 12.16 0.58
C GLU A 65 1.76 12.78 1.14
N LEU A 66 1.51 14.05 0.83
CA LEU A 66 0.32 14.74 1.33
C LEU A 66 -0.95 14.14 0.73
N MET A 67 -0.96 13.86 -0.57
CA MET A 67 -2.15 13.33 -1.22
C MET A 67 -2.33 11.86 -0.88
N LEU A 68 -1.23 11.11 -0.90
CA LEU A 68 -1.26 9.69 -0.64
C LEU A 68 -1.76 9.44 0.78
N SER A 69 -1.37 10.32 1.69
CA SER A 69 -1.79 10.25 3.08
C SER A 69 -3.30 10.45 3.20
N MET A 70 -3.89 11.39 2.43
CA MET A 70 -5.32 11.65 2.53
C MET A 70 -6.15 10.45 2.09
N LEU A 71 -5.71 9.77 1.03
CA LEU A 71 -6.47 8.68 0.44
C LEU A 71 -6.34 7.39 1.27
N PHE A 72 -5.41 7.37 2.23
CA PHE A 72 -5.33 6.32 3.23
C PHE A 72 -5.84 6.77 4.59
N ASN A 73 -5.80 8.07 4.90
CA ASN A 73 -6.25 8.58 6.18
C ASN A 73 -7.78 8.51 6.28
N GLN A 74 -8.46 8.43 5.14
CA GLN A 74 -9.91 8.33 5.10
C GLN A 74 -10.38 6.89 5.37
N PHE A 75 -9.44 5.94 5.40
CA PHE A 75 -9.77 4.54 5.63
C PHE A 75 -9.88 4.22 7.13
N PRO A 76 -10.51 3.08 7.47
CA PRO A 76 -10.72 2.62 8.84
C PRO A 76 -9.44 2.36 9.62
N GLY A 77 -8.28 2.71 9.04
CA GLY A 77 -6.99 2.49 9.67
C GLY A 77 -5.90 3.20 8.88
N PHE A 78 -5.06 3.96 9.58
CA PHE A 78 -3.91 4.63 8.97
C PHE A 78 -2.84 4.92 10.03
N LYS A 79 -1.56 4.73 9.69
CA LYS A 79 -0.46 5.09 10.56
C LYS A 79 0.49 6.06 9.86
N GLU A 80 1.08 5.64 8.74
CA GLU A 80 2.11 6.45 8.09
C GLU A 80 2.25 6.10 6.61
N VAL A 81 3.10 6.86 5.90
CA VAL A 81 3.35 6.71 4.47
C VAL A 81 4.85 6.74 4.23
N ARG A 82 5.28 6.11 3.13
CA ARG A 82 6.69 5.99 2.76
C ARG A 82 6.84 6.20 1.25
N LEU A 83 7.69 7.13 0.83
CA LEU A 83 7.97 7.37 -0.58
C LEU A 83 9.36 6.90 -0.98
N VAL A 84 9.57 6.71 -2.28
CA VAL A 84 10.85 6.31 -2.84
C VAL A 84 11.21 7.28 -3.97
N PRO A 85 12.43 7.84 -3.97
CA PRO A 85 12.86 8.85 -4.92
C PRO A 85 13.12 8.26 -6.30
N GLY A 86 13.25 9.14 -7.30
CA GLY A 86 13.55 8.77 -8.68
C GLY A 86 12.33 8.23 -9.43
N ARG A 87 11.20 8.06 -8.75
CA ARG A 87 9.98 7.52 -9.34
C ARG A 87 8.75 8.21 -8.76
N HIS A 88 7.61 8.05 -9.44
CA HIS A 88 6.33 8.63 -9.04
C HIS A 88 5.20 7.63 -9.23
N ASP A 89 5.47 6.54 -9.97
CA ASP A 89 4.46 5.53 -10.29
C ASP A 89 4.26 4.55 -9.14
N ILE A 90 5.07 4.68 -8.08
CA ILE A 90 5.04 3.77 -6.94
C ILE A 90 5.19 4.53 -5.63
N ALA A 91 4.76 3.88 -4.54
CA ALA A 91 4.88 4.40 -3.19
C ALA A 91 4.68 3.27 -2.19
N PHE A 92 4.72 3.60 -0.90
CA PHE A 92 4.52 2.64 0.18
C PHE A 92 3.66 3.26 1.27
N VAL A 93 2.83 2.46 1.96
CA VAL A 93 1.93 2.99 2.98
C VAL A 93 1.66 1.98 4.09
N GLU A 94 1.58 2.47 5.34
CA GLU A 94 1.21 1.66 6.49
C GLU A 94 -0.19 2.02 6.97
N PHE A 95 -0.94 0.98 7.34
CA PHE A 95 -2.30 1.12 7.83
C PHE A 95 -2.25 1.23 9.35
N ASP A 96 -3.40 1.17 10.04
CA ASP A 96 -3.48 1.38 11.48
C ASP A 96 -2.38 0.64 12.25
N ASN A 97 -2.04 -0.58 11.81
CA ASN A 97 -0.96 -1.33 12.42
C ASN A 97 -0.35 -2.29 11.41
N GLU A 98 0.62 -3.10 11.86
CA GLU A 98 1.39 -3.96 10.98
C GLU A 98 0.50 -4.96 10.24
N VAL A 99 -0.62 -5.35 10.86
CA VAL A 99 -1.53 -6.36 10.33
C VAL A 99 -2.48 -5.82 9.27
N GLN A 100 -3.17 -4.72 9.60
CA GLN A 100 -4.27 -4.23 8.79
C GLN A 100 -3.87 -3.65 7.44
N ALA A 101 -2.58 -3.53 7.12
CA ALA A 101 -2.24 -3.07 5.77
C ALA A 101 -2.69 -4.12 4.75
N GLY A 102 -2.69 -5.41 5.11
CA GLY A 102 -3.12 -6.44 4.18
C GLY A 102 -4.61 -6.29 3.85
N ALA A 103 -5.39 -5.73 4.78
CA ALA A 103 -6.81 -5.54 4.56
C ALA A 103 -7.03 -4.42 3.56
N ALA A 104 -6.15 -3.41 3.60
CA ALA A 104 -6.26 -2.26 2.71
C ALA A 104 -5.83 -2.63 1.30
N ARG A 105 -5.03 -3.70 1.15
CA ARG A 105 -4.60 -4.17 -0.15
C ARG A 105 -5.81 -4.47 -1.02
N ASP A 106 -6.65 -5.39 -0.53
CA ASP A 106 -7.85 -5.79 -1.25
C ASP A 106 -8.84 -4.62 -1.34
N ALA A 107 -8.72 -3.65 -0.42
CA ALA A 107 -9.67 -2.56 -0.32
C ALA A 107 -9.41 -1.41 -1.28
N LEU A 108 -8.16 -1.21 -1.68
CA LEU A 108 -7.79 -0.06 -2.51
C LEU A 108 -7.29 -0.48 -3.88
N GLN A 109 -7.36 -1.78 -4.19
CA GLN A 109 -6.96 -2.31 -5.48
C GLN A 109 -7.51 -1.48 -6.66
N GLY A 110 -6.61 -0.73 -7.32
CA GLY A 110 -6.93 0.06 -8.50
C GLY A 110 -7.60 1.39 -8.19
N PHE A 111 -7.09 2.17 -7.23
CA PHE A 111 -7.66 3.48 -6.91
C PHE A 111 -7.54 4.40 -8.12
N LYS A 112 -8.66 4.77 -8.72
CA LYS A 112 -8.69 5.68 -9.86
C LYS A 112 -8.34 7.11 -9.44
N ILE A 113 -7.08 7.32 -9.02
CA ILE A 113 -6.63 8.63 -8.55
C ILE A 113 -6.72 9.66 -9.68
N THR A 114 -6.56 9.22 -10.93
CA THR A 114 -6.80 10.06 -12.10
C THR A 114 -7.12 9.17 -13.31
N GLN A 115 -7.40 9.80 -14.46
CA GLN A 115 -7.90 9.11 -15.63
C GLN A 115 -6.90 8.12 -16.25
N ASN A 116 -5.61 8.27 -15.96
CA ASN A 116 -4.57 7.43 -16.56
C ASN A 116 -3.88 6.54 -15.54
N ASN A 117 -4.30 6.56 -14.27
CA ASN A 117 -3.59 5.87 -13.20
C ASN A 117 -4.56 5.23 -12.20
N ALA A 118 -4.31 3.98 -11.86
CA ALA A 118 -5.13 3.21 -10.94
C ALA A 118 -4.25 2.55 -9.88
N MET A 119 -4.13 3.15 -8.69
CA MET A 119 -3.23 2.67 -7.64
C MET A 119 -3.44 1.19 -7.37
N LYS A 120 -2.51 0.36 -7.83
CA LYS A 120 -2.56 -1.07 -7.59
C LYS A 120 -1.81 -1.39 -6.30
N ILE A 121 -2.49 -2.10 -5.40
CA ILE A 121 -1.96 -2.43 -4.08
C ILE A 121 -1.36 -3.82 -4.07
N SER A 122 -0.22 -4.00 -3.41
CA SER A 122 0.42 -5.30 -3.26
C SER A 122 1.28 -5.28 -2.00
N PHE A 123 1.70 -6.45 -1.52
CA PHE A 123 2.63 -6.48 -0.40
C PHE A 123 4.03 -6.09 -0.91
N ALA A 124 4.68 -5.18 -0.19
CA ALA A 124 6.02 -4.75 -0.51
C ALA A 124 7.01 -5.87 -0.20
N LYS A 125 8.29 -5.65 -0.51
CA LYS A 125 9.35 -6.58 -0.15
C LYS A 125 10.21 -5.97 0.95
N LYS A 126 10.30 -6.66 2.10
CA LYS A 126 11.11 -6.23 3.22
C LYS A 126 12.59 -6.42 2.92
N LEU A 34 -7.96 -16.62 4.24
CA LEU A 34 -8.04 -15.61 5.32
C LEU A 34 -6.91 -15.80 6.32
N MET A 35 -6.67 -14.78 7.16
CA MET A 35 -5.63 -14.83 8.18
C MET A 35 -6.00 -15.87 9.25
N PRO A 36 -5.00 -16.46 9.92
CA PRO A 36 -5.21 -17.46 10.96
C PRO A 36 -5.78 -16.85 12.24
N GLY A 37 -5.88 -15.52 12.30
CA GLY A 37 -6.37 -14.81 13.47
C GLY A 37 -6.04 -13.32 13.33
N GLN A 38 -5.87 -12.64 14.47
CA GLN A 38 -5.43 -11.25 14.49
C GLN A 38 -3.95 -11.15 14.09
N MET A 39 -3.31 -12.31 13.82
CA MET A 39 -1.91 -12.37 13.42
C MET A 39 -1.75 -11.79 12.00
N PRO A 40 -0.57 -11.24 11.68
CA PRO A 40 -0.26 -10.72 10.36
C PRO A 40 -0.15 -11.87 9.35
N PRO A 41 -0.29 -11.56 8.05
CA PRO A 41 -0.19 -12.54 6.98
C PRO A 41 1.26 -13.03 6.84
N ALA A 42 1.44 -14.19 6.21
CA ALA A 42 2.76 -14.78 6.01
C ALA A 42 2.82 -15.67 4.76
N GLN A 43 1.71 -15.79 4.03
CA GLN A 43 1.62 -16.65 2.85
C GLN A 43 0.70 -16.04 1.79
N PRO A 44 0.94 -14.77 1.40
CA PRO A 44 0.12 -14.07 0.42
C PRO A 44 0.39 -14.59 -0.99
N LEU A 45 -0.44 -14.16 -1.95
CA LEU A 45 -0.29 -14.54 -3.34
C LEU A 45 0.80 -13.73 -4.05
N SER A 46 1.35 -12.72 -3.36
CA SER A 46 2.38 -11.86 -3.94
C SER A 46 3.70 -12.62 -4.11
N GLU A 47 4.56 -12.13 -5.01
CA GLU A 47 5.85 -12.72 -5.27
C GLU A 47 6.87 -12.38 -4.18
N ASN A 48 6.44 -11.61 -3.18
CA ASN A 48 7.29 -11.17 -2.08
C ASN A 48 6.68 -11.55 -0.72
N PRO A 49 7.51 -11.73 0.30
CA PRO A 49 7.05 -11.96 1.66
C PRO A 49 6.43 -10.66 2.18
N PRO A 50 5.35 -10.76 2.97
CA PRO A 50 4.61 -9.61 3.46
C PRO A 50 5.36 -8.86 4.56
N ASN A 51 4.98 -7.59 4.75
CA ASN A 51 5.48 -6.73 5.81
C ASN A 51 4.42 -5.67 6.14
N HIS A 52 4.74 -4.83 7.13
CA HIS A 52 3.86 -3.79 7.65
C HIS A 52 3.55 -2.70 6.63
N ILE A 53 4.00 -2.84 5.37
CA ILE A 53 3.80 -1.80 4.38
C ILE A 53 3.44 -2.42 3.04
N LEU A 54 2.59 -1.72 2.29
CA LEU A 54 2.16 -2.13 0.95
C LEU A 54 2.97 -1.39 -0.11
N PHE A 55 3.20 -2.05 -1.25
CA PHE A 55 3.81 -1.44 -2.42
C PHE A 55 2.71 -0.91 -3.33
N LEU A 56 2.67 0.40 -3.53
CA LEU A 56 1.73 1.02 -4.45
C LEU A 56 2.37 1.09 -5.83
N THR A 57 1.54 1.07 -6.86
CA THR A 57 1.99 1.04 -8.24
C THR A 57 1.00 1.81 -9.10
N ASN A 58 1.42 2.19 -10.31
CA ASN A 58 0.53 2.85 -11.28
C ASN A 58 -0.01 4.19 -10.76
N LEU A 59 0.68 4.83 -9.81
CA LEU A 59 0.32 6.13 -9.28
C LEU A 59 0.47 7.23 -10.35
N PRO A 60 -0.22 8.37 -10.17
CA PRO A 60 -0.18 9.50 -11.10
C PRO A 60 1.20 10.16 -11.10
N GLU A 61 1.46 11.00 -12.10
CA GLU A 61 2.74 11.69 -12.23
C GLU A 61 2.86 12.88 -11.28
N GLU A 62 1.82 13.15 -10.49
CA GLU A 62 1.80 14.29 -9.56
C GLU A 62 1.64 13.83 -8.10
N THR A 63 1.92 12.56 -7.81
CA THR A 63 1.71 12.04 -6.47
C THR A 63 2.70 12.63 -5.47
N ASN A 64 2.28 12.75 -4.21
CA ASN A 64 3.12 13.19 -3.12
C ASN A 64 2.57 12.67 -1.80
N GLU A 65 3.36 12.76 -0.73
CA GLU A 65 3.02 12.14 0.55
C GLU A 65 1.76 12.75 1.15
N LEU A 66 1.49 14.03 0.85
CA LEU A 66 0.33 14.71 1.39
C LEU A 66 -0.96 14.13 0.82
N MET A 67 -1.00 13.86 -0.49
CA MET A 67 -2.20 13.34 -1.12
C MET A 67 -2.38 11.87 -0.79
N LEU A 68 -1.28 11.13 -0.81
CA LEU A 68 -1.32 9.70 -0.57
C LEU A 68 -1.81 9.44 0.85
N SER A 69 -1.41 10.32 1.77
CA SER A 69 -1.82 10.25 3.15
C SER A 69 -3.33 10.45 3.28
N MET A 70 -3.92 11.39 2.52
CA MET A 70 -5.35 11.65 2.64
C MET A 70 -6.19 10.45 2.20
N LEU A 71 -5.75 9.78 1.13
CA LEU A 71 -6.52 8.69 0.55
C LEU A 71 -6.38 7.39 1.36
N PHE A 72 -5.43 7.36 2.30
CA PHE A 72 -5.34 6.29 3.28
C PHE A 72 -5.83 6.73 4.66
N ASN A 73 -5.78 8.01 4.98
CA ASN A 73 -6.23 8.51 6.27
C ASN A 73 -7.75 8.43 6.38
N GLN A 74 -8.45 8.37 5.24
CA GLN A 74 -9.90 8.27 5.22
C GLN A 74 -10.35 6.82 5.47
N PHE A 75 -9.42 5.87 5.46
CA PHE A 75 -9.74 4.46 5.67
C PHE A 75 -9.83 4.12 7.16
N PRO A 76 -10.47 2.98 7.49
CA PRO A 76 -10.65 2.49 8.84
C PRO A 76 -9.36 2.21 9.61
N GLY A 77 -8.21 2.60 9.04
CA GLY A 77 -6.92 2.38 9.66
C GLY A 77 -5.83 3.12 8.88
N PHE A 78 -4.97 3.84 9.59
CA PHE A 78 -3.84 4.55 9.01
C PHE A 78 -2.75 4.78 10.04
N LYS A 79 -1.49 4.57 9.65
CA LYS A 79 -0.35 4.80 10.53
C LYS A 79 0.64 5.79 9.92
N GLU A 80 1.24 5.43 8.78
CA GLU A 80 2.27 6.25 8.12
C GLU A 80 2.30 6.00 6.62
N VAL A 81 3.10 6.80 5.92
CA VAL A 81 3.34 6.70 4.49
C VAL A 81 4.83 6.79 4.22
N ARG A 82 5.29 6.18 3.13
CA ARG A 82 6.69 6.21 2.73
C ARG A 82 6.81 6.39 1.23
N LEU A 83 7.77 7.20 0.78
CA LEU A 83 8.02 7.45 -0.63
C LEU A 83 9.43 6.99 -1.04
N VAL A 84 9.63 6.80 -2.34
CA VAL A 84 10.91 6.40 -2.90
C VAL A 84 11.27 7.34 -4.04
N PRO A 85 12.48 7.92 -4.03
CA PRO A 85 12.92 8.90 -5.00
C PRO A 85 13.18 8.27 -6.37
N GLY A 86 13.26 9.12 -7.40
CA GLY A 86 13.53 8.69 -8.77
C GLY A 86 12.30 8.06 -9.43
N ARG A 87 11.16 8.02 -8.74
CA ARG A 87 9.92 7.46 -9.25
C ARG A 87 8.73 8.32 -8.83
N HIS A 88 7.58 8.05 -9.45
CA HIS A 88 6.32 8.72 -9.13
C HIS A 88 5.15 7.74 -9.27
N ASP A 89 5.37 6.65 -10.00
CA ASP A 89 4.34 5.64 -10.25
C ASP A 89 4.27 4.63 -9.10
N ILE A 90 5.13 4.76 -8.09
CA ILE A 90 5.12 3.86 -6.95
C ILE A 90 5.28 4.62 -5.63
N ALA A 91 4.86 3.98 -4.54
CA ALA A 91 4.97 4.50 -3.20
C ALA A 91 4.75 3.37 -2.21
N PHE A 92 4.76 3.68 -0.91
CA PHE A 92 4.54 2.68 0.14
C PHE A 92 3.67 3.30 1.24
N VAL A 93 2.84 2.49 1.90
CA VAL A 93 1.93 2.99 2.93
C VAL A 93 1.67 1.96 4.02
N GLU A 94 1.61 2.43 5.28
CA GLU A 94 1.25 1.60 6.42
C GLU A 94 -0.15 1.94 6.90
N PHE A 95 -0.92 0.89 7.19
CA PHE A 95 -2.27 1.02 7.68
C PHE A 95 -2.19 1.08 9.21
N ASP A 96 -3.32 1.02 9.92
CA ASP A 96 -3.36 1.17 11.38
C ASP A 96 -2.20 0.43 12.07
N ASN A 97 -1.87 -0.78 11.58
CA ASN A 97 -0.71 -1.51 12.06
C ASN A 97 -0.28 -2.53 11.01
N GLU A 98 0.79 -3.28 11.32
CA GLU A 98 1.39 -4.21 10.38
C GLU A 98 0.41 -5.29 9.89
N VAL A 99 -0.66 -5.55 10.65
CA VAL A 99 -1.63 -6.56 10.27
C VAL A 99 -2.62 -6.03 9.23
N GLN A 100 -3.21 -4.87 9.52
CA GLN A 100 -4.33 -4.35 8.75
C GLN A 100 -3.92 -3.77 7.40
N ALA A 101 -2.62 -3.63 7.09
CA ALA A 101 -2.28 -3.19 5.75
C ALA A 101 -2.70 -4.24 4.73
N GLY A 102 -2.70 -5.52 5.09
CA GLY A 102 -3.12 -6.56 4.16
C GLY A 102 -4.61 -6.39 3.80
N ALA A 103 -5.39 -5.84 4.72
CA ALA A 103 -6.82 -5.63 4.49
C ALA A 103 -7.02 -4.49 3.50
N ALA A 104 -6.15 -3.47 3.57
CA ALA A 104 -6.24 -2.32 2.70
C ALA A 104 -5.80 -2.65 1.29
N ARG A 105 -5.00 -3.72 1.13
CA ARG A 105 -4.53 -4.18 -0.15
C ARG A 105 -5.73 -4.47 -1.05
N ASP A 106 -6.56 -5.42 -0.61
CA ASP A 106 -7.76 -5.80 -1.34
C ASP A 106 -8.75 -4.66 -1.42
N ALA A 107 -8.67 -3.70 -0.48
CA ALA A 107 -9.64 -2.62 -0.38
C ALA A 107 -9.38 -1.45 -1.34
N LEU A 108 -8.12 -1.22 -1.72
CA LEU A 108 -7.77 -0.06 -2.54
C LEU A 108 -7.25 -0.48 -3.91
N GLN A 109 -7.30 -1.77 -4.22
CA GLN A 109 -6.87 -2.31 -5.50
C GLN A 109 -7.33 -1.45 -6.68
N GLY A 110 -6.39 -0.72 -7.28
CA GLY A 110 -6.60 0.10 -8.47
C GLY A 110 -7.34 1.41 -8.19
N PHE A 111 -6.91 2.20 -7.19
CA PHE A 111 -7.53 3.49 -6.88
C PHE A 111 -7.43 4.40 -8.09
N LYS A 112 -8.57 4.75 -8.71
CA LYS A 112 -8.61 5.66 -9.86
C LYS A 112 -8.32 7.09 -9.44
N ILE A 113 -7.08 7.35 -9.01
CA ILE A 113 -6.66 8.67 -8.57
C ILE A 113 -6.65 9.65 -9.74
N THR A 114 -6.44 9.14 -10.97
CA THR A 114 -6.39 9.94 -12.19
C THR A 114 -6.91 9.08 -13.34
N GLN A 115 -7.39 9.69 -14.42
CA GLN A 115 -8.01 8.96 -15.51
C GLN A 115 -7.03 8.02 -16.21
N ASN A 116 -5.72 8.20 -16.02
CA ASN A 116 -4.70 7.37 -16.64
C ASN A 116 -3.92 6.56 -15.60
N ASN A 117 -4.34 6.59 -14.33
CA ASN A 117 -3.57 5.99 -13.24
C ASN A 117 -4.50 5.35 -12.21
N ALA A 118 -4.25 4.07 -11.88
CA ALA A 118 -5.05 3.34 -10.92
C ALA A 118 -4.12 2.66 -9.90
N MET A 119 -4.03 3.21 -8.68
CA MET A 119 -3.12 2.74 -7.65
C MET A 119 -3.29 1.26 -7.38
N LYS A 120 -2.35 0.45 -7.86
CA LYS A 120 -2.34 -0.98 -7.53
C LYS A 120 -1.84 -1.15 -6.11
N ILE A 121 -2.37 -2.12 -5.37
CA ILE A 121 -1.89 -2.43 -4.03
C ILE A 121 -1.35 -3.84 -3.99
N SER A 122 -0.19 -4.03 -3.35
CA SER A 122 0.44 -5.34 -3.22
C SER A 122 1.31 -5.33 -1.96
N PHE A 123 1.71 -6.50 -1.48
CA PHE A 123 2.66 -6.57 -0.38
C PHE A 123 4.03 -6.15 -0.90
N ALA A 124 4.68 -5.24 -0.17
CA ALA A 124 6.02 -4.78 -0.52
C ALA A 124 7.05 -5.86 -0.24
N LYS A 125 8.32 -5.60 -0.59
CA LYS A 125 9.41 -6.53 -0.35
C LYS A 125 10.31 -5.92 0.74
N LYS A 126 10.29 -6.53 1.93
CA LYS A 126 11.08 -6.09 3.07
C LYS A 126 12.58 -6.35 2.87
N LEU A 34 -1.48 -19.49 20.20
CA LEU A 34 -0.52 -20.37 19.50
C LEU A 34 0.44 -19.53 18.67
N MET A 35 -0.07 -18.87 17.63
CA MET A 35 0.74 -18.01 16.77
C MET A 35 1.15 -16.74 17.54
N PRO A 36 2.27 -16.11 17.15
CA PRO A 36 2.73 -14.86 17.73
C PRO A 36 1.74 -13.74 17.47
N GLY A 37 1.74 -12.71 18.32
CA GLY A 37 0.83 -11.58 18.21
C GLY A 37 1.27 -10.60 17.15
N GLN A 38 0.30 -9.82 16.63
CA GLN A 38 0.51 -8.82 15.59
C GLN A 38 1.26 -9.37 14.36
N MET A 39 1.25 -10.70 14.17
CA MET A 39 1.95 -11.31 13.06
C MET A 39 1.32 -10.90 11.72
N PRO A 40 2.14 -10.78 10.67
CA PRO A 40 1.70 -10.35 9.35
C PRO A 40 0.89 -11.45 8.66
N PRO A 41 0.15 -11.10 7.60
CA PRO A 41 -0.61 -12.05 6.79
C PRO A 41 0.25 -13.17 6.24
N ALA A 42 -0.39 -14.24 5.76
CA ALA A 42 0.31 -15.35 5.14
C ALA A 42 1.02 -14.91 3.88
N GLN A 43 1.87 -15.80 3.36
CA GLN A 43 2.59 -15.56 2.12
C GLN A 43 1.59 -15.31 0.98
N PRO A 44 1.66 -14.14 0.33
CA PRO A 44 0.79 -13.79 -0.79
C PRO A 44 1.20 -14.54 -2.06
N LEU A 45 0.41 -14.39 -3.13
CA LEU A 45 0.70 -15.02 -4.42
C LEU A 45 1.93 -14.37 -5.07
N SER A 46 2.35 -13.21 -4.56
CA SER A 46 3.54 -12.52 -5.03
C SER A 46 4.79 -13.30 -4.61
N GLU A 47 5.90 -13.09 -5.31
CA GLU A 47 7.16 -13.74 -4.99
C GLU A 47 7.85 -13.06 -3.78
N ASN A 48 7.22 -12.01 -3.23
CA ASN A 48 7.78 -11.28 -2.10
C ASN A 48 7.16 -11.74 -0.79
N PRO A 49 7.94 -11.68 0.32
CA PRO A 49 7.45 -11.88 1.66
C PRO A 49 6.65 -10.64 2.07
N PRO A 50 5.54 -10.81 2.82
CA PRO A 50 4.72 -9.70 3.27
C PRO A 50 5.36 -8.97 4.45
N ASN A 51 4.97 -7.71 4.66
CA ASN A 51 5.40 -6.91 5.79
C ASN A 51 4.36 -5.84 6.13
N HIS A 52 4.67 -5.00 7.12
CA HIS A 52 3.82 -3.97 7.66
C HIS A 52 3.49 -2.86 6.66
N ILE A 53 3.91 -2.98 5.39
CA ILE A 53 3.72 -1.92 4.42
C ILE A 53 3.35 -2.52 3.07
N LEU A 54 2.52 -1.80 2.32
CA LEU A 54 2.11 -2.17 0.98
C LEU A 54 2.94 -1.42 -0.07
N PHE A 55 3.18 -2.07 -1.20
CA PHE A 55 3.80 -1.44 -2.36
C PHE A 55 2.71 -0.94 -3.29
N LEU A 56 2.63 0.38 -3.46
CA LEU A 56 1.69 0.97 -4.40
C LEU A 56 2.34 1.02 -5.77
N THR A 57 1.52 0.92 -6.80
CA THR A 57 1.97 0.88 -8.19
C THR A 57 0.97 1.62 -9.04
N ASN A 58 1.34 2.00 -10.26
CA ASN A 58 0.42 2.63 -11.20
C ASN A 58 -0.10 3.99 -10.70
N LEU A 59 0.63 4.62 -9.77
CA LEU A 59 0.30 5.94 -9.25
C LEU A 59 0.43 7.02 -10.33
N PRO A 60 -0.23 8.17 -10.16
CA PRO A 60 -0.21 9.27 -11.11
C PRO A 60 1.15 9.96 -11.16
N GLU A 61 1.38 10.75 -12.21
CA GLU A 61 2.62 11.49 -12.39
C GLU A 61 2.70 12.72 -11.47
N GLU A 62 1.68 12.96 -10.63
CA GLU A 62 1.65 14.09 -9.73
C GLU A 62 1.57 13.67 -8.27
N THR A 63 1.89 12.40 -7.96
CA THR A 63 1.71 11.90 -6.60
C THR A 63 2.70 12.54 -5.63
N ASN A 64 2.27 12.69 -4.37
CA ASN A 64 3.12 13.16 -3.28
C ASN A 64 2.54 12.69 -1.95
N GLU A 65 3.30 12.82 -0.86
CA GLU A 65 2.92 12.26 0.42
C GLU A 65 1.65 12.91 0.96
N LEU A 66 1.40 14.17 0.60
CA LEU A 66 0.22 14.88 1.06
C LEU A 66 -1.04 14.24 0.51
N MET A 67 -1.07 13.92 -0.78
CA MET A 67 -2.25 13.34 -1.40
C MET A 67 -2.39 11.88 -0.99
N LEU A 68 -1.27 11.15 -0.99
CA LEU A 68 -1.30 9.72 -0.71
C LEU A 68 -1.78 9.48 0.72
N SER A 69 -1.37 10.34 1.64
CA SER A 69 -1.77 10.21 3.03
C SER A 69 -3.27 10.47 3.19
N MET A 70 -3.85 11.40 2.41
CA MET A 70 -5.28 11.70 2.54
C MET A 70 -6.13 10.50 2.12
N LEU A 71 -5.72 9.82 1.06
CA LEU A 71 -6.49 8.71 0.50
C LEU A 71 -6.33 7.44 1.31
N PHE A 72 -5.38 7.43 2.25
CA PHE A 72 -5.26 6.36 3.24
C PHE A 72 -5.74 6.80 4.62
N ASN A 73 -5.69 8.10 4.94
CA ASN A 73 -6.14 8.59 6.24
C ASN A 73 -7.68 8.54 6.35
N GLN A 74 -8.36 8.49 5.20
CA GLN A 74 -9.82 8.40 5.18
C GLN A 74 -10.29 6.97 5.45
N PHE A 75 -9.37 6.00 5.48
CA PHE A 75 -9.69 4.61 5.74
C PHE A 75 -9.76 4.34 7.24
N PRO A 76 -10.45 3.26 7.66
CA PRO A 76 -10.63 2.86 9.04
C PRO A 76 -9.33 2.42 9.72
N GLY A 77 -8.18 2.73 9.12
CA GLY A 77 -6.88 2.41 9.67
C GLY A 77 -5.79 3.13 8.89
N PHE A 78 -4.93 3.87 9.60
CA PHE A 78 -3.79 4.55 9.01
C PHE A 78 -2.72 4.79 10.06
N LYS A 79 -1.45 4.57 9.70
CA LYS A 79 -0.33 4.89 10.59
C LYS A 79 0.66 5.85 9.93
N GLU A 80 1.19 5.49 8.76
CA GLU A 80 2.25 6.26 8.14
C GLU A 80 2.34 6.00 6.63
N VAL A 81 3.20 6.75 5.94
CA VAL A 81 3.42 6.66 4.51
C VAL A 81 4.92 6.70 4.23
N ARG A 82 5.33 6.08 3.12
CA ARG A 82 6.73 5.99 2.72
C ARG A 82 6.86 6.25 1.22
N LEU A 83 7.68 7.22 0.84
CA LEU A 83 7.98 7.53 -0.56
C LEU A 83 9.38 7.09 -0.93
N VAL A 84 9.62 6.96 -2.25
CA VAL A 84 10.91 6.56 -2.80
C VAL A 84 11.32 7.56 -3.88
N PRO A 85 12.54 8.11 -3.82
CA PRO A 85 13.06 9.06 -4.80
C PRO A 85 13.13 8.49 -6.21
N GLY A 86 13.17 9.37 -7.21
CA GLY A 86 13.30 8.98 -8.60
C GLY A 86 12.04 8.30 -9.14
N ARG A 87 10.93 8.36 -8.40
CA ARG A 87 9.71 7.66 -8.74
C ARG A 87 8.48 8.55 -8.54
N HIS A 88 7.38 8.14 -9.15
CA HIS A 88 6.07 8.78 -9.03
C HIS A 88 4.95 7.76 -9.23
N ASP A 89 5.28 6.63 -9.89
CA ASP A 89 4.30 5.59 -10.20
C ASP A 89 4.27 4.52 -9.11
N ILE A 90 5.12 4.64 -8.08
CA ILE A 90 5.17 3.70 -6.98
C ILE A 90 5.39 4.42 -5.66
N ALA A 91 4.94 3.80 -4.57
CA ALA A 91 5.07 4.34 -3.21
C ALA A 91 4.84 3.22 -2.20
N PHE A 92 4.86 3.56 -0.92
CA PHE A 92 4.63 2.60 0.16
C PHE A 92 3.76 3.23 1.24
N VAL A 93 2.92 2.45 1.93
CA VAL A 93 2.01 2.98 2.94
C VAL A 93 1.72 1.95 4.03
N GLU A 94 1.63 2.43 5.28
CA GLU A 94 1.24 1.61 6.42
C GLU A 94 -0.15 1.96 6.89
N PHE A 95 -0.91 0.92 7.22
CA PHE A 95 -2.28 1.06 7.68
C PHE A 95 -2.24 1.20 9.21
N ASP A 96 -3.38 1.05 9.90
CA ASP A 96 -3.47 1.21 11.35
C ASP A 96 -2.28 0.54 12.06
N ASN A 97 -1.89 -0.65 11.61
CA ASN A 97 -0.72 -1.34 12.11
C ASN A 97 -0.22 -2.35 11.08
N GLU A 98 0.83 -3.08 11.43
CA GLU A 98 1.49 -4.02 10.54
C GLU A 98 0.55 -5.14 10.06
N VAL A 99 -0.54 -5.40 10.78
CA VAL A 99 -1.48 -6.44 10.41
C VAL A 99 -2.47 -5.95 9.35
N GLN A 100 -3.12 -4.83 9.62
CA GLN A 100 -4.24 -4.35 8.82
C GLN A 100 -3.86 -3.78 7.46
N ALA A 101 -2.57 -3.64 7.12
CA ALA A 101 -2.26 -3.18 5.78
C ALA A 101 -2.70 -4.22 4.75
N GLY A 102 -2.72 -5.51 5.11
CA GLY A 102 -3.15 -6.54 4.18
C GLY A 102 -4.63 -6.38 3.83
N ALA A 103 -5.42 -5.82 4.77
CA ALA A 103 -6.84 -5.60 4.55
C ALA A 103 -7.03 -4.45 3.58
N ALA A 104 -6.16 -3.45 3.66
CA ALA A 104 -6.25 -2.27 2.82
C ALA A 104 -5.82 -2.57 1.38
N ARG A 105 -5.02 -3.63 1.21
CA ARG A 105 -4.58 -4.05 -0.12
C ARG A 105 -5.80 -4.34 -0.98
N ASP A 106 -6.61 -5.28 -0.50
CA ASP A 106 -7.82 -5.69 -1.21
C ASP A 106 -8.83 -4.56 -1.27
N ALA A 107 -8.73 -3.59 -0.36
CA ALA A 107 -9.69 -2.50 -0.25
C ALA A 107 -9.44 -1.35 -1.22
N LEU A 108 -8.18 -1.12 -1.64
CA LEU A 108 -7.83 0.02 -2.47
C LEU A 108 -7.33 -0.39 -3.84
N GLN A 109 -7.38 -1.69 -4.15
CA GLN A 109 -6.96 -2.22 -5.45
C GLN A 109 -7.51 -1.39 -6.62
N GLY A 110 -6.62 -0.65 -7.29
CA GLY A 110 -6.94 0.14 -8.47
C GLY A 110 -7.59 1.49 -8.16
N PHE A 111 -7.03 2.28 -7.25
CA PHE A 111 -7.58 3.59 -6.94
C PHE A 111 -7.45 4.51 -8.15
N LYS A 112 -8.58 4.90 -8.77
CA LYS A 112 -8.61 5.81 -9.91
C LYS A 112 -8.25 7.24 -9.50
N ILE A 113 -7.01 7.45 -9.08
CA ILE A 113 -6.55 8.75 -8.62
C ILE A 113 -6.46 9.75 -9.77
N THR A 114 -6.26 9.25 -11.00
CA THR A 114 -6.16 10.06 -12.20
C THR A 114 -6.73 9.28 -13.38
N GLN A 115 -7.17 9.95 -14.43
CA GLN A 115 -7.85 9.30 -15.54
C GLN A 115 -6.97 8.28 -16.26
N ASN A 116 -5.64 8.37 -16.09
CA ASN A 116 -4.70 7.46 -16.73
C ASN A 116 -3.96 6.58 -15.72
N ASN A 117 -4.38 6.59 -14.44
CA ASN A 117 -3.64 5.92 -13.39
C ASN A 117 -4.59 5.30 -12.35
N ALA A 118 -4.35 4.04 -12.02
CA ALA A 118 -5.17 3.31 -11.05
C ALA A 118 -4.27 2.61 -10.02
N MET A 119 -4.10 3.20 -8.84
CA MET A 119 -3.18 2.68 -7.82
C MET A 119 -3.42 1.20 -7.54
N LYS A 120 -2.50 0.33 -7.99
CA LYS A 120 -2.56 -1.07 -7.59
C LYS A 120 -1.95 -1.20 -6.20
N ILE A 121 -2.52 -2.06 -5.36
CA ILE A 121 -1.99 -2.34 -4.03
C ILE A 121 -1.38 -3.73 -4.02
N SER A 122 -0.22 -3.89 -3.39
CA SER A 122 0.48 -5.17 -3.31
C SER A 122 1.30 -5.22 -2.03
N PHE A 123 1.75 -6.40 -1.64
CA PHE A 123 2.66 -6.50 -0.51
C PHE A 123 4.06 -6.08 -0.95
N ALA A 124 4.67 -5.17 -0.19
CA ALA A 124 6.03 -4.75 -0.44
C ALA A 124 7.00 -5.86 0.00
N LYS A 125 8.28 -5.71 -0.34
CA LYS A 125 9.30 -6.62 0.17
C LYS A 125 10.06 -5.92 1.29
N LYS A 126 10.27 -6.63 2.40
CA LYS A 126 10.99 -6.10 3.55
C LYS A 126 12.50 -6.09 3.27
N LEU A 34 -13.53 -17.06 14.73
CA LEU A 34 -12.82 -18.11 15.48
C LEU A 34 -11.34 -17.74 15.64
N MET A 35 -10.59 -17.71 14.53
CA MET A 35 -9.17 -17.36 14.56
C MET A 35 -9.01 -15.89 14.94
N PRO A 36 -8.08 -15.57 15.85
CA PRO A 36 -7.83 -14.21 16.30
C PRO A 36 -7.15 -13.39 15.20
N GLY A 37 -7.28 -12.06 15.27
CA GLY A 37 -6.69 -11.15 14.30
C GLY A 37 -5.23 -10.80 14.61
N GLN A 38 -4.67 -11.37 15.68
CA GLN A 38 -3.27 -11.13 16.02
C GLN A 38 -2.34 -11.88 15.05
N MET A 39 -2.91 -12.62 14.11
CA MET A 39 -2.16 -13.36 13.11
C MET A 39 -1.49 -12.41 12.13
N PRO A 40 -0.32 -12.80 11.58
CA PRO A 40 0.41 -12.04 10.58
C PRO A 40 -0.35 -12.00 9.25
N PRO A 41 -0.01 -11.05 8.37
CA PRO A 41 -0.62 -10.91 7.06
C PRO A 41 -0.31 -12.13 6.18
N ALA A 42 -1.20 -12.43 5.24
CA ALA A 42 -1.02 -13.52 4.30
C ALA A 42 0.01 -13.15 3.23
N GLN A 43 0.58 -14.15 2.56
CA GLN A 43 1.55 -13.93 1.51
C GLN A 43 0.84 -13.52 0.21
N PRO A 44 1.49 -12.69 -0.62
CA PRO A 44 1.00 -12.31 -1.93
C PRO A 44 1.12 -13.48 -2.91
N LEU A 45 0.60 -13.29 -4.13
CA LEU A 45 0.75 -14.29 -5.18
C LEU A 45 2.21 -14.33 -5.65
N SER A 46 2.95 -13.23 -5.46
CA SER A 46 4.36 -13.13 -5.78
C SER A 46 5.20 -13.87 -4.73
N GLU A 47 6.49 -14.05 -5.02
CA GLU A 47 7.41 -14.72 -4.12
C GLU A 47 7.83 -13.83 -2.94
N ASN A 48 7.33 -12.59 -2.88
CA ASN A 48 7.72 -11.66 -1.84
C ASN A 48 7.11 -12.05 -0.49
N PRO A 49 7.89 -11.90 0.60
CA PRO A 49 7.39 -12.03 1.95
C PRO A 49 6.64 -10.74 2.31
N PRO A 50 5.47 -10.83 2.95
CA PRO A 50 4.68 -9.67 3.32
C PRO A 50 5.29 -8.93 4.52
N ASN A 51 4.93 -7.67 4.68
CA ASN A 51 5.36 -6.84 5.80
C ASN A 51 4.32 -5.79 6.12
N HIS A 52 4.62 -4.97 7.14
CA HIS A 52 3.75 -3.92 7.66
C HIS A 52 3.45 -2.82 6.66
N ILE A 53 3.88 -2.95 5.41
CA ILE A 53 3.69 -1.90 4.42
C ILE A 53 3.32 -2.52 3.07
N LEU A 54 2.51 -1.78 2.32
CA LEU A 54 2.07 -2.17 0.99
C LEU A 54 2.91 -1.46 -0.08
N PHE A 55 3.09 -2.12 -1.22
CA PHE A 55 3.71 -1.52 -2.39
C PHE A 55 2.61 -0.99 -3.29
N LEU A 56 2.62 0.32 -3.54
CA LEU A 56 1.69 0.94 -4.45
C LEU A 56 2.33 1.00 -5.83
N THR A 57 1.50 0.99 -6.86
CA THR A 57 1.96 0.95 -8.25
C THR A 57 0.94 1.70 -9.10
N ASN A 58 1.32 2.09 -10.32
CA ASN A 58 0.40 2.73 -11.24
C ASN A 58 -0.11 4.08 -10.73
N LEU A 59 0.64 4.73 -9.84
CA LEU A 59 0.30 6.04 -9.30
C LEU A 59 0.45 7.14 -10.37
N PRO A 60 -0.20 8.29 -10.20
CA PRO A 60 -0.16 9.40 -11.13
C PRO A 60 1.22 10.05 -11.20
N GLU A 61 1.44 10.90 -12.21
CA GLU A 61 2.71 11.57 -12.42
C GLU A 61 2.92 12.73 -11.45
N GLU A 62 1.90 13.06 -10.64
CA GLU A 62 1.96 14.20 -9.73
C GLU A 62 1.79 13.76 -8.27
N THR A 63 2.04 12.49 -7.96
CA THR A 63 1.83 11.98 -6.60
C THR A 63 2.83 12.60 -5.63
N ASN A 64 2.41 12.77 -4.38
CA ASN A 64 3.26 13.25 -3.29
C ASN A 64 2.70 12.75 -1.97
N GLU A 65 3.49 12.89 -0.90
CA GLU A 65 3.19 12.26 0.38
C GLU A 65 1.90 12.83 0.97
N LEU A 66 1.59 14.10 0.67
CA LEU A 66 0.42 14.76 1.21
C LEU A 66 -0.87 14.19 0.61
N MET A 67 -0.87 13.90 -0.69
CA MET A 67 -2.08 13.37 -1.32
C MET A 67 -2.26 11.91 -0.96
N LEU A 68 -1.15 11.15 -0.95
CA LEU A 68 -1.19 9.73 -0.69
C LEU A 68 -1.68 9.47 0.73
N SER A 69 -1.25 10.34 1.65
CA SER A 69 -1.66 10.21 3.04
C SER A 69 -3.15 10.49 3.21
N MET A 70 -3.73 11.42 2.44
CA MET A 70 -5.15 11.73 2.56
C MET A 70 -6.02 10.56 2.13
N LEU A 71 -5.61 9.86 1.06
CA LEU A 71 -6.39 8.78 0.50
C LEU A 71 -6.26 7.49 1.32
N PHE A 72 -5.31 7.48 2.27
CA PHE A 72 -5.21 6.41 3.25
C PHE A 72 -5.67 6.86 4.64
N ASN A 73 -5.63 8.16 4.95
CA ASN A 73 -6.07 8.66 6.25
C ASN A 73 -7.60 8.62 6.35
N GLN A 74 -8.28 8.55 5.21
CA GLN A 74 -9.74 8.47 5.19
C GLN A 74 -10.21 7.04 5.48
N PHE A 75 -9.29 6.07 5.52
CA PHE A 75 -9.62 4.69 5.79
C PHE A 75 -9.70 4.42 7.29
N PRO A 76 -10.38 3.34 7.69
CA PRO A 76 -10.56 2.94 9.08
C PRO A 76 -9.26 2.50 9.77
N GLY A 77 -8.11 2.81 9.16
CA GLY A 77 -6.82 2.49 9.72
C GLY A 77 -5.71 3.20 8.94
N PHE A 78 -4.84 3.93 9.64
CA PHE A 78 -3.71 4.61 9.03
C PHE A 78 -2.60 4.84 10.06
N LYS A 79 -1.34 4.64 9.66
CA LYS A 79 -0.19 4.90 10.52
C LYS A 79 0.76 5.90 9.86
N GLU A 80 1.28 5.55 8.67
CA GLU A 80 2.31 6.38 8.02
C GLU A 80 2.41 6.06 6.53
N VAL A 81 3.25 6.81 5.82
CA VAL A 81 3.46 6.70 4.39
C VAL A 81 4.96 6.71 4.10
N ARG A 82 5.36 6.08 2.99
CA ARG A 82 6.75 5.95 2.61
C ARG A 82 6.91 6.14 1.10
N LEU A 83 7.63 7.18 0.69
CA LEU A 83 7.91 7.44 -0.72
C LEU A 83 9.30 6.97 -1.10
N VAL A 84 9.52 6.78 -2.41
CA VAL A 84 10.80 6.38 -2.97
C VAL A 84 11.17 7.35 -4.10
N PRO A 85 12.41 7.87 -4.09
CA PRO A 85 12.88 8.84 -5.07
C PRO A 85 13.11 8.21 -6.44
N GLY A 86 13.24 9.07 -7.47
CA GLY A 86 13.49 8.62 -8.83
C GLY A 86 12.24 8.08 -9.52
N ARG A 87 11.09 8.08 -8.83
CA ARG A 87 9.84 7.55 -9.37
C ARG A 87 8.64 8.35 -8.87
N HIS A 88 7.48 8.08 -9.47
CA HIS A 88 6.21 8.70 -9.15
C HIS A 88 5.07 7.70 -9.28
N ASP A 89 5.31 6.61 -10.01
CA ASP A 89 4.32 5.58 -10.29
C ASP A 89 4.26 4.54 -9.17
N ILE A 90 5.11 4.64 -8.16
CA ILE A 90 5.14 3.71 -7.04
C ILE A 90 5.36 4.44 -5.72
N ALA A 91 4.91 3.81 -4.63
CA ALA A 91 5.04 4.33 -3.28
C ALA A 91 4.82 3.19 -2.28
N PHE A 92 4.83 3.51 -0.98
CA PHE A 92 4.60 2.56 0.09
C PHE A 92 3.75 3.21 1.17
N VAL A 93 2.91 2.44 1.86
CA VAL A 93 2.01 2.98 2.89
C VAL A 93 1.74 1.98 4.00
N GLU A 94 1.68 2.45 5.25
CA GLU A 94 1.31 1.63 6.40
C GLU A 94 -0.08 1.98 6.88
N PHE A 95 -0.83 0.94 7.20
CA PHE A 95 -2.18 1.07 7.73
C PHE A 95 -2.09 1.09 9.26
N ASP A 96 -3.22 1.06 9.96
CA ASP A 96 -3.25 1.17 11.42
C ASP A 96 -2.15 0.35 12.10
N ASN A 97 -1.89 -0.86 11.62
CA ASN A 97 -0.79 -1.68 12.11
C ASN A 97 -0.35 -2.67 11.03
N GLU A 98 0.69 -3.46 11.32
CA GLU A 98 1.29 -4.36 10.35
C GLU A 98 0.31 -5.40 9.80
N VAL A 99 -0.77 -5.69 10.53
CA VAL A 99 -1.77 -6.65 10.10
C VAL A 99 -2.74 -6.03 9.10
N GLN A 100 -3.31 -4.88 9.47
CA GLN A 100 -4.41 -4.29 8.73
C GLN A 100 -3.99 -3.66 7.41
N ALA A 101 -2.68 -3.54 7.10
CA ALA A 101 -2.33 -3.08 5.77
C ALA A 101 -2.78 -4.12 4.73
N GLY A 102 -2.78 -5.40 5.07
CA GLY A 102 -3.24 -6.42 4.14
C GLY A 102 -4.72 -6.24 3.82
N ALA A 103 -5.49 -5.69 4.75
CA ALA A 103 -6.91 -5.46 4.55
C ALA A 103 -7.11 -4.32 3.56
N ALA A 104 -6.22 -3.32 3.62
CA ALA A 104 -6.31 -2.16 2.75
C ALA A 104 -5.89 -2.52 1.32
N ARG A 105 -5.12 -3.60 1.17
CA ARG A 105 -4.67 -4.08 -0.12
C ARG A 105 -5.88 -4.35 -1.01
N ASP A 106 -6.72 -5.28 -0.57
CA ASP A 106 -7.94 -5.62 -1.30
C ASP A 106 -8.92 -4.45 -1.32
N ALA A 107 -8.79 -3.50 -0.38
CA ALA A 107 -9.74 -2.40 -0.26
C ALA A 107 -9.47 -1.24 -1.22
N LEU A 108 -8.21 -1.08 -1.65
CA LEU A 108 -7.84 0.06 -2.48
C LEU A 108 -7.35 -0.38 -3.86
N GLN A 109 -7.42 -1.68 -4.15
CA GLN A 109 -7.01 -2.23 -5.43
C GLN A 109 -7.52 -1.39 -6.62
N GLY A 110 -6.60 -0.67 -7.25
CA GLY A 110 -6.88 0.14 -8.44
C GLY A 110 -7.57 1.46 -8.11
N PHE A 111 -7.05 2.25 -7.16
CA PHE A 111 -7.64 3.54 -6.82
C PHE A 111 -7.56 4.46 -8.04
N LYS A 112 -8.72 4.82 -8.62
CA LYS A 112 -8.78 5.73 -9.76
C LYS A 112 -8.42 7.16 -9.35
N ILE A 113 -7.17 7.38 -8.96
CA ILE A 113 -6.70 8.69 -8.51
C ILE A 113 -6.81 9.72 -9.65
N THR A 114 -6.70 9.26 -10.90
CA THR A 114 -6.99 10.10 -12.07
C THR A 114 -7.36 9.20 -13.25
N GLN A 115 -7.66 9.81 -14.40
CA GLN A 115 -8.23 9.11 -15.55
C GLN A 115 -7.30 8.06 -16.15
N ASN A 116 -5.99 8.22 -16.03
CA ASN A 116 -5.03 7.31 -16.64
C ASN A 116 -4.20 6.54 -15.62
N ASN A 117 -4.52 6.65 -14.31
CA ASN A 117 -3.74 5.99 -13.28
C ASN A 117 -4.66 5.39 -12.22
N ALA A 118 -4.42 4.12 -11.89
CA ALA A 118 -5.20 3.38 -10.91
C ALA A 118 -4.28 2.70 -9.91
N MET A 119 -4.15 3.22 -8.68
CA MET A 119 -3.22 2.72 -7.70
C MET A 119 -3.45 1.22 -7.44
N LYS A 120 -2.56 0.35 -7.93
CA LYS A 120 -2.61 -1.05 -7.55
C LYS A 120 -2.01 -1.19 -6.15
N ILE A 121 -2.55 -2.12 -5.35
CA ILE A 121 -2.02 -2.39 -4.02
C ILE A 121 -1.48 -3.83 -3.97
N SER A 122 -0.32 -4.01 -3.35
CA SER A 122 0.31 -5.32 -3.21
C SER A 122 1.16 -5.33 -1.94
N PHE A 123 1.55 -6.50 -1.48
CA PHE A 123 2.48 -6.57 -0.36
C PHE A 123 3.88 -6.20 -0.86
N ALA A 124 4.54 -5.29 -0.13
CA ALA A 124 5.91 -4.91 -0.43
C ALA A 124 6.87 -6.02 -0.01
N LYS A 125 8.16 -5.84 -0.29
CA LYS A 125 9.21 -6.74 0.19
C LYS A 125 10.11 -5.98 1.15
N LYS A 126 10.28 -6.52 2.36
CA LYS A 126 11.11 -5.94 3.40
C LYS A 126 12.59 -6.17 3.11
N LEU A 34 17.52 -8.62 5.55
CA LEU A 34 16.43 -7.63 5.39
C LEU A 34 15.25 -7.96 6.32
N MET A 35 14.56 -9.07 6.05
CA MET A 35 13.48 -9.54 6.90
C MET A 35 14.08 -10.17 8.17
N PRO A 36 13.51 -9.92 9.36
CA PRO A 36 14.01 -10.47 10.61
C PRO A 36 13.77 -11.97 10.66
N GLY A 37 14.71 -12.71 11.26
CA GLY A 37 14.60 -14.14 11.44
C GLY A 37 13.87 -14.47 12.73
N GLN A 38 13.47 -15.74 12.88
CA GLN A 38 12.67 -16.21 14.01
C GLN A 38 11.42 -15.34 14.18
N MET A 39 10.95 -14.72 13.09
CA MET A 39 9.83 -13.80 13.13
C MET A 39 8.98 -13.95 11.86
N PRO A 40 7.73 -14.45 12.00
CA PRO A 40 6.81 -14.60 10.89
C PRO A 40 6.24 -13.25 10.46
N PRO A 41 5.65 -13.17 9.27
CA PRO A 41 4.99 -11.98 8.77
C PRO A 41 3.73 -11.67 9.59
N ALA A 42 3.26 -10.43 9.54
CA ALA A 42 2.10 -9.99 10.30
C ALA A 42 0.78 -10.43 9.67
N GLN A 43 0.86 -11.15 8.54
CA GLN A 43 -0.30 -11.65 7.81
C GLN A 43 0.09 -12.90 7.03
N PRO A 44 -0.88 -13.71 6.57
CA PRO A 44 -0.65 -14.95 5.86
C PRO A 44 0.27 -14.82 4.65
N LEU A 45 0.76 -15.98 4.19
CA LEU A 45 1.68 -16.12 3.08
C LEU A 45 1.08 -15.54 1.79
N SER A 46 1.96 -15.08 0.89
CA SER A 46 1.58 -14.49 -0.39
C SER A 46 2.72 -14.67 -1.38
N GLU A 47 2.50 -14.31 -2.66
CA GLU A 47 3.51 -14.45 -3.70
C GLU A 47 4.71 -13.52 -3.49
N ASN A 48 4.71 -12.76 -2.40
CA ASN A 48 5.82 -11.89 -2.02
C ASN A 48 5.84 -11.84 -0.48
N PRO A 49 7.02 -11.78 0.15
CA PRO A 49 7.14 -11.80 1.60
C PRO A 49 6.48 -10.57 2.20
N PRO A 50 5.34 -10.72 2.91
CA PRO A 50 4.58 -9.61 3.46
C PRO A 50 5.35 -8.84 4.55
N ASN A 51 4.93 -7.58 4.75
CA ASN A 51 5.44 -6.74 5.82
C ASN A 51 4.42 -5.66 6.17
N HIS A 52 4.77 -4.83 7.15
CA HIS A 52 3.92 -3.77 7.69
C HIS A 52 3.59 -2.67 6.68
N ILE A 53 4.00 -2.82 5.41
CA ILE A 53 3.80 -1.76 4.43
C ILE A 53 3.45 -2.38 3.08
N LEU A 54 2.59 -1.69 2.32
CA LEU A 54 2.20 -2.09 1.00
C LEU A 54 3.02 -1.33 -0.05
N PHE A 55 3.24 -1.97 -1.19
CA PHE A 55 3.86 -1.35 -2.35
C PHE A 55 2.75 -0.88 -3.29
N LEU A 56 2.67 0.44 -3.49
CA LEU A 56 1.72 1.01 -4.42
C LEU A 56 2.38 1.08 -5.79
N THR A 57 1.56 1.02 -6.83
CA THR A 57 2.02 0.97 -8.20
C THR A 57 1.02 1.74 -9.07
N ASN A 58 1.42 2.14 -10.28
CA ASN A 58 0.51 2.79 -11.21
C ASN A 58 -0.05 4.10 -10.67
N LEU A 59 0.72 4.82 -9.84
CA LEU A 59 0.34 6.11 -9.28
C LEU A 59 0.50 7.23 -10.31
N PRO A 60 -0.19 8.37 -10.13
CA PRO A 60 -0.15 9.50 -11.04
C PRO A 60 1.23 10.16 -11.10
N GLU A 61 1.44 11.03 -12.09
CA GLU A 61 2.70 11.70 -12.29
C GLU A 61 2.92 12.85 -11.29
N GLU A 62 1.90 13.17 -10.49
CA GLU A 62 1.95 14.28 -9.55
C GLU A 62 1.76 13.82 -8.10
N THR A 63 2.00 12.53 -7.83
CA THR A 63 1.77 12.00 -6.49
C THR A 63 2.74 12.61 -5.48
N ASN A 64 2.31 12.72 -4.23
CA ASN A 64 3.14 13.17 -3.13
C ASN A 64 2.55 12.68 -1.80
N GLU A 65 3.33 12.78 -0.72
CA GLU A 65 2.97 12.19 0.56
C GLU A 65 1.70 12.81 1.12
N LEU A 66 1.44 14.07 0.79
CA LEU A 66 0.27 14.77 1.30
C LEU A 66 -1.01 14.18 0.70
N MET A 67 -1.03 13.88 -0.59
CA MET A 67 -2.21 13.34 -1.23
C MET A 67 -2.37 11.87 -0.87
N LEU A 68 -1.27 11.14 -0.86
CA LEU A 68 -1.30 9.71 -0.61
C LEU A 68 -1.80 9.45 0.80
N SER A 69 -1.41 10.31 1.74
CA SER A 69 -1.84 10.16 3.12
C SER A 69 -3.34 10.42 3.25
N MET A 70 -3.91 11.35 2.48
CA MET A 70 -5.34 11.64 2.58
C MET A 70 -6.18 10.46 2.14
N LEU A 71 -5.74 9.78 1.07
CA LEU A 71 -6.52 8.68 0.49
C LEU A 71 -6.37 7.40 1.30
N PHE A 72 -5.44 7.38 2.26
CA PHE A 72 -5.35 6.32 3.26
C PHE A 72 -5.86 6.76 4.63
N ASN A 73 -5.84 8.06 4.93
CA ASN A 73 -6.33 8.55 6.22
C ASN A 73 -7.85 8.44 6.30
N GLN A 74 -8.52 8.36 5.15
CA GLN A 74 -9.97 8.22 5.10
C GLN A 74 -10.39 6.78 5.38
N PHE A 75 -9.44 5.85 5.45
CA PHE A 75 -9.73 4.44 5.70
C PHE A 75 -9.82 4.18 7.21
N PRO A 76 -10.48 3.08 7.61
CA PRO A 76 -10.67 2.68 8.99
C PRO A 76 -9.37 2.29 9.69
N GLY A 77 -8.23 2.60 9.09
CA GLY A 77 -6.93 2.31 9.66
C GLY A 77 -5.83 3.04 8.88
N PHE A 78 -5.00 3.81 9.58
CA PHE A 78 -3.88 4.51 8.97
C PHE A 78 -2.80 4.79 10.03
N LYS A 79 -1.53 4.63 9.67
CA LYS A 79 -0.43 5.00 10.55
C LYS A 79 0.51 6.02 9.89
N GLU A 80 1.09 5.65 8.75
CA GLU A 80 2.11 6.46 8.12
C GLU A 80 2.26 6.14 6.64
N VAL A 81 3.11 6.89 5.95
CA VAL A 81 3.36 6.76 4.52
C VAL A 81 4.87 6.85 4.25
N ARG A 82 5.32 6.23 3.16
CA ARG A 82 6.71 6.25 2.76
C ARG A 82 6.83 6.42 1.26
N LEU A 83 7.78 7.25 0.82
CA LEU A 83 8.03 7.51 -0.59
C LEU A 83 9.44 7.06 -0.99
N VAL A 84 9.64 6.88 -2.30
CA VAL A 84 10.93 6.48 -2.86
C VAL A 84 11.28 7.42 -4.00
N PRO A 85 12.51 7.96 -4.02
CA PRO A 85 12.96 8.93 -5.00
C PRO A 85 13.17 8.29 -6.38
N GLY A 86 13.28 9.14 -7.40
CA GLY A 86 13.53 8.70 -8.77
C GLY A 86 12.28 8.15 -9.45
N ARG A 87 11.13 8.14 -8.76
CA ARG A 87 9.88 7.63 -9.31
C ARG A 87 8.69 8.44 -8.81
N HIS A 88 7.53 8.19 -9.44
CA HIS A 88 6.27 8.81 -9.08
C HIS A 88 5.13 7.79 -9.23
N ASP A 89 5.37 6.71 -9.96
CA ASP A 89 4.38 5.68 -10.22
C ASP A 89 4.31 4.65 -9.10
N ILE A 90 5.15 4.78 -8.06
CA ILE A 90 5.18 3.85 -6.94
C ILE A 90 5.37 4.59 -5.63
N ALA A 91 4.91 3.97 -4.54
CA ALA A 91 5.01 4.50 -3.19
C ALA A 91 4.79 3.38 -2.18
N PHE A 92 4.78 3.71 -0.90
CA PHE A 92 4.56 2.74 0.17
C PHE A 92 3.69 3.36 1.26
N VAL A 93 2.86 2.54 1.95
CA VAL A 93 1.96 3.05 2.98
C VAL A 93 1.71 2.02 4.07
N GLU A 94 1.65 2.49 5.33
CA GLU A 94 1.27 1.65 6.47
C GLU A 94 -0.14 1.99 6.93
N PHE A 95 -0.88 0.95 7.26
CA PHE A 95 -2.24 1.06 7.73
C PHE A 95 -2.21 1.19 9.25
N ASP A 96 -3.35 1.06 9.95
CA ASP A 96 -3.43 1.22 11.39
C ASP A 96 -2.27 0.53 12.11
N ASN A 97 -1.90 -0.67 11.65
CA ASN A 97 -0.74 -1.38 12.18
C ASN A 97 -0.23 -2.37 11.14
N GLU A 98 0.86 -3.08 11.46
CA GLU A 98 1.52 -3.96 10.53
C GLU A 98 0.61 -5.08 10.01
N VAL A 99 -0.47 -5.40 10.72
CA VAL A 99 -1.40 -6.45 10.32
C VAL A 99 -2.38 -5.95 9.27
N GLN A 100 -3.06 -4.85 9.58
CA GLN A 100 -4.18 -4.37 8.78
C GLN A 100 -3.80 -3.78 7.43
N ALA A 101 -2.51 -3.62 7.10
CA ALA A 101 -2.19 -3.16 5.76
C ALA A 101 -2.62 -4.21 4.72
N GLY A 102 -2.60 -5.50 5.09
CA GLY A 102 -3.03 -6.54 4.15
C GLY A 102 -4.51 -6.40 3.81
N ALA A 103 -5.29 -5.86 4.74
CA ALA A 103 -6.72 -5.66 4.52
C ALA A 103 -6.92 -4.52 3.52
N ALA A 104 -6.06 -3.50 3.60
CA ALA A 104 -6.15 -2.34 2.74
C ALA A 104 -5.70 -2.68 1.32
N ARG A 105 -4.89 -3.73 1.16
CA ARG A 105 -4.44 -4.17 -0.15
C ARG A 105 -5.66 -4.47 -1.03
N ASP A 106 -6.48 -5.41 -0.56
CA ASP A 106 -7.68 -5.80 -1.27
C ASP A 106 -8.69 -4.65 -1.32
N ALA A 107 -8.58 -3.69 -0.41
CA ALA A 107 -9.56 -2.62 -0.30
C ALA A 107 -9.31 -1.46 -1.27
N LEU A 108 -8.07 -1.23 -1.67
CA LEU A 108 -7.72 -0.09 -2.51
C LEU A 108 -7.21 -0.52 -3.89
N GLN A 109 -7.27 -1.81 -4.19
CA GLN A 109 -6.87 -2.34 -5.48
C GLN A 109 -7.40 -1.52 -6.65
N GLY A 110 -6.51 -0.76 -7.30
CA GLY A 110 -6.82 0.01 -8.50
C GLY A 110 -7.55 1.33 -8.17
N PHE A 111 -7.05 2.12 -7.20
CA PHE A 111 -7.66 3.41 -6.87
C PHE A 111 -7.59 4.32 -8.09
N LYS A 112 -8.73 4.69 -8.65
CA LYS A 112 -8.79 5.58 -9.80
C LYS A 112 -8.46 7.03 -9.41
N ILE A 113 -7.21 7.25 -8.99
CA ILE A 113 -6.73 8.57 -8.58
C ILE A 113 -6.79 9.54 -9.76
N THR A 114 -6.61 9.02 -10.98
CA THR A 114 -6.78 9.77 -12.22
C THR A 114 -7.11 8.80 -13.34
N GLN A 115 -7.58 9.31 -14.49
CA GLN A 115 -7.97 8.45 -15.61
C GLN A 115 -6.78 7.76 -16.26
N ASN A 116 -5.56 8.28 -16.04
CA ASN A 116 -4.36 7.74 -16.64
C ASN A 116 -3.61 6.79 -15.71
N ASN A 117 -4.05 6.64 -14.45
CA ASN A 117 -3.34 5.86 -13.45
C ASN A 117 -4.25 5.39 -12.33
N ALA A 118 -4.11 4.12 -11.94
CA ALA A 118 -4.95 3.50 -10.92
C ALA A 118 -4.08 2.80 -9.87
N MET A 119 -4.01 3.34 -8.64
CA MET A 119 -3.12 2.82 -7.61
C MET A 119 -3.37 1.34 -7.39
N LYS A 120 -2.42 0.51 -7.79
CA LYS A 120 -2.48 -0.92 -7.57
C LYS A 120 -1.71 -1.28 -6.29
N ILE A 121 -2.39 -2.01 -5.40
CA ILE A 121 -1.85 -2.34 -4.09
C ILE A 121 -1.22 -3.73 -4.11
N SER A 122 -0.09 -3.90 -3.42
CA SER A 122 0.59 -5.17 -3.30
C SER A 122 1.40 -5.21 -2.01
N PHE A 123 1.79 -6.40 -1.54
CA PHE A 123 2.70 -6.47 -0.41
C PHE A 123 4.09 -6.03 -0.88
N ALA A 124 4.71 -5.11 -0.14
CA ALA A 124 6.06 -4.68 -0.45
C ALA A 124 7.03 -5.82 -0.14
N LYS A 125 8.30 -5.66 -0.52
CA LYS A 125 9.33 -6.62 -0.18
C LYS A 125 10.11 -6.07 1.02
N LYS A 126 10.07 -6.80 2.14
CA LYS A 126 10.79 -6.41 3.35
C LYS A 126 12.30 -6.52 3.12
N LEU A 34 -6.30 -26.35 11.70
CA LEU A 34 -5.69 -27.48 10.97
C LEU A 34 -4.61 -26.97 10.02
N MET A 35 -3.71 -27.85 9.60
CA MET A 35 -2.63 -27.51 8.69
C MET A 35 -3.19 -27.13 7.31
N PRO A 36 -2.95 -25.90 6.85
CA PRO A 36 -3.45 -25.39 5.57
C PRO A 36 -2.66 -25.94 4.38
N GLY A 37 -1.62 -26.75 4.63
CA GLY A 37 -0.77 -27.27 3.58
C GLY A 37 0.57 -26.53 3.52
N GLN A 38 0.99 -25.95 4.65
CA GLN A 38 2.24 -25.19 4.75
C GLN A 38 2.29 -24.03 3.76
N MET A 39 1.13 -23.43 3.47
CA MET A 39 1.03 -22.31 2.54
C MET A 39 1.82 -21.11 3.06
N PRO A 40 2.32 -20.25 2.16
CA PRO A 40 3.07 -19.06 2.50
C PRO A 40 2.18 -18.02 3.17
N PRO A 41 2.79 -17.04 3.86
CA PRO A 41 2.09 -15.95 4.52
C PRO A 41 1.58 -14.90 3.52
N ALA A 42 1.49 -15.29 2.25
CA ALA A 42 1.12 -14.42 1.16
C ALA A 42 0.28 -15.17 0.12
N GLN A 43 -0.15 -14.47 -0.92
CA GLN A 43 -0.98 -15.05 -1.98
C GLN A 43 -0.23 -16.21 -2.67
N PRO A 44 -0.97 -17.15 -3.26
CA PRO A 44 -0.41 -18.27 -4.00
C PRO A 44 0.28 -17.79 -5.27
N LEU A 45 1.01 -18.69 -5.95
CA LEU A 45 1.80 -18.37 -7.12
C LEU A 45 2.80 -17.25 -6.83
N SER A 46 3.17 -17.10 -5.56
CA SER A 46 4.13 -16.09 -5.12
C SER A 46 4.85 -16.57 -3.86
N GLU A 47 5.95 -15.91 -3.50
CA GLU A 47 6.75 -16.27 -2.34
C GLU A 47 7.38 -15.05 -1.69
N ASN A 48 6.94 -13.85 -2.08
CA ASN A 48 7.47 -12.61 -1.53
C ASN A 48 7.14 -12.50 -0.05
N PRO A 49 8.12 -12.09 0.77
CA PRO A 49 7.91 -11.92 2.20
C PRO A 49 7.08 -10.66 2.46
N PRO A 50 5.94 -10.79 3.15
CA PRO A 50 5.06 -9.68 3.47
C PRO A 50 5.63 -8.85 4.61
N ASN A 51 5.15 -7.62 4.75
CA ASN A 51 5.55 -6.74 5.84
C ASN A 51 4.48 -5.71 6.14
N HIS A 52 4.74 -4.86 7.13
CA HIS A 52 3.82 -3.86 7.65
C HIS A 52 3.48 -2.75 6.64
N ILE A 53 3.90 -2.88 5.39
CA ILE A 53 3.68 -1.82 4.41
C ILE A 53 3.32 -2.44 3.06
N LEU A 54 2.50 -1.72 2.31
CA LEU A 54 2.12 -2.10 0.95
C LEU A 54 2.98 -1.35 -0.05
N PHE A 55 3.10 -1.92 -1.25
CA PHE A 55 3.79 -1.31 -2.38
C PHE A 55 2.75 -0.91 -3.40
N LEU A 56 2.62 0.40 -3.63
CA LEU A 56 1.66 0.95 -4.58
C LEU A 56 2.30 1.03 -5.96
N THR A 57 1.46 0.93 -6.98
CA THR A 57 1.86 1.02 -8.38
C THR A 57 0.85 1.83 -9.17
N ASN A 58 1.25 2.21 -10.38
CA ASN A 58 0.43 2.90 -11.34
C ASN A 58 -0.04 4.28 -10.86
N LEU A 59 0.64 4.86 -9.86
CA LEU A 59 0.31 6.18 -9.32
C LEU A 59 0.49 7.29 -10.36
N PRO A 60 -0.17 8.44 -10.16
CA PRO A 60 -0.10 9.58 -11.07
C PRO A 60 1.28 10.21 -11.11
N GLU A 61 1.51 11.08 -12.11
CA GLU A 61 2.80 11.74 -12.30
C GLU A 61 3.03 12.88 -11.30
N GLU A 62 2.02 13.21 -10.50
CA GLU A 62 2.08 14.32 -9.55
C GLU A 62 1.89 13.86 -8.11
N THR A 63 2.09 12.57 -7.83
CA THR A 63 1.84 12.04 -6.50
C THR A 63 2.82 12.61 -5.48
N ASN A 64 2.37 12.77 -4.24
CA ASN A 64 3.21 13.20 -3.13
C ASN A 64 2.61 12.69 -1.82
N GLU A 65 3.38 12.77 -0.73
CA GLU A 65 3.02 12.17 0.53
C GLU A 65 1.75 12.80 1.12
N LEU A 66 1.51 14.08 0.81
CA LEU A 66 0.36 14.79 1.33
C LEU A 66 -0.93 14.23 0.74
N MET A 67 -0.95 13.93 -0.57
CA MET A 67 -2.15 13.43 -1.21
C MET A 67 -2.34 11.96 -0.86
N LEU A 68 -1.24 11.21 -0.86
CA LEU A 68 -1.29 9.78 -0.61
C LEU A 68 -1.80 9.51 0.81
N SER A 69 -1.39 10.37 1.74
CA SER A 69 -1.82 10.22 3.12
C SER A 69 -3.31 10.50 3.25
N MET A 70 -3.88 11.44 2.48
CA MET A 70 -5.30 11.74 2.59
C MET A 70 -6.15 10.56 2.13
N LEU A 71 -5.73 9.88 1.06
CA LEU A 71 -6.51 8.80 0.47
C LEU A 71 -6.37 7.50 1.27
N PHE A 72 -5.44 7.47 2.22
CA PHE A 72 -5.34 6.40 3.20
C PHE A 72 -5.83 6.81 4.59
N ASN A 73 -5.80 8.10 4.92
CA ASN A 73 -6.27 8.59 6.21
C ASN A 73 -7.79 8.50 6.31
N GLN A 74 -8.47 8.45 5.16
CA GLN A 74 -9.93 8.34 5.13
C GLN A 74 -10.37 6.90 5.40
N PHE A 75 -9.42 5.95 5.45
CA PHE A 75 -9.73 4.56 5.71
C PHE A 75 -9.79 4.29 7.21
N PRO A 76 -10.48 3.20 7.62
CA PRO A 76 -10.66 2.81 9.01
C PRO A 76 -9.36 2.37 9.69
N GLY A 77 -8.21 2.66 9.06
CA GLY A 77 -6.91 2.34 9.62
C GLY A 77 -5.82 3.08 8.85
N PHE A 78 -4.97 3.82 9.56
CA PHE A 78 -3.85 4.52 8.96
C PHE A 78 -2.77 4.77 10.02
N LYS A 79 -1.50 4.53 9.67
CA LYS A 79 -0.39 4.82 10.56
C LYS A 79 0.63 5.77 9.93
N GLU A 80 1.14 5.43 8.75
CA GLU A 80 2.22 6.19 8.15
C GLU A 80 2.29 5.95 6.64
N VAL A 81 3.16 6.70 5.95
CA VAL A 81 3.37 6.62 4.51
C VAL A 81 4.87 6.70 4.22
N ARG A 82 5.30 6.11 3.10
CA ARG A 82 6.70 6.17 2.69
C ARG A 82 6.80 6.34 1.18
N LEU A 83 7.74 7.18 0.74
CA LEU A 83 8.00 7.43 -0.68
C LEU A 83 9.40 6.97 -1.08
N VAL A 84 9.61 6.78 -2.38
CA VAL A 84 10.89 6.35 -2.92
C VAL A 84 11.31 7.28 -4.05
N PRO A 85 12.52 7.87 -3.99
CA PRO A 85 13.04 8.81 -4.97
C PRO A 85 13.13 8.22 -6.39
N GLY A 86 13.21 9.12 -7.37
CA GLY A 86 13.39 8.78 -8.79
C GLY A 86 12.13 8.24 -9.44
N ARG A 87 11.10 7.93 -8.65
CA ARG A 87 9.84 7.37 -9.13
C ARG A 87 8.67 8.26 -8.76
N HIS A 88 7.52 7.99 -9.37
CA HIS A 88 6.26 8.70 -9.12
C HIS A 88 5.07 7.75 -9.27
N ASP A 89 5.27 6.67 -10.03
CA ASP A 89 4.25 5.67 -10.29
C ASP A 89 4.18 4.64 -9.16
N ILE A 90 5.02 4.77 -8.13
CA ILE A 90 5.05 3.85 -7.00
C ILE A 90 5.21 4.60 -5.68
N ALA A 91 4.78 3.95 -4.60
CA ALA A 91 4.91 4.46 -3.24
C ALA A 91 4.71 3.32 -2.25
N PHE A 92 4.71 3.62 -0.96
CA PHE A 92 4.49 2.65 0.10
C PHE A 92 3.63 3.27 1.21
N VAL A 93 2.79 2.46 1.87
CA VAL A 93 1.88 2.99 2.90
C VAL A 93 1.60 1.95 3.98
N GLU A 94 1.55 2.42 5.24
CA GLU A 94 1.18 1.60 6.38
C GLU A 94 -0.23 1.95 6.84
N PHE A 95 -0.97 0.89 7.16
CA PHE A 95 -2.34 1.02 7.64
C PHE A 95 -2.27 1.12 9.17
N ASP A 96 -3.41 0.99 9.87
CA ASP A 96 -3.47 1.13 11.33
C ASP A 96 -2.29 0.43 12.02
N ASN A 97 -1.92 -0.76 11.54
CA ASN A 97 -0.75 -1.47 12.04
C ASN A 97 -0.28 -2.48 10.99
N GLU A 98 0.77 -3.24 11.32
CA GLU A 98 1.39 -4.16 10.39
C GLU A 98 0.44 -5.22 9.87
N VAL A 99 -0.64 -5.51 10.60
CA VAL A 99 -1.60 -6.53 10.21
C VAL A 99 -2.59 -6.01 9.18
N GLN A 100 -3.21 -4.87 9.47
CA GLN A 100 -4.33 -4.38 8.69
C GLN A 100 -3.93 -3.77 7.35
N ALA A 101 -2.63 -3.64 7.02
CA ALA A 101 -2.30 -3.19 5.69
C ALA A 101 -2.71 -4.22 4.65
N GLY A 102 -2.73 -5.52 4.99
CA GLY A 102 -3.15 -6.54 4.04
C GLY A 102 -4.63 -6.38 3.71
N ALA A 103 -5.42 -5.85 4.65
CA ALA A 103 -6.84 -5.66 4.43
C ALA A 103 -7.03 -4.47 3.47
N ALA A 104 -6.17 -3.47 3.56
CA ALA A 104 -6.26 -2.29 2.75
C ALA A 104 -5.82 -2.58 1.31
N ARG A 105 -5.03 -3.64 1.11
CA ARG A 105 -4.60 -4.04 -0.21
C ARG A 105 -5.81 -4.34 -1.08
N ASP A 106 -6.65 -5.26 -0.60
CA ASP A 106 -7.87 -5.62 -1.33
C ASP A 106 -8.84 -4.45 -1.37
N ALA A 107 -8.71 -3.51 -0.44
CA ALA A 107 -9.65 -2.41 -0.29
C ALA A 107 -9.40 -1.25 -1.26
N LEU A 108 -8.16 -1.07 -1.71
CA LEU A 108 -7.81 0.07 -2.55
C LEU A 108 -7.31 -0.35 -3.93
N GLN A 109 -7.38 -1.65 -4.24
CA GLN A 109 -6.98 -2.18 -5.52
C GLN A 109 -7.53 -1.36 -6.69
N GLY A 110 -6.64 -0.61 -7.37
CA GLY A 110 -6.96 0.17 -8.55
C GLY A 110 -7.64 1.51 -8.23
N PHE A 111 -7.10 2.29 -7.28
CA PHE A 111 -7.69 3.60 -6.94
C PHE A 111 -7.58 4.51 -8.15
N LYS A 112 -8.73 4.90 -8.73
CA LYS A 112 -8.80 5.81 -9.86
C LYS A 112 -8.43 7.24 -9.44
N ILE A 113 -7.18 7.45 -9.05
CA ILE A 113 -6.75 8.76 -8.58
C ILE A 113 -6.86 9.81 -9.68
N THR A 114 -6.75 9.37 -10.94
CA THR A 114 -7.02 10.22 -12.10
C THR A 114 -7.28 9.32 -13.32
N GLN A 115 -7.59 9.94 -14.47
CA GLN A 115 -8.04 9.23 -15.66
C GLN A 115 -7.00 8.27 -16.23
N ASN A 116 -5.71 8.46 -15.93
CA ASN A 116 -4.65 7.65 -16.50
C ASN A 116 -3.93 6.78 -15.47
N ASN A 117 -4.42 6.76 -14.22
CA ASN A 117 -3.70 6.11 -13.13
C ASN A 117 -4.65 5.40 -12.17
N ALA A 118 -4.34 4.14 -11.85
CA ALA A 118 -5.13 3.31 -10.96
C ALA A 118 -4.22 2.68 -9.90
N MET A 119 -4.15 3.27 -8.70
CA MET A 119 -3.24 2.81 -7.66
C MET A 119 -3.45 1.32 -7.41
N LYS A 120 -2.51 0.49 -7.84
CA LYS A 120 -2.59 -0.95 -7.62
C LYS A 120 -1.84 -1.29 -6.34
N ILE A 121 -2.50 -2.03 -5.44
CA ILE A 121 -1.94 -2.33 -4.13
C ILE A 121 -1.33 -3.73 -4.14
N SER A 122 -0.16 -3.88 -3.50
CA SER A 122 0.54 -5.16 -3.41
C SER A 122 1.33 -5.22 -2.13
N PHE A 123 1.73 -6.42 -1.70
CA PHE A 123 2.63 -6.56 -0.56
C PHE A 123 4.01 -6.09 -0.99
N ALA A 124 4.61 -5.20 -0.19
CA ALA A 124 5.96 -4.74 -0.43
C ALA A 124 6.96 -5.83 -0.04
N LYS A 125 8.25 -5.58 -0.28
CA LYS A 125 9.30 -6.49 0.14
C LYS A 125 10.17 -5.80 1.18
N LYS A 126 10.36 -6.46 2.33
CA LYS A 126 11.18 -5.95 3.41
C LYS A 126 12.66 -6.10 3.10
#